data_7B91
#
_entry.id   7B91
#
_cell.length_a   106.075
_cell.length_b   109.799
_cell.length_c   251.936
_cell.angle_alpha   90.000
_cell.angle_beta   90.000
_cell.angle_gamma   90.000
#
_symmetry.space_group_name_H-M   'P 21 21 21'
#
loop_
_entity.id
_entity.type
_entity.pdbx_description
1 polymer 'Splicing factor 3B subunit 3'
2 polymer 'Splicing factor 3B subunit 5'
3 polymer 'Splicing factor 3B subunit 1'
4 polymer 'PHD finger-like domain-containing protein 5A'
5 non-polymer '[(2~{S},3~{S},4~{E},6~{S},7~{R},10~{R})-3,7-dimethyl-2-[(2~{E},4~{E},6~{R})-6-methyl-6-oxidanyl-7-[(2~{R},3~{R})-3-[(2~{R},3~{S})-3-oxidanylpentan-2-yl]oxiran-2-yl]hepta-2,4-dien-2-yl]-7,10-bis(oxidanyl)-12-oxidanylidene-1-oxacyclododec-4-en-6-yl] ethanoate'
6 non-polymer 'ZINC ION'
7 water water
#
loop_
_entity_poly.entity_id
_entity_poly.type
_entity_poly.pdbx_seq_one_letter_code
_entity_poly.pdbx_strand_id
1 'polypeptide(L)'
;GAEFKGLRRHMFLYNLTLQRATGISFAIHGNFSGTKQQEIVVSRGKILELLRPDPNTGKVHTLLTVEVFGVIRSLMAFRL
TGGTKDYIVVGSDSGRIVILEYQPSKNMFEKIHQETFGKSGCRRIVPGQFLAVDPKGRAVMISAIEKQKLVYILNRDAAA
RLTISSPLEAHKANTLVYHVVGVDVGFENPMFACLEMDYEEADNDPTGEAAANTQQTLTFYELDLGLNHVVRKYSEPLEE
HGNFLITVPGGSDGPSGVLICSENYITYKNFGDQPDIRCPIPRRRNDLDDPERGMIFVCSATHKTKSMFFFLAQTEQGDI
FKITLETDEDMVTEIRLKYFDTVPVAAAMCVLKTGFLFVASEFGNHYLYQIAHLGDDDEEPEFSSAMPLEEGDTFFFQPR
PLKNLVLVDELDSLSPILFCQIADLANEDTPQLYVACGRGPRSSLRVLRHGLGGNGNSGEKLGAVFNQVAFPLQYTPRKF
VIHPESNNLIIIETDHNAYTEATKAQRKQQMAEEMVEAAGEDERELAAEMAAAFLNENLPESIFGAPKAGNGQWASVIRV
MNPIQGNTLDLVQLEQNEAAFSVAVCRFSNTGEDWYVLVGVAKDLILNPRSVAGGFVYTYKLVNNGEKLEFLHKTPVEEV
PAAIAPFQGRVLIGVGKLLRVYDLGKKKLLRKCENKHIANYISGIQTIGHRVIVSDVQESFIWVRYKRNENQLIIFADDT
YPRWVTTASLLDYDTVAGADKFGNICVVRLPPNTNDEVDSQKAEVIMNYHVGETVLSLQKTTLIPGGSESLVYTTLSGGI
GILVPFTSHEDHDFFQHVEMHLRSEHPPLCGRDHLSFRSYYFPVKNVIDGDLCEQFNSMEPNKQKNVSEELDRTPPEVSK
KLEDIRTRYAFDYKDDDDK
;
A
2 'polypeptide(L)'
;MTDRYTIHSQLEHLQSKYIGTGHADTTKWEWLVNQHRDSYCSYMGHFDLLNYFAIAENESKARVRFNLMEKMLQPCGPPA
DKPEEN
;
B
3 'polypeptide(L)'
;MKSVNDQPSGNLPFLKPDDIQYFDKLLVDVDESTLSPEEQKERKIMKLLLKIKNGTPPMRKAALRQITDKAREFGAGPLF
NQILPLLMSPTLEDQERHLLVKVIDRILYKLDDLVRPYVHKILVVIEPLLIDEDYYARVEGREIISNLAKAAGLATMIST
MRPDIDNMDEYVRNTTARAFAVVASALGIPSLLPFLKAVCKSKKSWQARHTGIKIVQQIAILMGCAILPHLRSLVEIIEH
GLVDEQQKVRTISALAIAALAEAATPYGIESFDSVLKPLWKGIRQHRGKGLAAFLKAIGYLIPLMDAEYANYYTREVMLI
LIREFQSPDEEMKKIVLKVVKQCCGTDGVEANYIKTEILPPFFKHFWQHRMALDRRNYRQLVDTTVELANKVGAAEIISR
IVDDLKDEAEQYRKMVMETIEKIMGNLGAADIDHKLEEQLIDGILYAFQEQTTEDSVMLNGFGTVVNALGKRVKPYLPQI
CGTVLWRLNNKSAKVRQQAADLISRTAVVMKTCQEEKLMGHLGVVLYEYLGEEYPEVLGSILGALKAIVNVIGMHKMTPP
IKDLLPRLTPILKNRHEKVQENCIDLVGRIADRGAEYVSAREWMRICFELLELLKAHKKAIRRATVNTFGYIAKAIGPHD
VLATLLNNLKVQERQNRVCTTVAIAIVAETCSPFTVLPALMNEYRVPELNVQNGVLKSLSFLFEYIGEMGKDYIYAVTPL
LEDALMDRDLVHRQTASAVVQHMSLGVYGFGCEDSLNHLLNYVWPNVFETSPHVIQAVMGALEGLRVAIGPCRMLQYCLQ
GLFHPARKVRDVYWKIYNSIYIGSQDALIAHYPRIYNDDKNTYIRYELDYIL
;
C
4 'polypeptide(L)'
;GPLGSPGSRAMAKHHPDLIFCRKQAGVAIGRLCEKCDGKCVICDSYVRPCTLVRICDECNYGSYQGRCVICGGPGVSDAY
YCKECTIQEKDRDGCPKIVNLGSSKTDL
;
D
#
# COMPACT_ATOMS: atom_id res chain seq x y z
N HIS A 10 11.06 15.69 -30.31
CA HIS A 10 11.90 16.32 -29.30
C HIS A 10 11.07 17.23 -28.39
N MET A 11 9.90 16.78 -27.99
CA MET A 11 9.00 17.55 -27.14
C MET A 11 8.90 16.91 -25.76
N PHE A 12 9.02 17.73 -24.72
CA PHE A 12 9.01 17.30 -23.33
C PHE A 12 7.90 18.07 -22.63
N LEU A 13 7.01 17.36 -21.94
CA LEU A 13 5.83 17.97 -21.36
C LEU A 13 5.85 17.92 -19.84
N TYR A 14 5.14 18.88 -19.25
CA TYR A 14 4.96 19.03 -17.81
C TYR A 14 3.47 19.00 -17.54
N ASN A 15 3.05 18.11 -16.65
CA ASN A 15 1.63 17.83 -16.43
C ASN A 15 1.16 18.48 -15.14
N LEU A 16 0.04 19.18 -15.20
CA LEU A 16 -0.53 19.85 -14.04
C LEU A 16 -2.04 19.74 -14.05
N THR A 17 -2.61 19.43 -12.89
CA THR A 17 -4.05 19.39 -12.74
C THR A 17 -4.54 20.78 -12.35
N LEU A 18 -5.48 21.31 -13.15
CA LEU A 18 -6.05 22.62 -12.85
C LEU A 18 -7.32 22.49 -12.00
N GLN A 19 -8.14 21.49 -12.27
CA GLN A 19 -9.35 21.22 -11.49
C GLN A 19 -9.39 19.72 -11.23
N ARG A 20 -9.13 19.32 -9.98
CA ARG A 20 -9.02 17.90 -9.68
C ARG A 20 -10.40 17.24 -9.78
N ALA A 21 -10.37 15.91 -9.77
CA ALA A 21 -11.58 15.12 -10.01
C ALA A 21 -12.66 15.43 -8.98
N THR A 22 -13.90 15.46 -9.44
CA THR A 22 -15.05 15.78 -8.60
C THR A 22 -16.04 14.64 -8.49
N GLY A 23 -15.70 13.46 -9.00
CA GLY A 23 -16.55 12.29 -8.91
C GLY A 23 -16.10 11.37 -7.82
N ILE A 24 -17.01 11.06 -6.90
CA ILE A 24 -16.68 10.29 -5.70
C ILE A 24 -16.95 8.82 -5.95
N SER A 25 -15.96 7.98 -5.63
CA SER A 25 -16.15 6.53 -5.67
C SER A 25 -16.37 5.92 -4.30
N PHE A 26 -15.72 6.45 -3.25
CA PHE A 26 -15.97 5.96 -1.91
C PHE A 26 -16.09 7.14 -0.94
N ALA A 27 -16.83 6.92 0.15
CA ALA A 27 -17.00 7.94 1.16
C ALA A 27 -17.30 7.26 2.49
N ILE A 28 -16.55 7.64 3.53
CA ILE A 28 -16.75 7.08 4.87
C ILE A 28 -16.61 8.20 5.89
N HIS A 29 -17.44 8.14 6.92
CA HIS A 29 -17.48 9.15 7.97
C HIS A 29 -16.90 8.59 9.27
N GLY A 30 -16.40 9.50 10.10
CA GLY A 30 -15.82 9.09 11.37
C GLY A 30 -15.29 10.28 12.12
N ASN A 31 -14.60 9.98 13.22
CA ASN A 31 -13.97 11.01 14.05
C ASN A 31 -12.47 11.09 13.75
N PHE A 32 -12.17 11.48 12.51
CA PHE A 32 -10.78 11.50 12.06
C PHE A 32 -9.98 12.61 12.73
N SER A 33 -10.64 13.73 13.05
CA SER A 33 -9.98 14.76 13.84
C SER A 33 -9.70 14.31 15.26
N GLY A 34 -10.42 13.30 15.75
CA GLY A 34 -10.31 12.84 17.11
C GLY A 34 -11.11 13.65 18.12
N THR A 35 -12.05 14.47 17.65
CA THR A 35 -12.82 15.34 18.54
C THR A 35 -14.32 15.06 18.40
N LYS A 36 -15.15 16.01 18.86
CA LYS A 36 -16.59 15.90 18.63
C LYS A 36 -16.89 15.87 17.14
N GLN A 37 -16.13 16.62 16.35
CA GLN A 37 -16.44 16.79 14.93
C GLN A 37 -16.41 15.44 14.21
N GLN A 38 -17.38 15.25 13.33
CA GLN A 38 -17.41 14.10 12.43
C GLN A 38 -17.01 14.58 11.04
N GLU A 39 -15.95 14.00 10.49
CA GLU A 39 -15.50 14.29 9.15
C GLU A 39 -15.82 13.13 8.22
N ILE A 40 -15.67 13.39 6.92
CA ILE A 40 -15.85 12.37 5.89
C ILE A 40 -14.61 12.37 5.00
N VAL A 41 -13.99 11.21 4.86
CA VAL A 41 -12.94 11.04 3.87
C VAL A 41 -13.54 10.37 2.65
N VAL A 42 -13.18 10.88 1.48
CA VAL A 42 -13.72 10.41 0.21
C VAL A 42 -12.57 10.05 -0.72
N SER A 43 -12.76 8.97 -1.46
CA SER A 43 -11.86 8.56 -2.54
C SER A 43 -12.53 8.93 -3.85
N ARG A 44 -11.95 9.90 -4.55
CA ARG A 44 -12.31 10.26 -5.92
C ARG A 44 -11.15 9.87 -6.82
N GLY A 45 -11.29 8.74 -7.50
CA GLY A 45 -10.25 8.34 -8.44
C GLY A 45 -8.95 8.03 -7.74
N LYS A 46 -7.91 8.81 -8.04
CA LYS A 46 -6.62 8.66 -7.41
C LYS A 46 -6.35 9.73 -6.34
N ILE A 47 -7.41 10.38 -5.85
CA ILE A 47 -7.28 11.45 -4.88
C ILE A 47 -8.01 11.06 -3.60
N LEU A 48 -7.41 11.38 -2.46
CA LEU A 48 -8.01 11.19 -1.15
C LEU A 48 -8.29 12.55 -0.53
N GLU A 49 -9.54 12.78 -0.11
CA GLU A 49 -9.94 14.08 0.40
C GLU A 49 -10.61 13.96 1.76
N LEU A 50 -10.36 14.95 2.61
CA LEU A 50 -10.99 15.07 3.92
C LEU A 50 -11.89 16.30 3.92
N LEU A 51 -13.17 16.09 4.26
CA LEU A 51 -14.19 17.13 4.28
C LEU A 51 -14.80 17.20 5.67
N ARG A 52 -15.14 18.42 6.09
CA ARG A 52 -15.75 18.66 7.40
C ARG A 52 -17.08 19.36 7.23
N PRO A 53 -18.22 18.68 7.46
CA PRO A 53 -19.52 19.36 7.38
C PRO A 53 -19.75 20.21 8.62
N ASP A 54 -20.08 21.48 8.40
CA ASP A 54 -20.36 22.40 9.50
C ASP A 54 -21.81 22.27 9.93
N PRO A 55 -22.08 21.78 11.15
CA PRO A 55 -23.48 21.60 11.56
C PRO A 55 -24.25 22.89 11.73
N ASN A 56 -23.58 24.02 11.94
CA ASN A 56 -24.28 25.29 12.11
C ASN A 56 -24.82 25.80 10.78
N THR A 57 -23.95 25.94 9.78
CA THR A 57 -24.35 26.44 8.47
C THR A 57 -24.85 25.35 7.53
N GLY A 58 -24.60 24.08 7.84
CA GLY A 58 -25.08 23.01 6.99
C GLY A 58 -24.44 22.96 5.62
N LYS A 59 -23.16 23.30 5.53
CA LYS A 59 -22.44 23.33 4.27
C LYS A 59 -21.09 22.63 4.43
N VAL A 60 -20.70 21.87 3.40
CA VAL A 60 -19.52 21.03 3.45
C VAL A 60 -18.30 21.82 2.99
N HIS A 61 -17.20 21.65 3.71
CA HIS A 61 -15.93 22.30 3.40
C HIS A 61 -14.85 21.24 3.18
N THR A 62 -13.99 21.50 2.20
CA THR A 62 -12.90 20.58 1.89
C THR A 62 -11.65 20.99 2.67
N LEU A 63 -11.29 20.18 3.67
CA LEU A 63 -10.13 20.48 4.52
C LEU A 63 -8.82 20.00 3.91
N LEU A 64 -8.82 18.85 3.24
CA LEU A 64 -7.55 18.30 2.75
C LEU A 64 -7.75 17.57 1.44
N THR A 65 -6.76 17.68 0.55
CA THR A 65 -6.75 16.98 -0.72
C THR A 65 -5.34 16.44 -0.96
N VAL A 66 -5.23 15.16 -1.30
CA VAL A 66 -3.94 14.52 -1.50
C VAL A 66 -4.01 13.63 -2.73
N GLU A 67 -3.05 13.81 -3.64
CA GLU A 67 -2.88 12.93 -4.79
C GLU A 67 -2.09 11.71 -4.34
N VAL A 68 -2.69 10.52 -4.43
CA VAL A 68 -2.03 9.31 -3.95
C VAL A 68 -1.35 8.52 -5.07
N PHE A 69 -1.59 8.87 -6.33
CA PHE A 69 -0.91 8.23 -7.47
C PHE A 69 -1.13 6.72 -7.46
N GLY A 70 -2.39 6.32 -7.30
CA GLY A 70 -2.76 4.93 -7.36
C GLY A 70 -4.22 4.79 -7.70
N VAL A 71 -4.75 3.58 -7.57
CA VAL A 71 -6.14 3.30 -7.84
C VAL A 71 -6.75 2.77 -6.55
N ILE A 72 -7.49 3.62 -5.85
CA ILE A 72 -8.13 3.22 -4.60
C ILE A 72 -9.29 2.29 -4.91
N ARG A 73 -9.21 1.05 -4.40
CA ARG A 73 -10.23 0.05 -4.68
C ARG A 73 -11.16 -0.23 -3.50
N SER A 74 -10.74 0.11 -2.28
CA SER A 74 -11.56 -0.14 -1.10
C SER A 74 -11.12 0.80 0.01
N LEU A 75 -12.08 1.43 0.67
CA LEU A 75 -11.82 2.43 1.70
C LEU A 75 -12.66 2.09 2.93
N MET A 76 -12.03 2.10 4.10
CA MET A 76 -12.70 1.67 5.32
C MET A 76 -12.11 2.40 6.52
N ALA A 77 -12.94 2.61 7.54
CA ALA A 77 -12.54 3.24 8.78
C ALA A 77 -12.67 2.26 9.94
N PHE A 78 -11.78 2.38 10.91
CA PHE A 78 -11.82 1.49 12.06
C PHE A 78 -11.24 2.19 13.28
N ARG A 79 -11.54 1.63 14.45
CA ARG A 79 -11.14 2.18 15.73
C ARG A 79 -10.88 1.02 16.69
N LEU A 80 -9.93 1.23 17.60
CA LEU A 80 -9.63 0.22 18.60
C LEU A 80 -10.41 0.50 19.88
N THR A 81 -10.43 -0.49 20.78
CA THR A 81 -11.19 -0.38 22.01
C THR A 81 -10.63 0.73 22.88
N GLY A 82 -11.51 1.59 23.38
CA GLY A 82 -11.12 2.70 24.21
C GLY A 82 -10.49 3.86 23.48
N GLY A 83 -10.50 3.84 22.15
CA GLY A 83 -9.87 4.89 21.38
C GLY A 83 -10.76 6.10 21.18
N THR A 84 -10.14 7.18 20.70
CA THR A 84 -10.83 8.44 20.45
C THR A 84 -10.80 8.88 19.00
N LYS A 85 -9.88 8.37 18.19
CA LYS A 85 -9.76 8.76 16.79
C LYS A 85 -9.91 7.54 15.89
N ASP A 86 -10.48 7.75 14.71
CA ASP A 86 -10.70 6.69 13.73
C ASP A 86 -9.56 6.70 12.71
N TYR A 87 -9.00 5.53 12.44
CA TYR A 87 -7.97 5.38 11.42
C TYR A 87 -8.60 5.12 10.06
N ILE A 88 -7.77 5.17 9.02
CA ILE A 88 -8.22 4.94 7.65
C ILE A 88 -7.37 3.82 7.07
N VAL A 89 -8.02 2.73 6.66
CA VAL A 89 -7.33 1.63 6.00
C VAL A 89 -7.71 1.65 4.52
N VAL A 90 -6.70 1.61 3.67
CA VAL A 90 -6.87 1.74 2.22
C VAL A 90 -6.26 0.53 1.53
N GLY A 91 -7.04 -0.05 0.61
CA GLY A 91 -6.55 -1.02 -0.35
C GLY A 91 -6.54 -0.40 -1.74
N SER A 92 -5.42 -0.57 -2.43
CA SER A 92 -5.19 0.12 -3.69
C SER A 92 -4.72 -0.89 -4.74
N ASP A 93 -4.06 -0.39 -5.77
CA ASP A 93 -3.52 -1.21 -6.84
C ASP A 93 -2.06 -1.58 -6.62
N SER A 94 -1.49 -1.21 -5.47
CA SER A 94 -0.21 -1.78 -5.09
C SER A 94 -0.43 -3.13 -4.43
N GLY A 95 0.67 -3.82 -4.14
CA GLY A 95 0.56 -5.05 -3.39
C GLY A 95 0.59 -4.77 -1.90
N ARG A 96 0.07 -3.61 -1.51
CA ARG A 96 0.24 -3.08 -0.16
C ARG A 96 -1.10 -2.63 0.42
N ILE A 97 -1.27 -2.88 1.71
CA ILE A 97 -2.38 -2.36 2.49
C ILE A 97 -1.82 -1.25 3.38
N VAL A 98 -2.54 -0.13 3.44
CA VAL A 98 -2.01 1.00 4.23
C VAL A 98 -3.01 1.42 5.29
N ILE A 99 -2.49 1.91 6.40
CA ILE A 99 -3.28 2.46 7.50
C ILE A 99 -2.73 3.85 7.83
N LEU A 100 -3.62 4.83 7.85
CA LEU A 100 -3.28 6.25 7.95
C LEU A 100 -4.07 6.88 9.10
N GLU A 101 -3.51 7.95 9.64
CA GLU A 101 -4.18 8.76 10.67
C GLU A 101 -4.08 10.22 10.27
N TYR A 102 -5.20 10.93 10.31
CA TYR A 102 -5.21 12.35 9.99
C TYR A 102 -4.75 13.16 11.21
N GLN A 103 -3.68 13.94 11.04
CA GLN A 103 -3.20 14.81 12.10
C GLN A 103 -3.74 16.21 11.86
N PRO A 104 -4.66 16.71 12.69
CA PRO A 104 -5.19 18.06 12.47
C PRO A 104 -4.18 19.15 12.77
N SER A 105 -3.14 18.86 13.56
CA SER A 105 -2.12 19.87 13.87
C SER A 105 -1.40 20.32 12.62
N LYS A 106 -1.19 19.41 11.66
CA LYS A 106 -0.45 19.71 10.45
C LYS A 106 -1.30 19.59 9.19
N ASN A 107 -2.57 19.21 9.31
CA ASN A 107 -3.48 18.99 8.18
C ASN A 107 -2.83 18.10 7.12
N MET A 108 -2.53 16.87 7.53
CA MET A 108 -1.87 15.91 6.66
C MET A 108 -2.37 14.52 6.98
N PHE A 109 -2.13 13.60 6.05
CA PHE A 109 -2.38 12.17 6.26
C PHE A 109 -1.05 11.53 6.65
N GLU A 110 -0.92 11.16 7.93
CA GLU A 110 0.28 10.47 8.40
C GLU A 110 0.12 8.98 8.18
N LYS A 111 1.06 8.38 7.45
CA LYS A 111 1.01 6.95 7.18
C LYS A 111 1.51 6.20 8.40
N ILE A 112 0.60 5.48 9.06
CA ILE A 112 0.96 4.75 10.26
C ILE A 112 1.56 3.39 9.91
N HIS A 113 0.97 2.70 8.94
CA HIS A 113 1.46 1.38 8.56
C HIS A 113 1.31 1.17 7.06
N GLN A 114 2.23 0.39 6.51
CA GLN A 114 2.21 0.03 5.10
C GLN A 114 2.80 -1.37 4.97
N GLU A 115 1.96 -2.36 4.66
CA GLU A 115 2.38 -3.75 4.64
C GLU A 115 2.20 -4.34 3.25
N THR A 116 3.23 -5.04 2.78
CA THR A 116 3.31 -5.52 1.41
C THR A 116 2.98 -6.99 1.33
N PHE A 117 2.17 -7.36 0.34
CA PHE A 117 1.74 -8.76 0.20
C PHE A 117 1.69 -9.27 -1.24
N GLY A 118 1.71 -8.41 -2.25
CA GLY A 118 1.62 -8.89 -3.61
C GLY A 118 2.22 -7.91 -4.60
N LYS A 119 1.91 -8.13 -5.87
CA LYS A 119 2.39 -7.27 -6.93
C LYS A 119 1.41 -6.14 -7.21
N SER A 120 1.85 -5.20 -8.03
CA SER A 120 1.06 -4.00 -8.29
C SER A 120 0.03 -4.24 -9.40
N GLY A 121 -0.95 -3.35 -9.45
CA GLY A 121 -2.00 -3.38 -10.44
C GLY A 121 -3.32 -3.82 -9.86
N CYS A 122 -4.38 -3.59 -10.65
CA CYS A 122 -5.71 -4.11 -10.35
C CYS A 122 -5.81 -5.56 -10.83
N ARG A 123 -5.16 -6.45 -10.08
CA ARG A 123 -5.01 -7.84 -10.47
C ARG A 123 -6.20 -8.68 -10.02
N ARG A 124 -6.23 -9.93 -10.49
CA ARG A 124 -7.34 -10.84 -10.25
C ARG A 124 -7.22 -11.59 -8.94
N ILE A 125 -6.03 -12.08 -8.60
CA ILE A 125 -5.82 -12.91 -7.41
C ILE A 125 -5.04 -12.19 -6.32
N VAL A 126 -4.63 -10.94 -6.54
CA VAL A 126 -3.86 -10.18 -5.56
C VAL A 126 -4.82 -9.28 -4.79
N PRO A 127 -4.89 -9.39 -3.47
CA PRO A 127 -5.91 -8.64 -2.72
C PRO A 127 -5.75 -7.14 -2.86
N GLY A 128 -6.83 -6.43 -2.51
CA GLY A 128 -6.88 -4.99 -2.61
C GLY A 128 -8.26 -4.49 -2.95
N GLN A 129 -9.04 -5.32 -3.64
CA GLN A 129 -10.36 -4.90 -4.09
C GLN A 129 -11.35 -4.77 -2.94
N PHE A 130 -11.33 -5.72 -2.00
CA PHE A 130 -12.30 -5.76 -0.92
C PHE A 130 -11.61 -5.55 0.42
N LEU A 131 -12.28 -4.82 1.30
CA LEU A 131 -11.77 -4.54 2.63
C LEU A 131 -12.89 -4.78 3.64
N ALA A 132 -12.58 -5.53 4.70
CA ALA A 132 -13.51 -5.73 5.81
C ALA A 132 -12.74 -5.60 7.10
N VAL A 133 -13.41 -5.19 8.17
CA VAL A 133 -12.76 -4.98 9.44
C VAL A 133 -13.68 -5.41 10.57
N ASP A 134 -13.12 -6.12 11.55
CA ASP A 134 -13.85 -6.50 12.75
C ASP A 134 -14.47 -5.27 13.40
N PRO A 135 -15.76 -5.28 13.74
CA PRO A 135 -16.41 -4.07 14.24
C PRO A 135 -15.79 -3.53 15.52
N LYS A 136 -14.94 -4.30 16.20
CA LYS A 136 -14.22 -3.81 17.37
C LYS A 136 -12.80 -3.37 17.07
N GLY A 137 -12.33 -3.57 15.84
CA GLY A 137 -11.02 -3.10 15.44
C GLY A 137 -9.87 -4.05 15.69
N ARG A 138 -10.15 -5.31 15.99
CA ARG A 138 -9.08 -6.24 16.34
C ARG A 138 -8.39 -6.85 15.12
N ALA A 139 -9.01 -6.78 13.94
CA ALA A 139 -8.43 -7.40 12.76
C ALA A 139 -9.05 -6.77 11.52
N VAL A 140 -8.41 -7.02 10.38
CA VAL A 140 -8.85 -6.46 9.10
C VAL A 140 -8.47 -7.45 7.99
N MET A 141 -9.44 -7.75 7.13
CA MET A 141 -9.24 -8.67 6.01
C MET A 141 -9.24 -7.89 4.71
N ILE A 142 -8.16 -8.06 3.94
CA ILE A 142 -8.07 -7.51 2.59
C ILE A 142 -8.16 -8.69 1.63
N SER A 143 -9.03 -8.57 0.63
CA SER A 143 -9.40 -9.71 -0.21
C SER A 143 -9.40 -9.33 -1.68
N ALA A 144 -8.92 -10.26 -2.50
CA ALA A 144 -9.02 -10.17 -3.94
C ALA A 144 -10.39 -10.64 -4.41
N ILE A 145 -10.65 -10.53 -5.71
CA ILE A 145 -11.89 -11.06 -6.26
C ILE A 145 -11.81 -12.58 -6.36
N GLU A 146 -10.63 -13.15 -6.59
CA GLU A 146 -10.47 -14.59 -6.72
C GLU A 146 -9.40 -15.11 -5.76
N LYS A 147 -9.75 -16.19 -5.05
CA LYS A 147 -8.81 -17.06 -4.33
C LYS A 147 -8.28 -16.47 -3.04
N GLN A 148 -7.40 -15.47 -3.12
CA GLN A 148 -6.57 -15.10 -1.98
C GLN A 148 -7.23 -14.05 -1.10
N LYS A 149 -7.14 -14.28 0.21
CA LYS A 149 -7.57 -13.33 1.23
C LYS A 149 -6.51 -13.29 2.33
N LEU A 150 -6.38 -12.14 2.99
CA LEU A 150 -5.36 -11.97 4.01
C LEU A 150 -5.94 -11.23 5.21
N VAL A 151 -5.69 -11.74 6.40
CA VAL A 151 -6.19 -11.15 7.64
C VAL A 151 -4.99 -10.65 8.44
N TYR A 152 -5.10 -9.42 8.91
CA TYR A 152 -4.08 -8.79 9.74
C TYR A 152 -4.67 -8.49 11.11
N ILE A 153 -3.92 -8.80 12.16
CA ILE A 153 -4.34 -8.55 13.54
C ILE A 153 -3.86 -7.18 13.96
N LEU A 154 -4.75 -6.38 14.54
CA LEU A 154 -4.44 -5.02 14.95
C LEU A 154 -4.47 -4.91 16.47
N ASN A 155 -3.48 -4.22 17.02
CA ASN A 155 -3.39 -4.05 18.48
C ASN A 155 -2.73 -2.70 18.76
N ARG A 156 -2.47 -2.43 20.03
CA ARG A 156 -1.71 -1.26 20.45
C ARG A 156 -0.53 -1.73 21.30
N ASP A 157 0.32 -0.79 21.69
CA ASP A 157 1.47 -1.09 22.53
C ASP A 157 1.46 -0.24 23.80
N ALA A 158 2.62 -0.14 24.46
CA ALA A 158 2.68 0.63 25.70
C ALA A 158 2.40 2.10 25.47
N ALA A 159 2.78 2.63 24.30
CA ALA A 159 2.63 4.04 23.98
C ALA A 159 1.35 4.35 23.21
N ALA A 160 0.39 3.42 23.20
CA ALA A 160 -0.88 3.59 22.50
C ALA A 160 -0.67 3.83 21.01
N ARG A 161 0.28 3.11 20.42
CA ARG A 161 0.59 3.21 19.00
C ARG A 161 0.09 1.95 18.30
N LEU A 162 -0.63 2.15 17.20
CA LEU A 162 -1.21 1.03 16.45
C LEU A 162 -0.11 0.12 15.94
N THR A 163 -0.33 -1.18 16.08
CA THR A 163 0.59 -2.20 15.58
C THR A 163 -0.18 -3.23 14.77
N ILE A 164 0.45 -3.70 13.70
CA ILE A 164 -0.15 -4.68 12.79
C ILE A 164 0.75 -5.91 12.76
N SER A 165 0.12 -7.07 12.60
CA SER A 165 0.82 -8.34 12.68
C SER A 165 1.21 -8.84 11.30
N SER A 166 1.72 -10.07 11.24
CA SER A 166 1.93 -10.74 9.98
C SER A 166 0.59 -11.17 9.40
N PRO A 167 0.51 -11.36 8.08
CA PRO A 167 -0.76 -11.77 7.48
C PRO A 167 -1.06 -13.23 7.75
N LEU A 168 -2.35 -13.53 7.83
CA LEU A 168 -2.84 -14.90 7.95
C LEU A 168 -3.59 -15.27 6.68
N GLU A 169 -3.25 -16.42 6.12
CA GLU A 169 -3.79 -16.81 4.82
C GLU A 169 -5.17 -17.42 4.96
N ALA A 170 -6.06 -17.07 4.03
CA ALA A 170 -7.42 -17.60 3.98
C ALA A 170 -7.80 -17.81 2.51
N HIS A 171 -7.01 -18.62 1.82
CA HIS A 171 -7.18 -18.81 0.39
C HIS A 171 -8.08 -20.00 0.10
N LYS A 172 -8.77 -19.94 -1.04
CA LYS A 172 -9.62 -21.02 -1.50
C LYS A 172 -9.68 -20.95 -3.01
N ALA A 173 -9.11 -21.95 -3.68
CA ALA A 173 -8.95 -21.92 -5.13
C ALA A 173 -10.29 -21.91 -5.84
N ASN A 174 -10.29 -21.35 -7.05
CA ASN A 174 -11.46 -21.33 -7.94
C ASN A 174 -12.67 -20.71 -7.25
N THR A 175 -12.45 -19.65 -6.48
CA THR A 175 -13.50 -19.04 -5.68
C THR A 175 -13.56 -17.54 -5.96
N LEU A 176 -14.71 -17.08 -6.41
CA LEU A 176 -14.95 -15.65 -6.61
C LEU A 176 -15.46 -15.03 -5.31
N VAL A 177 -15.41 -13.70 -5.25
CA VAL A 177 -15.85 -12.94 -4.09
C VAL A 177 -16.71 -11.78 -4.58
N TYR A 178 -17.96 -11.73 -4.14
CA TYR A 178 -18.84 -10.62 -4.47
C TYR A 178 -18.71 -9.48 -3.47
N HIS A 179 -18.48 -9.81 -2.20
CA HIS A 179 -18.37 -8.83 -1.12
C HIS A 179 -17.95 -9.58 0.14
N VAL A 180 -17.45 -8.81 1.12
CA VAL A 180 -17.04 -9.35 2.40
C VAL A 180 -17.17 -8.26 3.45
N VAL A 181 -17.71 -8.63 4.62
CA VAL A 181 -17.86 -7.71 5.73
C VAL A 181 -17.63 -8.44 7.04
N GLY A 182 -17.15 -7.71 8.04
CA GLY A 182 -16.92 -8.31 9.35
C GLY A 182 -18.18 -8.32 10.18
N VAL A 183 -18.49 -9.48 10.77
CA VAL A 183 -19.70 -9.67 11.56
C VAL A 183 -19.43 -9.23 12.99
N ASP A 184 -20.39 -8.52 13.57
CA ASP A 184 -20.27 -8.09 14.96
C ASP A 184 -20.51 -9.27 15.89
N VAL A 185 -19.44 -9.97 16.24
CA VAL A 185 -19.52 -11.08 17.17
C VAL A 185 -19.18 -10.63 18.60
N GLY A 186 -19.29 -9.33 18.88
CA GLY A 186 -18.91 -8.81 20.17
C GLY A 186 -17.43 -8.90 20.39
N PHE A 187 -17.01 -9.63 21.43
CA PHE A 187 -15.59 -9.85 21.69
C PHE A 187 -15.21 -11.33 21.60
N GLU A 188 -16.02 -12.12 20.89
CA GLU A 188 -15.66 -13.50 20.58
C GLU A 188 -14.58 -13.51 19.50
N ASN A 189 -14.31 -14.67 18.94
CA ASN A 189 -13.35 -14.77 17.85
C ASN A 189 -13.88 -14.00 16.64
N PRO A 190 -13.11 -13.07 16.07
CA PRO A 190 -13.63 -12.26 14.96
C PRO A 190 -13.98 -13.12 13.76
N MET A 191 -15.03 -12.71 13.06
CA MET A 191 -15.56 -13.48 11.94
C MET A 191 -15.86 -12.56 10.76
N PHE A 192 -15.61 -13.06 9.55
CA PHE A 192 -15.84 -12.32 8.32
C PHE A 192 -16.78 -13.11 7.41
N ALA A 193 -17.88 -12.49 7.00
CA ALA A 193 -18.85 -13.09 6.11
C ALA A 193 -18.55 -12.68 4.68
N CYS A 194 -18.46 -13.67 3.79
CA CYS A 194 -18.14 -13.47 2.38
C CYS A 194 -19.24 -14.04 1.50
N LEU A 195 -19.51 -13.34 0.40
CA LEU A 195 -20.35 -13.84 -0.68
C LEU A 195 -19.42 -14.41 -1.75
N GLU A 196 -19.49 -15.72 -1.96
CA GLU A 196 -18.55 -16.41 -2.83
C GLU A 196 -19.29 -17.23 -3.88
N MET A 197 -18.52 -17.80 -4.81
CA MET A 197 -19.06 -18.73 -5.80
C MET A 197 -17.89 -19.50 -6.40
N ASP A 198 -17.96 -20.83 -6.33
CA ASP A 198 -16.93 -21.68 -6.90
C ASP A 198 -17.23 -21.95 -8.37
N TYR A 199 -16.19 -21.87 -9.20
CA TYR A 199 -16.34 -22.09 -10.63
C TYR A 199 -15.63 -23.35 -11.11
N GLU A 200 -15.07 -24.15 -10.20
CA GLU A 200 -14.31 -25.33 -10.61
C GLU A 200 -15.19 -26.32 -11.38
N GLU A 201 -16.40 -26.58 -10.87
CA GLU A 201 -17.29 -27.50 -11.55
C GLU A 201 -17.83 -26.92 -12.85
N ALA A 202 -18.13 -25.62 -12.85
CA ALA A 202 -18.65 -24.98 -14.06
C ALA A 202 -17.65 -25.02 -15.20
N ASP A 203 -16.35 -25.10 -14.90
CA ASP A 203 -15.34 -25.07 -15.95
C ASP A 203 -15.10 -26.46 -16.54
N ASN A 204 -15.13 -27.50 -15.71
CA ASN A 204 -14.81 -28.85 -16.17
C ASN A 204 -16.00 -29.55 -16.82
N ASP A 205 -17.14 -28.88 -16.98
CA ASP A 205 -18.33 -29.49 -17.55
C ASP A 205 -18.66 -28.84 -18.88
N PRO A 206 -18.63 -29.59 -20.00
CA PRO A 206 -18.83 -28.98 -21.31
C PRO A 206 -20.29 -28.78 -21.71
N THR A 207 -21.25 -29.22 -20.90
CA THR A 207 -22.65 -29.10 -21.28
C THR A 207 -23.26 -27.79 -20.80
N GLY A 208 -22.88 -27.32 -19.61
CA GLY A 208 -23.50 -26.18 -18.99
C GLY A 208 -24.36 -26.51 -17.79
N GLU A 209 -24.44 -27.78 -17.39
CA GLU A 209 -25.23 -28.15 -16.22
C GLU A 209 -24.65 -27.49 -14.96
N ALA A 210 -23.33 -27.55 -14.80
CA ALA A 210 -22.72 -27.02 -13.58
C ALA A 210 -22.83 -25.50 -13.52
N ALA A 211 -22.67 -24.84 -14.66
CA ALA A 211 -22.74 -23.37 -14.66
C ALA A 211 -24.12 -22.88 -14.25
N ALA A 212 -25.18 -23.52 -14.75
CA ALA A 212 -26.52 -23.12 -14.38
C ALA A 212 -26.90 -23.58 -12.98
N ASN A 213 -26.33 -24.70 -12.52
CA ASN A 213 -26.70 -25.26 -11.22
C ASN A 213 -25.89 -24.71 -10.06
N THR A 214 -24.67 -24.22 -10.32
CA THR A 214 -23.89 -23.63 -9.24
C THR A 214 -24.56 -22.36 -8.74
N GLN A 215 -24.47 -22.14 -7.43
CA GLN A 215 -25.14 -21.01 -6.82
C GLN A 215 -24.20 -20.31 -5.86
N GLN A 216 -24.50 -19.04 -5.61
CA GLN A 216 -23.72 -18.23 -4.69
C GLN A 216 -23.81 -18.80 -3.28
N THR A 217 -22.74 -18.65 -2.52
CA THR A 217 -22.66 -19.17 -1.17
C THR A 217 -22.30 -18.05 -0.19
N LEU A 218 -22.86 -18.14 1.01
CA LEU A 218 -22.47 -17.27 2.12
C LEU A 218 -21.58 -18.07 3.06
N THR A 219 -20.34 -17.63 3.22
CA THR A 219 -19.38 -18.35 4.05
C THR A 219 -18.88 -17.44 5.17
N PHE A 220 -18.44 -18.07 6.26
CA PHE A 220 -17.93 -17.35 7.42
C PHE A 220 -16.52 -17.85 7.71
N TYR A 221 -15.53 -16.97 7.54
CA TYR A 221 -14.16 -17.24 7.95
C TYR A 221 -14.01 -16.79 9.40
N GLU A 222 -13.67 -17.72 10.28
CA GLU A 222 -13.49 -17.40 11.70
C GLU A 222 -12.01 -17.29 12.01
N LEU A 223 -11.64 -16.22 12.71
CA LEU A 223 -10.28 -15.96 13.14
C LEU A 223 -10.13 -16.43 14.58
N ASP A 224 -9.53 -17.61 14.75
CA ASP A 224 -9.20 -18.10 16.08
C ASP A 224 -7.98 -17.34 16.58
N LEU A 225 -8.22 -16.42 17.52
CA LEU A 225 -7.11 -15.68 18.12
C LEU A 225 -6.30 -16.54 19.07
N GLY A 226 -6.95 -17.50 19.73
CA GLY A 226 -6.26 -18.42 20.62
C GLY A 226 -5.20 -19.23 19.89
N LEU A 227 -5.62 -20.01 18.91
CA LEU A 227 -4.69 -20.75 18.07
C LEU A 227 -4.05 -19.89 16.99
N ASN A 228 -4.59 -18.69 16.75
CA ASN A 228 -4.03 -17.71 15.81
C ASN A 228 -3.98 -18.27 14.39
N HIS A 229 -5.17 -18.49 13.85
CA HIS A 229 -5.30 -18.87 12.44
C HIS A 229 -6.72 -18.55 11.99
N VAL A 230 -7.00 -18.83 10.71
CA VAL A 230 -8.30 -18.55 10.11
C VAL A 230 -8.84 -19.83 9.51
N VAL A 231 -10.09 -20.15 9.80
CA VAL A 231 -10.71 -21.39 9.35
C VAL A 231 -12.01 -21.08 8.62
N ARG A 232 -12.22 -21.78 7.50
CA ARG A 232 -13.50 -21.78 6.80
C ARG A 232 -14.47 -22.61 7.62
N LYS A 233 -15.36 -21.93 8.35
CA LYS A 233 -16.20 -22.61 9.32
C LYS A 233 -17.58 -22.96 8.75
N TYR A 234 -18.40 -21.95 8.48
CA TYR A 234 -19.79 -22.15 8.08
C TYR A 234 -19.99 -21.63 6.66
N SER A 235 -20.64 -22.44 5.83
CA SER A 235 -20.90 -22.09 4.44
C SER A 235 -22.26 -22.65 4.04
N GLU A 236 -23.07 -21.82 3.38
CA GLU A 236 -24.43 -22.22 3.02
C GLU A 236 -24.83 -21.61 1.69
N PRO A 237 -25.41 -22.38 0.78
CA PRO A 237 -25.89 -21.80 -0.50
C PRO A 237 -27.04 -20.83 -0.29
N LEU A 238 -27.35 -20.10 -1.37
CA LEU A 238 -28.46 -19.16 -1.39
C LEU A 238 -29.33 -19.45 -2.61
N GLU A 239 -30.64 -19.48 -2.41
CA GLU A 239 -31.56 -19.66 -3.54
C GLU A 239 -31.65 -18.41 -4.41
N GLU A 240 -31.18 -17.28 -3.91
CA GLU A 240 -31.15 -16.03 -4.64
C GLU A 240 -29.73 -15.49 -4.67
N HIS A 241 -29.30 -15.00 -5.83
CA HIS A 241 -27.96 -14.47 -5.97
C HIS A 241 -27.94 -13.02 -5.53
N GLY A 242 -27.14 -12.74 -4.50
CA GLY A 242 -27.07 -11.41 -3.90
C GLY A 242 -25.85 -10.62 -4.35
N ASN A 243 -25.93 -9.30 -4.19
CA ASN A 243 -24.88 -8.41 -4.66
C ASN A 243 -24.00 -7.85 -3.56
N PHE A 244 -24.52 -7.63 -2.35
CA PHE A 244 -23.64 -7.21 -1.26
C PHE A 244 -24.28 -7.50 0.08
N LEU A 245 -23.48 -7.25 1.14
CA LEU A 245 -23.81 -7.59 2.51
C LEU A 245 -23.80 -6.35 3.38
N ILE A 246 -24.52 -6.44 4.49
CA ILE A 246 -24.56 -5.39 5.51
C ILE A 246 -24.41 -6.05 6.87
N THR A 247 -23.54 -5.50 7.71
CA THR A 247 -23.37 -6.02 9.06
C THR A 247 -24.43 -5.39 9.96
N VAL A 248 -25.14 -6.23 10.70
CA VAL A 248 -26.09 -5.75 11.69
C VAL A 248 -25.37 -5.76 13.03
N PRO A 249 -25.67 -4.82 13.94
CA PRO A 249 -24.99 -4.81 15.23
C PRO A 249 -25.20 -6.10 16.01
N GLY A 250 -24.24 -6.40 16.87
CA GLY A 250 -24.29 -7.64 17.63
C GLY A 250 -23.78 -7.49 19.05
N GLY A 251 -23.45 -8.62 19.68
CA GLY A 251 -22.97 -8.60 21.05
C GLY A 251 -24.00 -8.08 22.03
N SER A 252 -23.77 -6.88 22.55
CA SER A 252 -24.66 -6.30 23.55
C SER A 252 -25.83 -5.55 22.92
N ASP A 253 -25.55 -4.65 21.98
CA ASP A 253 -26.55 -3.74 21.44
C ASP A 253 -27.04 -4.18 20.06
N GLY A 254 -27.27 -5.47 19.85
CA GLY A 254 -27.81 -5.95 18.60
C GLY A 254 -27.74 -7.46 18.46
N PRO A 255 -28.52 -8.01 17.53
CA PRO A 255 -28.41 -9.43 17.21
C PRO A 255 -27.40 -9.69 16.09
N SER A 256 -26.31 -10.38 16.39
CA SER A 256 -25.30 -10.65 15.38
C SER A 256 -25.92 -11.35 14.18
N GLY A 257 -25.36 -11.08 13.00
CA GLY A 257 -25.86 -11.64 11.77
C GLY A 257 -25.53 -10.72 10.62
N VAL A 258 -26.06 -11.07 9.44
CA VAL A 258 -25.82 -10.28 8.24
C VAL A 258 -27.11 -10.12 7.45
N LEU A 259 -27.21 -9.01 6.74
CA LEU A 259 -28.23 -8.78 5.73
C LEU A 259 -27.62 -8.97 4.35
N ILE A 260 -28.31 -9.73 3.50
CA ILE A 260 -27.87 -10.04 2.15
C ILE A 260 -28.85 -9.39 1.19
N CYS A 261 -28.37 -8.40 0.43
CA CYS A 261 -29.20 -7.78 -0.59
C CYS A 261 -29.07 -8.57 -1.89
N SER A 262 -30.19 -8.83 -2.55
CA SER A 262 -30.17 -9.62 -3.77
C SER A 262 -31.03 -8.90 -4.80
N GLU A 263 -31.33 -9.60 -5.90
CA GLU A 263 -32.25 -9.09 -6.91
C GLU A 263 -33.67 -9.42 -6.47
N ASN A 264 -34.44 -8.39 -6.14
CA ASN A 264 -35.86 -8.42 -5.74
C ASN A 264 -36.07 -8.87 -4.30
N TYR A 265 -35.02 -9.06 -3.51
CA TYR A 265 -35.21 -9.47 -2.12
C TYR A 265 -34.09 -8.90 -1.24
N ILE A 266 -34.38 -8.86 0.06
CA ILE A 266 -33.39 -8.65 1.10
C ILE A 266 -33.60 -9.72 2.15
N THR A 267 -32.51 -10.41 2.52
CA THR A 267 -32.58 -11.52 3.44
C THR A 267 -31.77 -11.20 4.69
N TYR A 268 -32.18 -11.77 5.82
CA TYR A 268 -31.38 -11.80 7.03
C TYR A 268 -30.97 -13.24 7.29
N LYS A 269 -29.69 -13.44 7.56
CA LYS A 269 -29.18 -14.76 7.90
C LYS A 269 -28.18 -14.64 9.05
N ASN A 270 -28.12 -15.68 9.86
CA ASN A 270 -27.19 -15.75 10.98
C ASN A 270 -26.85 -17.21 11.21
N PHE A 271 -25.59 -17.48 11.52
CA PHE A 271 -25.16 -18.84 11.80
C PHE A 271 -25.83 -19.35 13.09
N GLY A 272 -25.98 -20.67 13.16
CA GLY A 272 -26.75 -21.26 14.23
C GLY A 272 -28.19 -21.43 13.83
N ASP A 273 -29.01 -21.77 14.83
CA ASP A 273 -30.44 -22.03 14.62
C ASP A 273 -31.22 -20.73 14.48
N GLN A 274 -30.79 -19.92 13.51
CA GLN A 274 -31.52 -18.71 13.15
C GLN A 274 -32.19 -18.93 11.80
N PRO A 275 -33.52 -18.86 11.74
CA PRO A 275 -34.19 -19.04 10.44
C PRO A 275 -33.96 -17.84 9.54
N ASP A 276 -33.64 -18.11 8.27
CA ASP A 276 -33.47 -17.06 7.28
C ASP A 276 -34.76 -16.28 7.12
N ILE A 277 -34.70 -14.96 7.24
CA ILE A 277 -35.88 -14.11 7.16
C ILE A 277 -35.77 -13.28 5.89
N ARG A 278 -36.54 -13.66 4.87
CA ARG A 278 -36.52 -13.00 3.58
C ARG A 278 -37.66 -11.98 3.48
N CYS A 279 -37.47 -10.98 2.62
CA CYS A 279 -38.52 -10.02 2.35
C CYS A 279 -38.35 -9.41 0.96
N PRO A 280 -39.40 -9.38 0.15
CA PRO A 280 -39.27 -8.79 -1.19
C PRO A 280 -39.13 -7.28 -1.13
N ILE A 281 -38.46 -6.74 -2.14
CA ILE A 281 -38.23 -5.28 -2.20
C ILE A 281 -39.47 -4.62 -2.81
N PRO A 282 -39.98 -3.56 -2.22
CA PRO A 282 -41.16 -2.89 -2.77
C PRO A 282 -40.86 -2.25 -4.13
N ARG A 283 -41.70 -2.54 -5.11
CA ARG A 283 -41.58 -1.95 -6.43
C ARG A 283 -42.50 -0.74 -6.56
N ARG A 284 -42.20 0.10 -7.55
CA ARG A 284 -42.86 1.38 -7.69
C ARG A 284 -44.31 1.21 -8.17
N ARG A 285 -45.15 2.16 -7.78
CA ARG A 285 -46.54 2.18 -8.23
C ARG A 285 -46.61 2.64 -9.69
N ASN A 286 -47.16 1.79 -10.55
CA ASN A 286 -47.32 2.09 -11.97
C ASN A 286 -45.97 2.46 -12.60
N ASP A 287 -44.98 1.61 -12.37
CA ASP A 287 -43.63 1.87 -12.85
C ASP A 287 -43.59 1.78 -14.38
N LEU A 288 -42.96 2.76 -15.01
CA LEU A 288 -42.82 2.77 -16.46
C LEU A 288 -41.64 1.94 -16.95
N ASP A 289 -40.84 1.37 -16.03
CA ASP A 289 -39.70 0.58 -16.42
C ASP A 289 -40.15 -0.73 -17.08
N ASP A 290 -39.17 -1.52 -17.51
CA ASP A 290 -39.48 -2.79 -18.14
C ASP A 290 -39.97 -3.77 -17.08
N PRO A 291 -41.13 -4.41 -17.27
CA PRO A 291 -41.63 -5.32 -16.24
C PRO A 291 -40.75 -6.52 -16.00
N GLU A 292 -39.98 -6.95 -16.99
CA GLU A 292 -39.10 -8.11 -16.84
C GLU A 292 -37.72 -7.74 -16.33
N ARG A 293 -37.51 -6.51 -15.90
CA ARG A 293 -36.24 -6.07 -15.35
C ARG A 293 -36.31 -6.07 -13.83
N GLY A 294 -35.32 -6.68 -13.19
CA GLY A 294 -35.31 -6.83 -11.75
C GLY A 294 -35.03 -5.55 -10.99
N MET A 295 -34.58 -5.69 -9.75
CA MET A 295 -34.30 -4.53 -8.89
C MET A 295 -33.31 -4.94 -7.81
N ILE A 296 -32.28 -4.11 -7.59
CA ILE A 296 -31.26 -4.35 -6.60
C ILE A 296 -30.98 -3.05 -5.85
N PHE A 297 -30.18 -3.16 -4.80
CA PHE A 297 -29.74 -2.01 -4.02
C PHE A 297 -28.36 -1.56 -4.48
N VAL A 298 -28.15 -0.25 -4.50
CA VAL A 298 -26.92 0.33 -5.04
C VAL A 298 -25.95 0.66 -3.91
N CYS A 299 -26.48 0.97 -2.72
CA CYS A 299 -25.64 1.32 -1.59
C CYS A 299 -26.45 1.23 -0.31
N SER A 300 -25.73 1.18 0.82
CA SER A 300 -26.36 1.07 2.13
C SER A 300 -25.69 2.02 3.10
N ALA A 301 -26.32 2.22 4.24
CA ALA A 301 -25.80 3.09 5.29
C ALA A 301 -26.46 2.71 6.60
N THR A 302 -25.67 2.70 7.68
CA THR A 302 -26.16 2.31 9.00
C THR A 302 -25.93 3.44 10.00
N HIS A 303 -26.80 3.53 10.99
CA HIS A 303 -26.70 4.53 12.04
C HIS A 303 -27.08 3.89 13.36
N LYS A 304 -26.18 3.93 14.34
CA LYS A 304 -26.37 3.29 15.63
C LYS A 304 -26.67 4.34 16.70
N THR A 305 -27.72 4.09 17.47
CA THR A 305 -28.00 4.81 18.70
C THR A 305 -27.77 3.88 19.89
N LYS A 306 -27.71 4.45 21.09
CA LYS A 306 -27.68 3.62 22.28
C LYS A 306 -29.05 3.06 22.62
N SER A 307 -30.08 3.38 21.84
CA SER A 307 -31.43 2.87 22.01
C SER A 307 -31.86 1.94 20.88
N MET A 308 -31.70 2.37 19.63
CA MET A 308 -32.12 1.60 18.47
C MET A 308 -31.08 1.73 17.37
N PHE A 309 -31.32 1.02 16.27
CA PHE A 309 -30.48 1.14 15.08
C PHE A 309 -31.33 0.87 13.85
N PHE A 310 -31.00 1.55 12.75
CA PHE A 310 -31.72 1.41 11.50
C PHE A 310 -30.75 1.40 10.34
N PHE A 311 -31.25 1.00 9.18
CA PHE A 311 -30.47 0.97 7.95
C PHE A 311 -31.16 1.80 6.88
N LEU A 312 -30.38 2.30 5.93
CA LEU A 312 -30.90 3.02 4.78
C LEU A 312 -30.34 2.38 3.52
N ALA A 313 -31.24 2.00 2.61
CA ALA A 313 -30.84 1.32 1.37
C ALA A 313 -31.50 2.00 0.19
N GLN A 314 -30.71 2.32 -0.84
CA GLN A 314 -31.20 2.97 -2.04
C GLN A 314 -31.30 1.96 -3.18
N THR A 315 -32.37 2.07 -3.95
CA THR A 315 -32.60 1.21 -5.09
C THR A 315 -31.99 1.81 -6.36
N GLU A 316 -31.97 0.99 -7.43
CA GLU A 316 -31.56 1.50 -8.73
C GLU A 316 -32.40 2.72 -9.13
N GLN A 317 -33.69 2.69 -8.80
CA GLN A 317 -34.58 3.81 -9.09
C GLN A 317 -34.25 5.06 -8.29
N GLY A 318 -33.39 4.94 -7.27
CA GLY A 318 -33.06 6.07 -6.42
C GLY A 318 -33.92 6.20 -5.19
N ASP A 319 -34.79 5.23 -4.91
CA ASP A 319 -35.66 5.27 -3.75
C ASP A 319 -34.89 4.77 -2.53
N ILE A 320 -34.84 5.59 -1.49
CA ILE A 320 -34.21 5.24 -0.22
C ILE A 320 -35.28 4.74 0.72
N PHE A 321 -35.09 3.50 1.19
CA PHE A 321 -35.94 2.85 2.18
C PHE A 321 -35.19 2.74 3.51
N LYS A 322 -35.94 2.86 4.60
CA LYS A 322 -35.41 2.63 5.93
C LYS A 322 -35.80 1.22 6.38
N ILE A 323 -34.83 0.50 6.95
CA ILE A 323 -34.99 -0.90 7.32
C ILE A 323 -34.72 -1.03 8.81
N THR A 324 -35.58 -1.78 9.49
CA THR A 324 -35.40 -2.10 10.90
C THR A 324 -35.65 -3.59 11.11
N LEU A 325 -35.01 -4.15 12.13
CA LEU A 325 -35.18 -5.55 12.51
C LEU A 325 -35.95 -5.62 13.82
N GLU A 326 -36.96 -6.47 13.86
CA GLU A 326 -37.74 -6.68 15.08
C GLU A 326 -37.07 -7.74 15.94
N THR A 327 -36.93 -7.44 17.23
CA THR A 327 -36.10 -8.22 18.14
C THR A 327 -36.97 -9.02 19.10
N ASP A 328 -36.70 -10.33 19.18
CA ASP A 328 -37.27 -11.21 20.20
C ASP A 328 -36.07 -11.88 20.88
N GLU A 329 -35.40 -11.12 21.74
CA GLU A 329 -34.22 -11.56 22.49
C GLU A 329 -33.13 -11.92 21.48
N ASP A 330 -32.69 -13.18 21.40
CA ASP A 330 -31.56 -13.51 20.55
C ASP A 330 -31.96 -13.52 19.08
N MET A 331 -33.09 -14.14 18.76
CA MET A 331 -33.52 -14.26 17.38
C MET A 331 -34.22 -12.98 16.92
N VAL A 332 -34.29 -12.80 15.61
CA VAL A 332 -35.07 -11.74 14.99
C VAL A 332 -36.36 -12.37 14.47
N THR A 333 -37.43 -11.56 14.45
CA THR A 333 -38.73 -12.05 14.01
C THR A 333 -39.06 -11.64 12.58
N GLU A 334 -38.71 -10.42 12.18
CA GLU A 334 -39.15 -9.92 10.89
C GLU A 334 -38.25 -8.77 10.44
N ILE A 335 -38.33 -8.48 9.14
CA ILE A 335 -37.65 -7.35 8.53
C ILE A 335 -38.70 -6.32 8.15
N ARG A 336 -38.52 -5.08 8.57
CA ARG A 336 -39.46 -4.01 8.29
C ARG A 336 -38.82 -2.94 7.41
N LEU A 337 -39.60 -2.40 6.47
CA LEU A 337 -39.11 -1.43 5.50
C LEU A 337 -40.12 -0.31 5.34
N LYS A 338 -39.62 0.90 5.11
CA LYS A 338 -40.47 2.07 4.94
C LYS A 338 -39.83 3.01 3.93
N TYR A 339 -40.61 3.42 2.93
CA TYR A 339 -40.11 4.33 1.90
C TYR A 339 -39.71 5.66 2.53
N PHE A 340 -38.40 5.94 2.55
CA PHE A 340 -37.92 7.18 3.14
C PHE A 340 -38.04 8.35 2.16
N ASP A 341 -37.26 8.32 1.08
CA ASP A 341 -37.25 9.46 0.16
C ASP A 341 -36.69 9.04 -1.20
N THR A 342 -36.38 10.03 -2.03
CA THR A 342 -35.85 9.80 -3.38
C THR A 342 -34.78 10.85 -3.68
N VAL A 343 -33.53 10.41 -3.78
CA VAL A 343 -32.42 11.28 -4.17
C VAL A 343 -31.76 10.63 -5.38
N PRO A 344 -30.87 11.34 -6.10
CA PRO A 344 -30.16 10.69 -7.20
C PRO A 344 -29.38 9.47 -6.75
N VAL A 345 -29.23 8.52 -7.67
CA VAL A 345 -28.55 7.26 -7.35
C VAL A 345 -27.14 7.55 -6.87
N ALA A 346 -26.76 6.91 -5.76
CA ALA A 346 -25.53 7.22 -5.06
C ALA A 346 -24.59 6.02 -5.05
N ALA A 347 -23.31 6.32 -4.87
CA ALA A 347 -22.32 5.27 -4.63
C ALA A 347 -22.02 5.07 -3.15
N ALA A 348 -22.35 6.05 -2.31
CA ALA A 348 -22.10 5.96 -0.88
C ALA A 348 -23.02 6.93 -0.16
N MET A 349 -23.53 6.51 1.00
CA MET A 349 -24.34 7.35 1.86
C MET A 349 -23.79 7.31 3.28
N CYS A 350 -23.90 8.43 3.98
CA CYS A 350 -23.36 8.56 5.34
C CYS A 350 -24.38 9.26 6.23
N VAL A 351 -24.77 8.60 7.31
CA VAL A 351 -25.69 9.16 8.29
C VAL A 351 -24.83 9.66 9.45
N LEU A 352 -24.62 10.97 9.51
CA LEU A 352 -23.85 11.56 10.60
C LEU A 352 -24.75 11.77 11.82
N LYS A 353 -24.15 12.21 12.91
CA LYS A 353 -24.93 12.71 14.03
C LYS A 353 -25.40 14.13 13.72
N THR A 354 -26.15 14.72 14.64
CA THR A 354 -26.74 16.06 14.48
C THR A 354 -27.65 16.13 13.25
N GLY A 355 -28.16 14.99 12.79
CA GLY A 355 -29.17 14.94 11.75
C GLY A 355 -28.74 15.47 10.40
N PHE A 356 -27.74 14.82 9.79
CA PHE A 356 -27.28 15.19 8.46
C PHE A 356 -26.97 13.93 7.67
N LEU A 357 -27.39 13.91 6.41
CA LEU A 357 -27.16 12.79 5.50
C LEU A 357 -26.37 13.28 4.30
N PHE A 358 -25.22 12.67 4.06
CA PHE A 358 -24.37 13.01 2.93
C PHE A 358 -24.56 11.97 1.84
N VAL A 359 -24.96 12.40 0.65
CA VAL A 359 -25.17 11.53 -0.49
C VAL A 359 -24.13 11.88 -1.56
N ALA A 360 -23.29 10.91 -1.89
CA ALA A 360 -22.26 11.03 -2.91
C ALA A 360 -22.76 10.32 -4.15
N SER A 361 -23.25 11.09 -5.11
CA SER A 361 -23.84 10.53 -6.32
C SER A 361 -22.79 9.82 -7.17
N GLU A 362 -23.22 8.75 -7.84
CA GLU A 362 -22.32 8.06 -8.76
C GLU A 362 -21.95 8.95 -9.95
N PHE A 363 -22.82 9.90 -10.30
CA PHE A 363 -22.54 10.88 -11.33
C PHE A 363 -23.23 12.18 -10.98
N GLY A 364 -22.68 13.27 -11.49
CA GLY A 364 -23.25 14.58 -11.24
C GLY A 364 -22.97 15.09 -9.85
N ASN A 365 -23.63 16.19 -9.51
CA ASN A 365 -23.41 16.88 -8.24
C ASN A 365 -23.76 15.97 -7.07
N HIS A 366 -23.13 16.24 -5.93
CA HIS A 366 -23.39 15.53 -4.68
C HIS A 366 -24.19 16.42 -3.74
N TYR A 367 -24.79 15.83 -2.70
CA TYR A 367 -25.67 16.62 -1.86
C TYR A 367 -25.48 16.27 -0.39
N LEU A 368 -25.93 17.21 0.46
CA LEU A 368 -26.03 17.01 1.90
C LEU A 368 -27.39 17.53 2.33
N TYR A 369 -28.14 16.68 3.04
CA TYR A 369 -29.46 17.00 3.55
C TYR A 369 -29.45 17.02 5.07
N GLN A 370 -30.47 17.66 5.64
CA GLN A 370 -30.75 17.61 7.06
C GLN A 370 -31.99 16.76 7.28
N ILE A 371 -31.94 15.86 8.25
CA ILE A 371 -33.07 14.98 8.54
C ILE A 371 -34.03 15.74 9.44
N ALA A 372 -35.23 16.02 8.92
CA ALA A 372 -36.27 16.67 9.71
C ALA A 372 -37.10 15.66 10.48
N HIS A 373 -37.54 14.60 9.83
CA HIS A 373 -38.31 13.54 10.46
C HIS A 373 -37.81 12.19 9.96
N LEU A 374 -37.59 11.26 10.88
CA LEU A 374 -37.11 9.94 10.52
C LEU A 374 -38.22 9.02 9.99
N GLY A 375 -39.40 9.56 9.72
CA GLY A 375 -40.48 8.75 9.20
C GLY A 375 -41.08 7.75 10.15
N ASP A 376 -40.97 7.99 11.46
CA ASP A 376 -41.58 7.08 12.44
C ASP A 376 -43.06 7.40 12.65
N ASP A 377 -43.39 8.68 12.80
CA ASP A 377 -44.79 9.11 12.85
C ASP A 377 -45.31 9.37 11.44
N ASP A 378 -45.20 8.34 10.61
CA ASP A 378 -45.55 8.42 9.20
C ASP A 378 -46.90 7.73 8.97
N GLU A 379 -47.80 8.43 8.29
CA GLU A 379 -49.07 7.83 7.90
C GLU A 379 -48.90 6.84 6.75
N GLU A 380 -47.79 6.94 6.02
CA GLU A 380 -47.54 6.05 4.90
C GLU A 380 -47.34 4.62 5.41
N PRO A 381 -47.73 3.62 4.62
CA PRO A 381 -47.66 2.24 5.11
C PRO A 381 -46.22 1.75 5.21
N GLU A 382 -45.93 1.06 6.30
CA GLU A 382 -44.66 0.37 6.48
C GLU A 382 -44.86 -1.11 6.19
N PHE A 383 -43.87 -1.72 5.56
CA PHE A 383 -43.95 -3.10 5.10
C PHE A 383 -43.12 -4.00 6.01
N SER A 384 -43.36 -5.31 5.90
CA SER A 384 -42.69 -6.26 6.77
C SER A 384 -42.69 -7.63 6.11
N SER A 385 -41.78 -8.48 6.58
CA SER A 385 -41.74 -9.86 6.11
C SER A 385 -42.90 -10.69 6.65
N ALA A 386 -43.58 -10.21 7.69
CA ALA A 386 -44.70 -10.96 8.26
C ALA A 386 -45.91 -10.95 7.32
N MET A 387 -46.12 -9.84 6.61
CA MET A 387 -47.23 -9.76 5.67
C MET A 387 -47.11 -10.86 4.62
N PRO A 388 -48.14 -11.66 4.42
CA PRO A 388 -48.01 -12.85 3.56
C PRO A 388 -48.46 -12.60 2.14
N LEU A 389 -47.84 -13.28 1.18
CA LEU A 389 -48.36 -13.28 -0.18
C LEU A 389 -47.75 -14.42 -0.98
N GLU A 390 -48.43 -14.74 -2.08
CA GLU A 390 -48.11 -15.84 -2.96
C GLU A 390 -47.98 -15.32 -4.39
N GLU A 391 -47.70 -16.22 -5.32
CA GLU A 391 -47.55 -15.95 -6.75
C GLU A 391 -46.42 -14.95 -7.02
N GLY A 392 -45.62 -14.62 -6.02
CA GLY A 392 -44.52 -13.70 -6.24
C GLY A 392 -44.90 -12.27 -6.45
N ASP A 393 -46.16 -11.90 -6.25
CA ASP A 393 -46.53 -10.49 -6.33
C ASP A 393 -45.94 -9.77 -5.13
N THR A 394 -45.53 -8.51 -5.34
CA THR A 394 -44.69 -7.79 -4.41
C THR A 394 -45.46 -6.62 -3.78
N PHE A 395 -44.79 -5.97 -2.84
CA PHE A 395 -45.34 -4.79 -2.17
C PHE A 395 -45.15 -3.57 -3.07
N PHE A 396 -46.11 -2.65 -2.99
CA PHE A 396 -46.08 -1.46 -3.84
C PHE A 396 -46.14 -0.18 -3.01
N PHE A 397 -45.79 0.92 -3.66
CA PHE A 397 -45.66 2.23 -3.04
C PHE A 397 -45.51 3.27 -4.13
N GLN A 398 -45.99 4.48 -3.87
CA GLN A 398 -45.86 5.55 -4.83
C GLN A 398 -44.82 6.55 -4.37
N PRO A 399 -43.85 6.90 -5.23
CA PRO A 399 -42.86 7.90 -4.84
C PRO A 399 -43.49 9.28 -4.70
N ARG A 400 -42.90 10.08 -3.82
CA ARG A 400 -43.42 11.38 -3.47
C ARG A 400 -42.27 12.36 -3.33
N PRO A 401 -42.52 13.66 -3.49
CA PRO A 401 -41.48 14.65 -3.22
C PRO A 401 -40.94 14.54 -1.81
N LEU A 402 -39.67 14.89 -1.65
CA LEU A 402 -38.98 14.66 -0.38
C LEU A 402 -39.53 15.57 0.71
N LYS A 403 -39.78 15.00 1.88
CA LYS A 403 -40.13 15.77 3.07
C LYS A 403 -39.40 15.31 4.32
N ASN A 404 -38.92 14.06 4.38
CA ASN A 404 -38.07 13.66 5.50
C ASN A 404 -36.73 14.39 5.48
N LEU A 405 -36.27 14.82 4.29
CA LEU A 405 -35.00 15.49 4.13
C LEU A 405 -35.19 16.86 3.53
N VAL A 406 -34.27 17.77 3.85
CA VAL A 406 -34.23 19.11 3.28
C VAL A 406 -32.83 19.37 2.75
N LEU A 407 -32.75 19.82 1.49
CA LEU A 407 -31.46 20.05 0.84
C LEU A 407 -30.76 21.24 1.50
N VAL A 408 -29.65 20.97 2.18
CA VAL A 408 -28.90 22.02 2.84
C VAL A 408 -27.59 22.36 2.13
N ASP A 409 -27.06 21.46 1.29
CA ASP A 409 -25.88 21.83 0.50
C ASP A 409 -25.81 20.99 -0.76
N GLU A 410 -25.29 21.60 -1.82
CA GLU A 410 -25.08 20.93 -3.10
C GLU A 410 -23.65 21.21 -3.56
N LEU A 411 -22.93 20.16 -3.93
CA LEU A 411 -21.53 20.24 -4.35
C LEU A 411 -21.45 19.95 -5.84
N ASP A 412 -20.90 20.91 -6.59
CA ASP A 412 -20.77 20.75 -8.03
C ASP A 412 -19.78 19.65 -8.37
N SER A 413 -20.14 18.83 -9.36
CA SER A 413 -19.29 17.73 -9.81
C SER A 413 -19.36 17.66 -11.33
N LEU A 414 -18.23 17.92 -11.98
CA LEU A 414 -18.16 17.87 -13.43
C LEU A 414 -18.14 16.44 -13.98
N SER A 415 -17.95 15.45 -13.12
CA SER A 415 -18.05 14.07 -13.58
C SER A 415 -19.50 13.77 -13.97
N PRO A 416 -19.73 13.09 -15.11
CA PRO A 416 -18.67 12.67 -16.05
C PRO A 416 -18.56 13.59 -17.27
N ILE A 417 -17.35 14.08 -17.54
CA ILE A 417 -17.13 14.96 -18.68
C ILE A 417 -17.08 14.12 -19.95
N LEU A 418 -18.04 14.33 -20.85
CA LEU A 418 -18.10 13.57 -22.09
C LEU A 418 -17.61 14.34 -23.30
N PHE A 419 -17.67 15.67 -23.27
CA PHE A 419 -17.13 16.45 -24.37
C PHE A 419 -16.71 17.82 -23.85
N CYS A 420 -15.72 18.41 -24.50
CA CYS A 420 -15.25 19.72 -24.07
C CYS A 420 -14.72 20.52 -25.26
N GLN A 421 -14.96 21.83 -25.22
CA GLN A 421 -14.45 22.75 -26.24
C GLN A 421 -14.05 24.05 -25.56
N ILE A 422 -12.85 24.53 -25.84
CA ILE A 422 -12.34 25.76 -25.25
C ILE A 422 -12.44 26.87 -26.30
N ALA A 423 -13.16 27.93 -25.97
CA ALA A 423 -13.40 29.00 -26.93
C ALA A 423 -13.92 30.24 -26.20
N ASP A 424 -13.63 31.41 -26.78
CA ASP A 424 -14.11 32.69 -26.27
C ASP A 424 -15.37 33.06 -27.06
N LEU A 425 -16.49 32.42 -26.70
CA LEU A 425 -17.75 32.69 -27.38
C LEU A 425 -18.32 34.03 -26.96
N ALA A 426 -18.41 34.28 -25.65
CA ALA A 426 -18.69 35.62 -25.16
C ALA A 426 -17.42 36.47 -25.31
N ASN A 427 -17.58 37.68 -25.81
CA ASN A 427 -16.40 38.50 -26.08
C ASN A 427 -15.76 38.99 -24.80
N GLU A 428 -15.22 38.06 -24.01
CA GLU A 428 -14.47 38.34 -22.79
C GLU A 428 -12.97 38.45 -23.05
N ASP A 429 -12.54 38.25 -24.30
CA ASP A 429 -11.15 38.32 -24.75
C ASP A 429 -10.30 37.17 -24.21
N THR A 430 -10.84 36.38 -23.27
CA THR A 430 -10.19 35.18 -22.78
C THR A 430 -11.16 34.01 -22.89
N PRO A 431 -10.69 32.84 -23.34
CA PRO A 431 -11.60 31.74 -23.64
C PRO A 431 -12.21 31.12 -22.38
N GLN A 432 -13.33 30.43 -22.59
CA GLN A 432 -14.03 29.70 -21.55
C GLN A 432 -14.16 28.24 -21.99
N LEU A 433 -14.42 27.36 -21.01
CA LEU A 433 -14.54 25.93 -21.27
C LEU A 433 -16.00 25.54 -21.32
N TYR A 434 -16.45 25.02 -22.46
CA TYR A 434 -17.82 24.56 -22.64
C TYR A 434 -17.79 23.04 -22.56
N VAL A 435 -18.38 22.50 -21.50
CA VAL A 435 -18.22 21.10 -21.11
C VAL A 435 -19.59 20.43 -21.13
N ALA A 436 -19.76 19.46 -22.02
CA ALA A 436 -20.95 18.61 -22.03
C ALA A 436 -20.68 17.44 -21.10
N CYS A 437 -21.34 17.42 -19.96
CA CYS A 437 -21.11 16.41 -18.94
C CYS A 437 -22.44 16.02 -18.33
N GLY A 438 -22.40 15.46 -17.12
CA GLY A 438 -23.59 14.93 -16.49
C GLY A 438 -24.02 13.63 -17.15
N ARG A 439 -25.08 13.04 -16.60
CA ARG A 439 -25.55 11.75 -17.09
C ARG A 439 -27.07 11.66 -16.93
N GLY A 440 -27.73 11.16 -17.97
CA GLY A 440 -29.17 11.01 -17.97
C GLY A 440 -29.89 12.34 -17.85
N PRO A 441 -31.02 12.35 -17.12
CA PRO A 441 -31.71 13.62 -16.88
C PRO A 441 -30.89 14.62 -16.10
N ARG A 442 -29.85 14.17 -15.41
CA ARG A 442 -28.96 15.05 -14.67
C ARG A 442 -27.79 15.53 -15.51
N SER A 443 -27.84 15.34 -16.82
CA SER A 443 -26.80 15.85 -17.71
C SER A 443 -26.88 17.37 -17.79
N SER A 444 -25.74 17.97 -18.14
CA SER A 444 -25.68 19.43 -18.14
C SER A 444 -24.57 19.90 -19.07
N LEU A 445 -24.81 21.04 -19.71
CA LEU A 445 -23.77 21.76 -20.42
C LEU A 445 -23.33 22.92 -19.52
N ARG A 446 -22.05 22.95 -19.19
CA ARG A 446 -21.54 23.90 -18.22
C ARG A 446 -20.47 24.78 -18.85
N VAL A 447 -20.50 26.05 -18.49
CA VAL A 447 -19.51 27.02 -18.93
C VAL A 447 -18.61 27.33 -17.74
N LEU A 448 -17.32 27.13 -17.93
CA LEU A 448 -16.31 27.32 -16.88
C LEU A 448 -15.40 28.48 -17.25
N ARG A 449 -15.16 29.35 -16.26
CA ARG A 449 -14.22 30.45 -16.34
C ARG A 449 -13.24 30.34 -15.17
N HIS A 450 -12.24 31.22 -15.14
CA HIS A 450 -11.30 31.20 -14.02
C HIS A 450 -10.61 32.56 -13.93
N GLY A 451 -10.16 32.88 -12.72
CA GLY A 451 -9.48 34.13 -12.46
C GLY A 451 -8.97 34.27 -11.04
N VAL A 465 -8.82 27.23 -9.46
CA VAL A 465 -10.16 26.66 -9.46
C VAL A 465 -11.04 27.46 -10.43
N PHE A 466 -12.09 26.82 -10.94
CA PHE A 466 -12.95 27.40 -11.95
C PHE A 466 -14.31 27.79 -11.36
N ASN A 467 -14.91 28.81 -11.95
CA ASN A 467 -16.31 29.13 -11.76
C ASN A 467 -17.12 28.47 -12.86
N GLN A 468 -18.34 28.02 -12.51
CA GLN A 468 -19.15 27.28 -13.46
C GLN A 468 -20.59 27.77 -13.45
N VAL A 469 -21.22 27.70 -14.62
CA VAL A 469 -22.66 27.88 -14.76
C VAL A 469 -23.21 26.70 -15.56
N ALA A 470 -24.35 26.17 -15.13
CA ALA A 470 -24.85 24.92 -15.67
C ALA A 470 -26.22 25.10 -16.31
N PHE A 471 -26.40 24.49 -17.47
CA PHE A 471 -27.69 24.45 -18.16
C PHE A 471 -28.12 23.00 -18.28
N PRO A 472 -29.30 22.64 -17.76
CA PRO A 472 -29.73 21.23 -17.80
C PRO A 472 -29.95 20.74 -19.22
N LEU A 473 -29.89 19.42 -19.37
CA LEU A 473 -30.11 18.75 -20.64
C LEU A 473 -31.05 17.58 -20.44
N GLN A 474 -31.52 17.01 -21.55
CA GLN A 474 -32.50 15.93 -21.49
C GLN A 474 -31.82 14.58 -21.27
N TYR A 475 -30.95 14.18 -22.20
CA TYR A 475 -30.24 12.92 -22.12
C TYR A 475 -28.74 13.18 -22.01
N THR A 476 -27.96 12.10 -22.08
CA THR A 476 -26.50 12.20 -21.94
C THR A 476 -25.88 12.77 -23.20
N PRO A 477 -25.21 13.92 -23.13
CA PRO A 477 -24.66 14.52 -24.36
C PRO A 477 -23.45 13.74 -24.84
N ARG A 478 -23.35 13.59 -26.16
CA ARG A 478 -22.25 12.86 -26.77
C ARG A 478 -21.23 13.79 -27.41
N LYS A 479 -21.64 14.58 -28.40
CA LYS A 479 -20.78 15.57 -29.02
C LYS A 479 -21.56 16.87 -29.18
N PHE A 480 -20.84 17.95 -29.44
CA PHE A 480 -21.47 19.21 -29.84
C PHE A 480 -20.48 20.01 -30.67
N VAL A 481 -21.01 20.72 -31.67
CA VAL A 481 -20.20 21.55 -32.56
C VAL A 481 -20.64 23.00 -32.41
N ILE A 482 -19.78 23.91 -32.87
CA ILE A 482 -20.01 25.35 -32.76
C ILE A 482 -20.24 25.91 -34.15
N HIS A 483 -21.30 26.70 -34.30
CA HIS A 483 -21.56 27.40 -35.56
C HIS A 483 -20.65 28.63 -35.64
N PRO A 484 -19.78 28.73 -36.65
CA PRO A 484 -18.82 29.85 -36.66
C PRO A 484 -19.47 31.22 -36.71
N GLU A 485 -20.54 31.38 -37.48
CA GLU A 485 -21.15 32.70 -37.62
C GLU A 485 -22.03 33.04 -36.42
N SER A 486 -22.76 32.07 -35.89
CA SER A 486 -23.73 32.33 -34.83
C SER A 486 -23.18 32.10 -33.42
N ASN A 487 -22.14 31.27 -33.27
CA ASN A 487 -21.52 30.87 -32.02
C ASN A 487 -22.38 29.93 -31.18
N ASN A 488 -23.59 29.61 -31.62
CA ASN A 488 -24.44 28.69 -30.87
C ASN A 488 -23.91 27.26 -30.99
N LEU A 489 -24.40 26.38 -30.12
CA LEU A 489 -23.93 25.01 -30.04
C LEU A 489 -24.99 24.06 -30.55
N ILE A 490 -24.55 23.08 -31.35
CA ILE A 490 -25.43 22.02 -31.84
C ILE A 490 -25.12 20.74 -31.08
N ILE A 491 -25.88 20.48 -30.00
CA ILE A 491 -25.62 19.36 -29.10
C ILE A 491 -26.49 18.18 -29.52
N ILE A 492 -25.94 16.98 -29.38
CA ILE A 492 -26.70 15.73 -29.54
C ILE A 492 -26.64 14.98 -28.22
N GLU A 493 -27.81 14.55 -27.74
CA GLU A 493 -27.93 13.84 -26.48
C GLU A 493 -28.56 12.49 -26.74
N THR A 494 -27.91 11.43 -26.29
CA THR A 494 -28.35 10.07 -26.54
C THR A 494 -28.21 9.24 -25.27
N ASP A 495 -29.17 8.34 -25.04
CA ASP A 495 -29.12 7.44 -23.90
C ASP A 495 -29.70 6.10 -24.29
N HIS A 496 -29.18 5.05 -23.66
CA HIS A 496 -29.55 3.68 -23.93
C HIS A 496 -30.76 3.27 -23.08
N ASN A 497 -31.54 2.33 -23.62
CA ASN A 497 -32.74 1.79 -22.97
C ASN A 497 -33.54 2.87 -22.25
N ALA A 498 -33.81 3.95 -22.97
CA ALA A 498 -34.64 5.04 -22.50
C ALA A 498 -35.77 5.28 -23.48
N TYR A 499 -36.84 5.92 -23.00
CA TYR A 499 -37.99 6.25 -23.81
C TYR A 499 -37.86 7.65 -24.37
N THR A 500 -38.35 7.84 -25.60
CA THR A 500 -38.53 9.18 -26.12
C THR A 500 -39.77 9.81 -25.50
N GLU A 501 -39.95 11.10 -25.73
CA GLU A 501 -41.09 11.81 -25.15
C GLU A 501 -42.41 11.25 -25.67
N ALA A 502 -42.52 11.08 -26.99
CA ALA A 502 -43.71 10.47 -27.57
C ALA A 502 -43.91 9.05 -27.05
N THR A 503 -42.82 8.30 -26.90
CA THR A 503 -42.93 6.92 -26.46
C THR A 503 -43.36 6.82 -25.01
N LYS A 504 -42.82 7.68 -24.13
CA LYS A 504 -43.28 7.65 -22.75
C LYS A 504 -44.71 8.13 -22.62
N ALA A 505 -45.13 9.09 -23.46
CA ALA A 505 -46.54 9.51 -23.46
C ALA A 505 -47.45 8.36 -23.87
N GLN A 506 -47.13 7.67 -24.97
CA GLN A 506 -47.97 6.58 -25.42
C GLN A 506 -47.93 5.39 -24.46
N ARG A 507 -46.79 5.19 -23.77
CA ARG A 507 -46.73 4.13 -22.76
C ARG A 507 -47.61 4.46 -21.57
N LYS A 508 -47.59 5.72 -21.11
CA LYS A 508 -48.51 6.16 -20.07
C LYS A 508 -49.96 5.94 -20.49
N GLN A 509 -50.27 6.25 -21.76
CA GLN A 509 -51.63 6.08 -22.25
C GLN A 509 -52.04 4.61 -22.25
N GLN A 510 -51.16 3.74 -22.73
CA GLN A 510 -51.47 2.31 -22.75
C GLN A 510 -51.63 1.77 -21.33
N MET A 511 -50.81 2.23 -20.39
CA MET A 511 -50.92 1.79 -19.01
C MET A 511 -52.26 2.23 -18.41
N ALA A 512 -52.64 3.49 -18.64
CA ALA A 512 -53.90 3.98 -18.10
C ALA A 512 -55.10 3.25 -18.70
N GLU A 513 -55.03 2.93 -19.99
CA GLU A 513 -56.13 2.22 -20.63
C GLU A 513 -56.19 0.76 -20.22
N GLU A 514 -55.04 0.15 -19.92
CA GLU A 514 -55.03 -1.25 -19.51
C GLU A 514 -55.41 -1.43 -18.05
N MET A 515 -55.16 -0.42 -17.21
CA MET A 515 -55.40 -0.57 -15.78
C MET A 515 -56.87 -0.36 -15.41
N VAL A 516 -57.67 0.26 -16.27
CA VAL A 516 -59.08 0.45 -15.95
C VAL A 516 -59.89 -0.83 -16.12
N GLU A 517 -59.40 -1.78 -16.92
CA GLU A 517 -60.05 -3.08 -17.02
C GLU A 517 -59.80 -3.88 -15.75
N ALA A 518 -60.86 -4.30 -15.09
CA ALA A 518 -60.76 -5.07 -13.85
C ALA A 518 -61.97 -5.98 -13.68
N GLU A 525 -65.39 1.22 -9.80
CA GLU A 525 -65.01 1.81 -11.07
C GLU A 525 -64.45 3.22 -10.88
N LEU A 526 -63.65 3.38 -9.81
CA LEU A 526 -62.90 4.60 -9.55
C LEU A 526 -61.59 4.65 -10.33
N ALA A 527 -61.27 3.58 -11.07
CA ALA A 527 -60.06 3.52 -11.89
C ALA A 527 -59.97 4.67 -12.89
N ALA A 528 -61.10 5.24 -13.33
CA ALA A 528 -61.03 6.40 -14.22
C ALA A 528 -60.39 7.59 -13.52
N GLU A 529 -60.85 7.91 -12.31
CA GLU A 529 -60.26 9.00 -11.55
C GLU A 529 -58.81 8.69 -11.18
N MET A 530 -58.52 7.43 -10.84
CA MET A 530 -57.15 7.05 -10.51
C MET A 530 -56.23 7.21 -11.73
N ALA A 531 -56.73 6.88 -12.92
CA ALA A 531 -55.93 7.03 -14.13
C ALA A 531 -55.74 8.50 -14.48
N ALA A 532 -56.76 9.33 -14.25
CA ALA A 532 -56.59 10.77 -14.44
C ALA A 532 -55.50 11.31 -13.52
N ALA A 533 -55.52 10.89 -12.25
CA ALA A 533 -54.49 11.33 -11.31
C ALA A 533 -53.12 10.80 -11.71
N PHE A 534 -53.05 9.60 -12.30
CA PHE A 534 -51.77 9.04 -12.71
C PHE A 534 -51.21 9.76 -13.92
N LEU A 535 -52.05 10.06 -14.91
CA LEU A 535 -51.56 10.76 -16.10
C LEU A 535 -51.20 12.21 -15.80
N ASN A 536 -51.99 12.87 -14.95
CA ASN A 536 -51.65 14.25 -14.59
C ASN A 536 -50.41 14.35 -13.70
N GLU A 537 -49.81 13.22 -13.33
CA GLU A 537 -48.65 13.19 -12.44
C GLU A 537 -47.41 12.98 -13.30
N ASN A 538 -46.66 14.05 -13.53
CA ASN A 538 -45.41 14.01 -14.28
C ASN A 538 -44.28 14.32 -13.31
N LEU A 539 -43.70 13.28 -12.72
CA LEU A 539 -42.60 13.47 -11.80
C LEU A 539 -41.33 13.84 -12.55
N PRO A 540 -40.55 14.79 -12.04
CA PRO A 540 -39.32 15.20 -12.75
C PRO A 540 -38.32 14.06 -12.82
N GLU A 541 -37.94 13.71 -14.06
CA GLU A 541 -36.88 12.72 -14.25
C GLU A 541 -35.56 13.16 -13.64
N SER A 542 -35.38 14.48 -13.45
CA SER A 542 -34.18 15.00 -12.82
C SER A 542 -33.96 14.47 -11.40
N ILE A 543 -35.03 14.05 -10.71
CA ILE A 543 -34.95 13.61 -9.32
C ILE A 543 -35.32 12.15 -9.19
N PHE A 544 -36.46 11.75 -9.74
CA PHE A 544 -36.99 10.40 -9.58
C PHE A 544 -36.49 9.44 -10.66
N GLY A 545 -35.48 9.84 -11.42
CA GLY A 545 -34.91 8.99 -12.44
C GLY A 545 -35.71 9.01 -13.74
N ALA A 546 -35.04 8.65 -14.82
CA ALA A 546 -35.71 8.55 -16.11
C ALA A 546 -36.37 7.18 -16.25
N PRO A 547 -37.65 7.13 -16.60
CA PRO A 547 -38.29 5.82 -16.85
C PRO A 547 -37.59 5.08 -17.97
N LYS A 548 -36.68 4.18 -17.61
CA LYS A 548 -35.81 3.52 -18.56
C LYS A 548 -36.22 2.05 -18.70
N ALA A 549 -36.27 1.58 -19.94
CA ALA A 549 -36.74 0.22 -20.20
C ALA A 549 -36.30 -0.23 -21.58
N GLY A 550 -35.97 -1.50 -21.70
CA GLY A 550 -35.62 -2.13 -22.96
C GLY A 550 -34.18 -2.59 -22.98
N ASN A 551 -33.87 -3.39 -24.00
CA ASN A 551 -32.51 -3.86 -24.24
C ASN A 551 -31.81 -3.08 -25.33
N GLY A 552 -32.54 -2.67 -26.37
CA GLY A 552 -31.95 -1.92 -27.46
C GLY A 552 -32.72 -0.65 -27.79
N GLN A 553 -33.40 -0.09 -26.79
CA GLN A 553 -34.11 1.17 -26.98
C GLN A 553 -33.13 2.32 -26.83
N TRP A 554 -33.33 3.36 -27.64
CA TRP A 554 -32.38 4.47 -27.67
C TRP A 554 -33.16 5.78 -27.75
N ALA A 555 -33.00 6.62 -26.74
CA ALA A 555 -33.63 7.94 -26.73
C ALA A 555 -32.59 8.97 -27.15
N SER A 556 -32.85 9.68 -28.25
CA SER A 556 -31.90 10.62 -28.79
C SER A 556 -32.61 11.91 -29.19
N VAL A 557 -31.90 13.02 -29.05
CA VAL A 557 -32.47 14.34 -29.33
C VAL A 557 -31.34 15.28 -29.74
N ILE A 558 -31.66 16.19 -30.66
CA ILE A 558 -30.74 17.23 -31.09
C ILE A 558 -31.24 18.56 -30.54
N ARG A 559 -30.32 19.43 -30.15
CA ARG A 559 -30.75 20.73 -29.65
C ARG A 559 -29.74 21.80 -30.06
N VAL A 560 -30.23 23.03 -30.17
CA VAL A 560 -29.41 24.19 -30.50
C VAL A 560 -29.49 25.15 -29.32
N MET A 561 -28.34 25.39 -28.68
CA MET A 561 -28.30 26.15 -27.44
C MET A 561 -27.46 27.40 -27.60
N ASN A 562 -27.95 28.50 -27.04
CA ASN A 562 -27.14 29.70 -26.92
C ASN A 562 -26.12 29.52 -25.80
N PRO A 563 -24.87 29.91 -26.01
CA PRO A 563 -23.84 29.66 -24.99
C PRO A 563 -23.88 30.63 -23.82
N ILE A 564 -24.51 31.80 -23.97
CA ILE A 564 -24.56 32.78 -22.88
C ILE A 564 -25.83 32.59 -22.05
N GLN A 565 -26.99 32.56 -22.70
CA GLN A 565 -28.24 32.25 -22.02
C GLN A 565 -28.51 30.75 -22.12
N GLY A 566 -28.98 30.17 -21.02
CA GLY A 566 -29.26 28.75 -21.00
C GLY A 566 -30.39 28.29 -21.90
N ASN A 567 -31.05 29.22 -22.60
CA ASN A 567 -32.19 28.85 -23.43
C ASN A 567 -31.73 28.05 -24.65
N THR A 568 -32.61 27.14 -25.09
CA THR A 568 -32.37 26.35 -26.30
C THR A 568 -33.23 26.91 -27.42
N LEU A 569 -32.61 27.15 -28.58
CA LEU A 569 -33.29 27.83 -29.67
C LEU A 569 -34.10 26.89 -30.56
N ASP A 570 -33.81 25.60 -30.53
CA ASP A 570 -34.55 24.61 -31.31
C ASP A 570 -34.22 23.23 -30.79
N LEU A 571 -35.15 22.30 -30.98
CA LEU A 571 -34.95 20.93 -30.53
C LEU A 571 -35.66 19.98 -31.49
N VAL A 572 -34.98 18.87 -31.80
CA VAL A 572 -35.47 17.87 -32.74
C VAL A 572 -35.44 16.52 -32.05
N GLN A 573 -36.61 15.92 -31.85
CA GLN A 573 -36.71 14.59 -31.29
C GLN A 573 -36.63 13.55 -32.40
N LEU A 574 -35.99 12.42 -32.09
CA LEU A 574 -35.78 11.36 -33.06
C LEU A 574 -36.64 10.15 -32.72
N GLU A 575 -36.58 9.14 -33.57
CA GLU A 575 -37.42 7.96 -33.42
C GLU A 575 -37.00 7.15 -32.19
N GLN A 576 -37.80 6.13 -31.88
CA GLN A 576 -37.64 5.41 -30.63
C GLN A 576 -36.35 4.58 -30.59
N ASN A 577 -35.86 4.12 -31.74
CA ASN A 577 -34.64 3.31 -31.77
C ASN A 577 -33.57 3.94 -32.65
N GLU A 578 -33.57 5.26 -32.74
CA GLU A 578 -32.55 6.01 -33.47
C GLU A 578 -31.68 6.75 -32.46
N ALA A 579 -30.38 6.49 -32.51
CA ALA A 579 -29.43 7.00 -31.52
C ALA A 579 -28.35 7.81 -32.21
N ALA A 580 -28.30 9.11 -31.91
CA ALA A 580 -27.29 9.97 -32.52
C ALA A 580 -25.92 9.72 -31.91
N PHE A 581 -24.89 9.76 -32.74
CA PHE A 581 -23.52 9.54 -32.27
C PHE A 581 -22.50 10.51 -32.86
N SER A 582 -22.84 11.26 -33.90
CA SER A 582 -21.90 12.20 -34.50
C SER A 582 -22.66 13.40 -35.02
N VAL A 583 -22.02 14.57 -34.95
CA VAL A 583 -22.61 15.82 -35.39
C VAL A 583 -21.52 16.72 -35.95
N ALA A 584 -21.90 17.56 -36.90
CA ALA A 584 -20.98 18.52 -37.51
C ALA A 584 -21.78 19.54 -38.28
N VAL A 585 -21.34 20.79 -38.24
CA VAL A 585 -21.94 21.88 -39.00
C VAL A 585 -20.90 22.41 -39.97
N CYS A 586 -21.32 22.65 -41.21
CA CYS A 586 -20.38 23.04 -42.25
C CYS A 586 -21.15 23.62 -43.44
N ARG A 587 -20.40 24.15 -44.39
CA ARG A 587 -20.93 24.56 -45.68
C ARG A 587 -20.58 23.50 -46.73
N PHE A 588 -21.05 23.73 -47.95
CA PHE A 588 -20.73 22.88 -49.09
C PHE A 588 -20.37 23.77 -50.27
N SER A 589 -19.29 23.42 -50.97
CA SER A 589 -18.96 24.10 -52.22
C SER A 589 -19.97 23.77 -53.31
N ASN A 590 -20.76 22.71 -53.14
CA ASN A 590 -21.79 22.37 -54.09
C ASN A 590 -22.85 23.47 -54.16
N THR A 591 -23.35 23.90 -53.01
CA THR A 591 -24.34 24.96 -52.92
C THR A 591 -23.65 26.27 -52.58
N GLY A 592 -24.41 27.24 -52.07
CA GLY A 592 -23.87 28.53 -51.70
C GLY A 592 -23.22 28.51 -50.33
N GLU A 593 -23.12 29.69 -49.73
CA GLU A 593 -22.54 29.83 -48.40
C GLU A 593 -23.58 29.64 -47.30
N ASP A 594 -24.72 29.03 -47.61
CA ASP A 594 -25.68 28.65 -46.58
C ASP A 594 -25.16 27.42 -45.83
N TRP A 595 -25.51 27.34 -44.55
CA TRP A 595 -24.97 26.33 -43.66
C TRP A 595 -25.77 25.03 -43.73
N TYR A 596 -25.23 23.98 -43.10
CA TYR A 596 -25.88 22.68 -43.03
C TYR A 596 -25.39 21.96 -41.78
N VAL A 597 -26.22 21.05 -41.28
CA VAL A 597 -25.93 20.27 -40.07
C VAL A 597 -26.21 18.80 -40.37
N LEU A 598 -25.19 17.96 -40.22
CA LEU A 598 -25.32 16.53 -40.44
C LEU A 598 -25.28 15.79 -39.11
N VAL A 599 -26.13 14.78 -38.97
CA VAL A 599 -26.22 13.99 -37.75
C VAL A 599 -26.20 12.52 -38.12
N GLY A 600 -25.26 11.77 -37.56
CA GLY A 600 -25.19 10.33 -37.77
C GLY A 600 -25.91 9.59 -36.65
N VAL A 601 -26.65 8.55 -37.02
CA VAL A 601 -27.58 7.88 -36.12
C VAL A 601 -27.56 6.39 -36.39
N ALA A 602 -27.39 5.60 -35.33
CA ALA A 602 -27.54 4.16 -35.42
C ALA A 602 -29.00 3.77 -35.21
N LYS A 603 -29.41 2.67 -35.83
CA LYS A 603 -30.76 2.14 -35.65
C LYS A 603 -30.69 0.71 -35.12
N ASP A 604 -31.42 0.46 -34.03
CA ASP A 604 -31.48 -0.86 -33.40
C ASP A 604 -30.09 -1.35 -32.98
N LEU A 605 -29.38 -0.51 -32.24
CA LEU A 605 -28.06 -0.86 -31.75
C LEU A 605 -28.19 -1.69 -30.49
N ILE A 606 -27.58 -2.87 -30.49
CA ILE A 606 -27.46 -3.71 -29.30
C ILE A 606 -26.00 -3.70 -28.88
N LEU A 607 -25.75 -3.45 -27.58
CA LEU A 607 -24.39 -3.30 -27.10
C LEU A 607 -23.72 -4.64 -26.85
N ASN A 608 -24.42 -5.58 -26.22
CA ASN A 608 -23.80 -6.85 -25.86
C ASN A 608 -24.76 -8.01 -26.02
N PRO A 609 -24.55 -8.89 -27.02
CA PRO A 609 -23.52 -8.77 -28.06
C PRO A 609 -23.87 -7.70 -29.09
N ARG A 610 -22.87 -7.19 -29.79
CA ARG A 610 -23.11 -6.06 -30.69
C ARG A 610 -23.77 -6.53 -31.98
N SER A 611 -24.87 -5.87 -32.33
CA SER A 611 -25.56 -6.08 -33.60
C SER A 611 -26.36 -4.82 -33.90
N VAL A 612 -26.35 -4.41 -35.15
CA VAL A 612 -27.03 -3.18 -35.55
C VAL A 612 -27.72 -3.39 -36.89
N ALA A 613 -28.80 -2.65 -37.11
CA ALA A 613 -29.50 -2.71 -38.39
C ALA A 613 -28.79 -1.86 -39.44
N GLY A 614 -28.51 -0.60 -39.11
CA GLY A 614 -27.81 0.27 -40.02
C GLY A 614 -27.72 1.67 -39.44
N GLY A 615 -27.44 2.64 -40.32
CA GLY A 615 -27.30 4.01 -39.90
C GLY A 615 -28.02 4.94 -40.84
N PHE A 616 -28.32 6.12 -40.32
CA PHE A 616 -28.91 7.21 -41.08
C PHE A 616 -28.11 8.48 -40.85
N VAL A 617 -28.05 9.31 -41.89
CA VAL A 617 -27.43 10.63 -41.81
C VAL A 617 -28.53 11.64 -42.09
N TYR A 618 -28.92 12.39 -41.06
CA TYR A 618 -29.89 13.46 -41.20
C TYR A 618 -29.19 14.72 -41.65
N THR A 619 -29.78 15.41 -42.63
CA THR A 619 -29.25 16.67 -43.13
C THR A 619 -30.26 17.78 -42.88
N TYR A 620 -29.87 18.76 -42.07
CA TYR A 620 -30.68 19.93 -41.79
C TYR A 620 -30.02 21.16 -42.42
N LYS A 621 -30.85 22.15 -42.77
CA LYS A 621 -30.33 23.33 -43.44
C LYS A 621 -29.83 24.41 -42.47
N LEU A 622 -30.29 24.40 -41.22
CA LEU A 622 -29.89 25.39 -40.23
C LEU A 622 -30.11 26.81 -40.75
N VAL A 623 -31.35 27.29 -40.66
CA VAL A 623 -31.69 28.61 -41.18
C VAL A 623 -31.87 29.59 -40.03
N ASN A 624 -32.16 30.85 -40.36
CA ASN A 624 -32.47 31.89 -39.37
C ASN A 624 -31.31 32.13 -38.42
N ASN A 625 -30.12 32.38 -39.00
CA ASN A 625 -28.93 32.78 -38.26
C ASN A 625 -28.58 31.77 -37.16
N GLY A 626 -28.61 30.48 -37.53
CA GLY A 626 -28.26 29.42 -36.61
C GLY A 626 -29.20 29.31 -35.44
N GLU A 627 -30.50 29.27 -35.71
CA GLU A 627 -31.50 29.14 -34.65
C GLU A 627 -32.61 28.14 -34.98
N LYS A 628 -32.67 27.60 -36.19
CA LYS A 628 -33.76 26.73 -36.60
C LYS A 628 -33.23 25.65 -37.53
N LEU A 629 -33.49 24.39 -37.18
CA LEU A 629 -33.07 23.26 -38.00
C LEU A 629 -34.15 22.97 -39.03
N GLU A 630 -33.79 23.03 -40.32
CA GLU A 630 -34.71 22.79 -41.42
C GLU A 630 -34.33 21.46 -42.07
N PHE A 631 -35.14 20.44 -41.84
CA PHE A 631 -34.85 19.10 -42.36
C PHE A 631 -34.84 19.11 -43.89
N LEU A 632 -33.91 18.33 -44.46
CA LEU A 632 -33.81 18.22 -45.91
C LEU A 632 -33.95 16.78 -46.38
N HIS A 633 -33.02 15.89 -46.02
CA HIS A 633 -33.18 14.48 -46.33
C HIS A 633 -32.45 13.63 -45.29
N LYS A 634 -32.55 12.31 -45.48
CA LYS A 634 -32.18 11.34 -44.44
C LYS A 634 -31.65 10.10 -45.15
N THR A 635 -30.31 9.95 -45.17
CA THR A 635 -29.64 8.96 -46.02
C THR A 635 -29.34 7.69 -45.25
N PRO A 636 -29.78 6.53 -45.73
CA PRO A 636 -29.39 5.27 -45.09
C PRO A 636 -28.00 4.81 -45.50
N VAL A 637 -27.40 3.99 -44.64
CA VAL A 637 -26.04 3.52 -44.86
C VAL A 637 -25.82 2.27 -44.02
N GLU A 638 -24.78 1.49 -44.39
CA GLU A 638 -24.67 0.10 -43.96
C GLU A 638 -24.57 -0.04 -42.44
N GLU A 639 -23.78 0.82 -41.80
CA GLU A 639 -23.60 0.74 -40.34
C GLU A 639 -23.70 2.15 -39.77
N VAL A 640 -23.37 2.28 -38.49
CA VAL A 640 -23.54 3.52 -37.74
C VAL A 640 -22.52 4.58 -38.14
N PRO A 641 -22.95 5.76 -38.57
CA PRO A 641 -22.00 6.84 -38.86
C PRO A 641 -21.41 7.42 -37.58
N ALA A 642 -20.17 7.04 -37.27
CA ALA A 642 -19.58 7.39 -35.99
C ALA A 642 -18.82 8.72 -36.00
N ALA A 643 -18.50 9.27 -37.18
CA ALA A 643 -17.72 10.50 -37.24
C ALA A 643 -18.07 11.28 -38.49
N ILE A 644 -18.27 12.59 -38.33
CA ILE A 644 -18.54 13.51 -39.44
C ILE A 644 -17.51 14.63 -39.37
N ALA A 645 -16.83 14.87 -40.48
CA ALA A 645 -15.78 15.89 -40.50
C ALA A 645 -15.85 16.69 -41.79
N PRO A 646 -16.03 18.00 -41.71
CA PRO A 646 -16.00 18.84 -42.91
C PRO A 646 -14.66 18.74 -43.61
N PHE A 647 -14.68 18.89 -44.94
CA PHE A 647 -13.49 18.62 -45.74
C PHE A 647 -13.54 19.34 -47.09
N GLN A 648 -13.28 20.65 -47.08
CA GLN A 648 -13.18 21.46 -48.30
C GLN A 648 -14.40 21.27 -49.20
N GLY A 649 -15.52 21.83 -48.73
CA GLY A 649 -16.76 21.78 -49.47
C GLY A 649 -17.47 20.45 -49.50
N ARG A 650 -16.84 19.39 -49.00
CA ARG A 650 -17.47 18.08 -48.86
C ARG A 650 -17.45 17.71 -47.37
N VAL A 651 -17.86 16.48 -47.06
CA VAL A 651 -17.77 15.97 -45.70
C VAL A 651 -17.13 14.59 -45.70
N LEU A 652 -16.49 14.25 -44.59
CA LEU A 652 -15.90 12.94 -44.40
C LEU A 652 -16.70 12.18 -43.35
N ILE A 653 -17.15 10.98 -43.71
CA ILE A 653 -18.06 10.20 -42.88
C ILE A 653 -17.49 8.81 -42.68
N GLY A 654 -17.45 8.37 -41.42
CA GLY A 654 -17.03 7.02 -41.09
C GLY A 654 -18.23 6.15 -40.79
N VAL A 655 -18.41 5.12 -41.61
CA VAL A 655 -19.52 4.19 -41.46
C VAL A 655 -18.91 2.81 -41.19
N GLY A 656 -18.95 2.38 -39.94
CA GLY A 656 -18.28 1.14 -39.58
C GLY A 656 -16.80 1.27 -39.86
N LYS A 657 -16.25 0.31 -40.61
CA LYS A 657 -14.85 0.35 -41.02
C LYS A 657 -14.66 0.98 -42.39
N LEU A 658 -15.64 1.74 -42.87
CA LEU A 658 -15.57 2.40 -44.17
C LEU A 658 -15.38 3.89 -43.97
N LEU A 659 -14.49 4.47 -44.75
CA LEU A 659 -14.28 5.92 -44.76
C LEU A 659 -14.76 6.46 -46.09
N ARG A 660 -15.59 7.50 -46.07
CA ARG A 660 -16.21 7.97 -47.29
C ARG A 660 -16.18 9.48 -47.36
N VAL A 661 -16.15 9.99 -48.58
CA VAL A 661 -16.30 11.41 -48.89
C VAL A 661 -17.70 11.59 -49.46
N TYR A 662 -18.48 12.47 -48.84
CA TYR A 662 -19.87 12.70 -49.24
C TYR A 662 -20.04 14.15 -49.69
N ASP A 663 -20.80 14.33 -50.77
CA ASP A 663 -21.26 15.62 -51.23
C ASP A 663 -22.77 15.70 -51.10
N LEU A 664 -23.27 16.91 -50.90
CA LEU A 664 -24.70 17.12 -50.65
C LEU A 664 -25.46 17.05 -51.97
N GLY A 665 -26.24 15.99 -52.15
CA GLY A 665 -27.19 15.92 -53.24
C GLY A 665 -28.49 16.62 -52.87
N LYS A 666 -29.43 16.59 -53.81
CA LYS A 666 -30.72 17.24 -53.59
C LYS A 666 -31.78 16.28 -53.04
N LYS A 667 -31.55 14.98 -53.11
CA LYS A 667 -32.46 13.99 -52.54
C LYS A 667 -31.81 13.05 -51.54
N LYS A 668 -30.49 13.07 -51.42
CA LYS A 668 -29.74 12.22 -50.49
C LYS A 668 -28.31 12.74 -50.45
N LEU A 669 -27.46 12.03 -49.72
CA LEU A 669 -26.02 12.27 -49.74
C LEU A 669 -25.38 11.20 -50.62
N LEU A 670 -24.64 11.62 -51.63
CA LEU A 670 -24.06 10.71 -52.60
C LEU A 670 -22.59 10.49 -52.29
N ARG A 671 -22.20 9.23 -52.16
CA ARG A 671 -20.80 8.89 -51.94
C ARG A 671 -19.97 9.28 -53.16
N LYS A 672 -18.81 9.88 -52.90
CA LYS A 672 -17.89 10.26 -53.95
C LYS A 672 -16.58 9.47 -53.93
N CYS A 673 -16.23 8.87 -52.80
CA CYS A 673 -14.96 8.17 -52.65
C CYS A 673 -15.02 7.34 -51.37
N GLU A 674 -14.45 6.14 -51.42
CA GLU A 674 -14.57 5.20 -50.31
C GLU A 674 -13.28 4.41 -50.12
N ASN A 675 -12.94 4.16 -48.86
CA ASN A 675 -11.86 3.25 -48.47
C ASN A 675 -12.43 2.21 -47.52
N LYS A 676 -12.13 0.94 -47.78
CA LYS A 676 -12.71 -0.17 -47.05
C LYS A 676 -11.68 -0.97 -46.26
N HIS A 677 -10.45 -0.49 -46.14
CA HIS A 677 -9.37 -1.26 -45.54
C HIS A 677 -9.02 -0.79 -44.13
N ILE A 678 -9.94 -0.10 -43.45
CA ILE A 678 -9.73 0.23 -42.05
C ILE A 678 -9.89 -1.03 -41.21
N ALA A 679 -9.08 -1.14 -40.15
CA ALA A 679 -9.00 -2.36 -39.34
C ALA A 679 -10.34 -2.83 -38.81
N ASN A 680 -10.98 -2.04 -37.95
CA ASN A 680 -12.18 -2.53 -37.28
C ASN A 680 -13.36 -1.56 -37.39
N TYR A 681 -13.18 -0.33 -36.88
CA TYR A 681 -14.32 0.57 -36.71
C TYR A 681 -13.79 1.97 -36.46
N ILE A 682 -14.21 2.92 -37.29
CA ILE A 682 -13.78 4.31 -37.19
C ILE A 682 -14.59 4.99 -36.09
N SER A 683 -13.89 5.64 -35.16
CA SER A 683 -14.54 6.39 -34.09
C SER A 683 -14.41 7.90 -34.25
N GLY A 684 -13.40 8.37 -34.98
CA GLY A 684 -13.22 9.78 -35.20
C GLY A 684 -12.26 10.04 -36.34
N ILE A 685 -12.41 11.18 -36.99
CA ILE A 685 -11.56 11.58 -38.09
C ILE A 685 -11.29 13.07 -38.01
N GLN A 686 -10.03 13.46 -38.20
CA GLN A 686 -9.66 14.86 -38.30
C GLN A 686 -8.73 15.05 -39.49
N THR A 687 -8.81 16.23 -40.11
CA THR A 687 -8.09 16.51 -41.35
C THR A 687 -7.16 17.70 -41.17
N ILE A 688 -5.95 17.55 -41.71
CA ILE A 688 -5.01 18.65 -41.86
C ILE A 688 -4.58 18.65 -43.33
N GLY A 689 -4.95 19.71 -44.04
CA GLY A 689 -4.70 19.74 -45.48
C GLY A 689 -5.47 18.63 -46.17
N HIS A 690 -4.75 17.73 -46.83
CA HIS A 690 -5.34 16.55 -47.45
C HIS A 690 -5.01 15.27 -46.70
N ARG A 691 -4.45 15.36 -45.50
CA ARG A 691 -4.22 14.20 -44.66
C ARG A 691 -5.43 13.94 -43.79
N VAL A 692 -5.80 12.67 -43.65
CA VAL A 692 -6.93 12.25 -42.83
C VAL A 692 -6.40 11.34 -41.73
N ILE A 693 -6.72 11.66 -40.48
CA ILE A 693 -6.27 10.91 -39.32
C ILE A 693 -7.48 10.16 -38.78
N VAL A 694 -7.49 8.84 -38.98
CA VAL A 694 -8.61 7.99 -38.61
C VAL A 694 -8.29 7.30 -37.29
N SER A 695 -9.21 7.40 -36.33
CA SER A 695 -9.08 6.70 -35.05
C SER A 695 -9.84 5.38 -35.13
N ASP A 696 -9.13 4.28 -34.88
CA ASP A 696 -9.78 2.98 -34.78
C ASP A 696 -10.18 2.70 -33.33
N VAL A 697 -11.16 1.82 -33.17
CA VAL A 697 -11.63 1.50 -31.81
C VAL A 697 -10.53 0.81 -31.03
N GLN A 698 -9.66 0.05 -31.70
CA GLN A 698 -8.63 -0.72 -31.01
C GLN A 698 -7.24 -0.52 -31.59
N GLU A 699 -7.14 -0.28 -32.90
CA GLU A 699 -5.86 -0.30 -33.61
C GLU A 699 -5.29 1.09 -33.85
N SER A 700 -5.38 1.97 -32.85
CA SER A 700 -4.65 3.25 -32.83
C SER A 700 -5.06 4.10 -34.04
N PHE A 701 -4.15 4.97 -34.50
CA PHE A 701 -4.43 5.88 -35.59
C PHE A 701 -3.99 5.30 -36.93
N ILE A 702 -4.61 5.82 -38.00
CA ILE A 702 -4.30 5.43 -39.37
C ILE A 702 -4.29 6.70 -40.22
N TRP A 703 -3.17 6.95 -40.89
CA TRP A 703 -3.01 8.10 -41.77
C TRP A 703 -3.40 7.71 -43.19
N VAL A 704 -4.39 8.42 -43.74
CA VAL A 704 -4.91 8.21 -45.08
C VAL A 704 -4.69 9.47 -45.90
N ARG A 705 -4.39 9.31 -47.18
CA ARG A 705 -4.18 10.42 -48.09
C ARG A 705 -5.32 10.48 -49.09
N TYR A 706 -5.85 11.69 -49.31
CA TYR A 706 -6.84 11.94 -50.35
C TYR A 706 -6.13 12.60 -51.53
N LYS A 707 -5.98 11.85 -52.62
CA LYS A 707 -5.44 12.41 -53.86
C LYS A 707 -6.57 13.06 -54.63
N ARG A 708 -6.57 14.39 -54.68
CA ARG A 708 -7.66 15.12 -55.33
C ARG A 708 -7.71 14.82 -56.83
N ASN A 709 -6.56 14.68 -57.47
CA ASN A 709 -6.52 14.47 -58.92
C ASN A 709 -7.25 13.19 -59.32
N GLU A 710 -6.87 12.07 -58.71
CA GLU A 710 -7.43 10.77 -59.07
C GLU A 710 -8.69 10.42 -58.31
N ASN A 711 -9.03 11.18 -57.26
CA ASN A 711 -10.19 10.91 -56.41
C ASN A 711 -10.15 9.49 -55.86
N GLN A 712 -9.23 9.29 -54.91
CA GLN A 712 -9.10 8.01 -54.24
C GLN A 712 -8.47 8.23 -52.88
N LEU A 713 -8.85 7.38 -51.92
CA LEU A 713 -8.33 7.44 -50.56
C LEU A 713 -7.36 6.29 -50.37
N ILE A 714 -6.12 6.63 -50.00
CA ILE A 714 -5.04 5.65 -49.89
C ILE A 714 -4.54 5.65 -48.45
N ILE A 715 -4.50 4.47 -47.84
CA ILE A 715 -3.89 4.29 -46.53
C ILE A 715 -2.38 4.28 -46.72
N PHE A 716 -1.68 5.18 -46.03
CA PHE A 716 -0.23 5.22 -46.10
C PHE A 716 0.49 5.17 -44.76
N ALA A 717 -0.21 5.22 -43.64
CA ALA A 717 0.50 5.05 -42.37
C ALA A 717 -0.44 4.47 -41.31
N ASP A 718 0.16 3.82 -40.32
CA ASP A 718 -0.56 3.34 -39.14
C ASP A 718 0.42 3.26 -37.99
N ASP A 719 0.00 2.62 -36.90
CA ASP A 719 0.81 2.55 -35.69
C ASP A 719 1.35 1.14 -35.49
N THR A 720 2.39 1.04 -34.66
CA THR A 720 2.98 -0.24 -34.29
C THR A 720 2.39 -0.82 -33.00
N TYR A 721 1.55 -0.06 -32.32
CA TYR A 721 0.89 -0.47 -31.10
C TYR A 721 -0.62 -0.35 -31.25
N PRO A 722 -1.40 -1.13 -30.50
CA PRO A 722 -2.85 -0.91 -30.44
C PRO A 722 -3.22 0.05 -29.31
N ARG A 723 -4.12 0.98 -29.63
CA ARG A 723 -4.67 1.92 -28.66
C ARG A 723 -6.17 1.99 -28.80
N TRP A 724 -6.87 2.01 -27.66
CA TRP A 724 -8.32 2.22 -27.65
C TRP A 724 -8.59 3.72 -27.55
N VAL A 725 -8.34 4.41 -28.67
CA VAL A 725 -8.34 5.86 -28.68
C VAL A 725 -9.77 6.37 -28.49
N THR A 726 -9.94 7.30 -27.54
CA THR A 726 -11.21 7.95 -27.26
C THR A 726 -11.32 9.31 -27.93
N THR A 727 -10.24 10.09 -27.93
CA THR A 727 -10.20 11.39 -28.60
C THR A 727 -8.79 11.62 -29.14
N ALA A 728 -8.65 12.67 -29.94
CA ALA A 728 -7.36 12.99 -30.53
C ALA A 728 -7.32 14.46 -30.90
N SER A 729 -6.10 14.96 -31.07
CA SER A 729 -5.87 16.36 -31.42
C SER A 729 -4.64 16.48 -32.31
N LEU A 730 -4.76 17.27 -33.37
CA LEU A 730 -3.66 17.45 -34.31
C LEU A 730 -2.67 18.48 -33.77
N LEU A 731 -1.44 18.05 -33.52
CA LEU A 731 -0.41 18.98 -33.05
C LEU A 731 0.19 19.75 -34.21
N ASP A 732 0.69 19.04 -35.22
CA ASP A 732 1.16 19.65 -36.45
C ASP A 732 0.82 18.71 -37.60
N TYR A 733 1.43 18.94 -38.76
CA TYR A 733 1.15 18.13 -39.94
C TYR A 733 1.64 16.69 -39.80
N ASP A 734 2.61 16.45 -38.91
CA ASP A 734 3.18 15.13 -38.74
C ASP A 734 2.86 14.49 -37.40
N THR A 735 2.35 15.26 -36.43
CA THR A 735 2.22 14.81 -35.05
C THR A 735 0.75 14.79 -34.64
N VAL A 736 0.36 13.73 -33.92
CA VAL A 736 -0.99 13.55 -33.42
C VAL A 736 -0.92 13.12 -31.96
N ALA A 737 -1.67 13.81 -31.10
CA ALA A 737 -1.82 13.43 -29.70
C ALA A 737 -3.18 12.77 -29.49
N GLY A 738 -3.19 11.71 -28.70
CA GLY A 738 -4.39 10.92 -28.52
C GLY A 738 -4.55 10.48 -27.07
N ALA A 739 -5.79 10.11 -26.74
CA ALA A 739 -6.16 9.67 -25.40
C ALA A 739 -6.73 8.26 -25.47
N ASP A 740 -6.52 7.51 -24.39
CA ASP A 740 -6.81 6.08 -24.32
C ASP A 740 -8.06 5.82 -23.48
N LYS A 741 -8.68 4.66 -23.74
CA LYS A 741 -9.75 4.22 -22.85
C LYS A 741 -9.23 3.88 -21.47
N PHE A 742 -7.96 3.49 -21.36
CA PHE A 742 -7.35 3.10 -20.09
C PHE A 742 -6.62 4.26 -19.42
N GLY A 743 -7.07 5.49 -19.62
CA GLY A 743 -6.50 6.63 -18.91
C GLY A 743 -5.11 7.02 -19.32
N ASN A 744 -4.73 6.78 -20.58
CA ASN A 744 -3.41 7.13 -21.07
C ASN A 744 -3.50 8.30 -22.04
N ILE A 745 -2.37 9.01 -22.15
CA ILE A 745 -2.14 10.00 -23.19
C ILE A 745 -0.91 9.55 -23.98
N CYS A 746 -0.95 9.72 -25.28
CA CYS A 746 0.21 9.43 -26.12
C CYS A 746 0.33 10.51 -27.18
N VAL A 747 1.55 10.66 -27.69
CA VAL A 747 1.84 11.55 -28.81
C VAL A 747 2.70 10.77 -29.79
N VAL A 748 2.18 10.61 -31.02
CA VAL A 748 2.87 9.90 -32.09
C VAL A 748 3.19 10.89 -33.20
N ARG A 749 4.18 10.54 -34.00
CA ARG A 749 4.67 11.42 -35.05
C ARG A 749 5.20 10.59 -36.22
N LEU A 750 4.96 11.07 -37.43
CA LEU A 750 5.46 10.40 -38.63
C LEU A 750 6.92 10.78 -38.88
N PRO A 751 7.70 9.90 -39.49
CA PRO A 751 9.09 10.24 -39.86
C PRO A 751 9.12 11.41 -40.82
N PRO A 752 10.25 12.12 -40.89
CA PRO A 752 10.26 13.37 -41.66
C PRO A 752 10.07 13.14 -43.15
N ASN A 753 9.31 14.04 -43.78
CA ASN A 753 9.07 14.05 -45.21
C ASN A 753 8.60 12.68 -45.72
N THR A 754 7.68 12.08 -44.97
CA THR A 754 7.06 10.84 -45.40
C THR A 754 6.23 11.07 -46.67
N ASN A 755 6.45 10.23 -47.67
CA ASN A 755 5.71 10.34 -48.92
C ASN A 755 4.38 9.59 -48.80
N ASP A 756 3.30 10.23 -49.24
CA ASP A 756 1.97 9.65 -49.13
C ASP A 756 1.67 8.64 -50.23
N GLU A 757 2.48 8.57 -51.28
CA GLU A 757 2.28 7.59 -52.34
C GLU A 757 3.01 6.28 -52.09
N VAL A 758 3.79 6.19 -51.01
CA VAL A 758 4.41 4.94 -50.58
C VAL A 758 3.76 4.52 -49.27
N ASP A 759 3.42 3.24 -49.17
CA ASP A 759 2.66 2.72 -48.04
C ASP A 759 3.61 2.12 -47.00
N SER A 760 3.07 1.30 -46.10
CA SER A 760 3.84 0.55 -45.10
C SER A 760 4.68 1.48 -44.22
N GLN A 761 4.21 2.70 -44.00
CA GLN A 761 4.89 3.65 -43.14
C GLN A 761 4.39 3.49 -41.70
N LYS A 762 5.31 3.49 -40.76
CA LYS A 762 5.00 3.34 -39.34
C LYS A 762 5.35 4.63 -38.60
N ALA A 763 4.52 5.00 -37.64
CA ALA A 763 4.75 6.16 -36.80
C ALA A 763 5.41 5.75 -35.50
N GLU A 764 6.32 6.57 -35.02
CA GLU A 764 7.00 6.32 -33.75
C GLU A 764 6.28 7.08 -32.63
N VAL A 765 6.14 6.44 -31.49
CA VAL A 765 5.50 7.06 -30.33
C VAL A 765 6.55 7.91 -29.63
N ILE A 766 6.36 9.23 -29.65
CA ILE A 766 7.32 10.13 -29.02
C ILE A 766 6.91 10.52 -27.61
N MET A 767 5.70 10.19 -27.18
CA MET A 767 5.31 10.49 -25.81
C MET A 767 4.30 9.48 -25.30
N ASN A 768 4.48 9.05 -24.05
CA ASN A 768 3.61 8.11 -23.35
C ASN A 768 3.42 8.57 -21.92
N TYR A 769 2.18 8.53 -21.43
CA TYR A 769 1.91 9.00 -20.07
C TYR A 769 0.59 8.41 -19.59
N HIS A 770 0.48 8.19 -18.29
CA HIS A 770 -0.74 7.66 -17.67
C HIS A 770 -1.31 8.72 -16.75
N VAL A 771 -2.49 9.24 -17.10
CA VAL A 771 -3.11 10.28 -16.27
C VAL A 771 -3.69 9.68 -15.00
N GLY A 772 -4.18 8.44 -15.07
CA GLY A 772 -4.93 7.85 -13.99
C GLY A 772 -6.43 7.98 -14.12
N GLU A 773 -6.89 8.83 -15.03
CA GLU A 773 -8.31 9.00 -15.32
C GLU A 773 -8.51 8.97 -16.83
N THR A 774 -9.65 8.44 -17.26
CA THR A 774 -9.88 8.24 -18.69
C THR A 774 -10.19 9.58 -19.36
N VAL A 775 -9.29 10.04 -20.23
CA VAL A 775 -9.42 11.33 -20.88
C VAL A 775 -10.33 11.19 -22.10
N LEU A 776 -11.33 12.08 -22.19
CA LEU A 776 -12.26 12.06 -23.31
C LEU A 776 -12.18 13.30 -24.20
N SER A 777 -11.39 14.31 -23.83
CA SER A 777 -11.26 15.48 -24.69
C SER A 777 -9.84 16.03 -24.57
N LEU A 778 -9.21 16.24 -25.72
CA LEU A 778 -7.89 16.83 -25.85
C LEU A 778 -7.98 18.04 -26.78
N GLN A 779 -7.36 19.14 -26.38
CA GLN A 779 -7.39 20.34 -27.21
C GLN A 779 -6.14 21.17 -26.99
N LYS A 780 -5.49 21.57 -28.07
CA LYS A 780 -4.31 22.42 -28.01
C LYS A 780 -4.75 23.89 -28.06
N THR A 781 -4.46 24.64 -27.00
CA THR A 781 -4.93 26.02 -26.89
C THR A 781 -4.14 26.76 -25.83
N THR A 782 -4.38 28.06 -25.75
CA THR A 782 -3.82 28.93 -24.72
C THR A 782 -4.96 29.44 -23.84
N LEU A 783 -4.90 29.14 -22.55
CA LEU A 783 -6.01 29.50 -21.67
C LEU A 783 -6.00 30.98 -21.35
N ILE A 784 -4.83 31.55 -21.07
CA ILE A 784 -4.72 33.00 -20.88
C ILE A 784 -4.17 33.61 -22.16
N PRO A 785 -4.70 34.74 -22.61
CA PRO A 785 -4.28 35.30 -23.92
C PRO A 785 -2.82 35.76 -23.89
N GLY A 786 -2.12 35.48 -24.98
CA GLY A 786 -0.73 35.86 -25.12
C GLY A 786 0.26 34.96 -24.38
N GLY A 787 -0.19 34.20 -23.39
CA GLY A 787 0.69 33.34 -22.64
C GLY A 787 1.14 32.11 -23.39
N SER A 788 1.48 31.05 -22.68
CA SER A 788 1.98 29.83 -23.31
C SER A 788 0.85 29.07 -23.98
N GLU A 789 1.21 28.36 -25.06
CA GLU A 789 0.31 27.43 -25.71
C GLU A 789 0.52 26.03 -25.14
N SER A 790 -0.57 25.38 -24.76
CA SER A 790 -0.49 24.14 -24.00
C SER A 790 -1.55 23.18 -24.53
N LEU A 791 -1.67 22.03 -23.86
CA LEU A 791 -2.55 20.95 -24.26
C LEU A 791 -3.47 20.63 -23.09
N VAL A 792 -4.75 21.02 -23.20
CA VAL A 792 -5.71 20.85 -22.12
C VAL A 792 -6.53 19.60 -22.38
N TYR A 793 -6.69 18.76 -21.34
CA TYR A 793 -7.48 17.55 -21.42
C TYR A 793 -8.51 17.52 -20.31
N THR A 794 -9.60 16.78 -20.55
CA THR A 794 -10.64 16.57 -19.56
C THR A 794 -10.88 15.08 -19.36
N THR A 795 -11.05 14.67 -18.12
CA THR A 795 -11.15 13.27 -17.76
C THR A 795 -12.60 12.89 -17.46
N LEU A 796 -12.84 11.57 -17.43
CA LEU A 796 -14.19 11.05 -17.20
C LEU A 796 -14.62 11.21 -15.76
N SER A 797 -13.70 11.43 -14.84
CA SER A 797 -14.02 11.64 -13.44
C SER A 797 -14.11 13.12 -13.08
N GLY A 798 -14.30 13.98 -14.07
CA GLY A 798 -14.51 15.40 -13.82
C GLY A 798 -13.25 16.21 -13.59
N GLY A 799 -12.10 15.76 -14.12
CA GLY A 799 -10.85 16.47 -13.93
C GLY A 799 -10.43 17.26 -15.15
N ILE A 800 -9.79 18.41 -14.89
CA ILE A 800 -9.21 19.25 -15.93
C ILE A 800 -7.71 19.25 -15.75
N GLY A 801 -6.98 18.89 -16.81
CA GLY A 801 -5.54 18.84 -16.75
C GLY A 801 -4.91 19.57 -17.93
N ILE A 802 -3.60 19.82 -17.80
CA ILE A 802 -2.85 20.57 -18.79
C ILE A 802 -1.46 19.95 -18.94
N LEU A 803 -0.94 19.98 -20.15
CA LEU A 803 0.42 19.57 -20.47
C LEU A 803 1.09 20.75 -21.17
N VAL A 804 2.19 21.23 -20.60
CA VAL A 804 2.87 22.41 -21.12
C VAL A 804 4.26 22.01 -21.62
N PRO A 805 4.72 22.57 -22.73
CA PRO A 805 6.07 22.26 -23.22
C PRO A 805 7.13 23.10 -22.50
N PHE A 806 8.35 22.57 -22.51
CA PHE A 806 9.46 23.19 -21.80
C PHE A 806 10.16 24.20 -22.69
N THR A 807 10.39 25.40 -22.14
CA THR A 807 11.04 26.46 -22.92
C THR A 807 12.51 26.13 -23.15
N SER A 808 13.23 25.74 -22.11
CA SER A 808 14.65 25.46 -22.18
C SER A 808 14.98 24.19 -21.42
N HIS A 809 16.05 23.51 -21.85
CA HIS A 809 16.44 22.25 -21.23
C HIS A 809 17.00 22.43 -19.83
N GLU A 810 17.43 23.64 -19.48
CA GLU A 810 17.79 23.95 -18.10
C GLU A 810 16.65 23.61 -17.15
N ASP A 811 15.47 24.18 -17.42
CA ASP A 811 14.28 23.89 -16.63
C ASP A 811 13.94 22.41 -16.68
N HIS A 812 14.08 21.78 -17.84
CA HIS A 812 13.73 20.37 -17.98
C HIS A 812 14.58 19.51 -17.06
N ASP A 813 15.89 19.75 -17.03
CA ASP A 813 16.76 19.01 -16.12
C ASP A 813 16.41 19.29 -14.67
N PHE A 814 16.10 20.55 -14.35
CA PHE A 814 15.69 20.89 -12.99
C PHE A 814 14.48 20.08 -12.56
N PHE A 815 13.45 20.05 -13.39
CA PHE A 815 12.22 19.36 -13.00
C PHE A 815 12.37 17.85 -13.04
N GLN A 816 13.24 17.31 -13.91
CA GLN A 816 13.54 15.88 -13.84
C GLN A 816 14.16 15.54 -12.49
N HIS A 817 15.12 16.36 -12.03
CA HIS A 817 15.71 16.12 -10.71
C HIS A 817 14.68 16.24 -9.60
N VAL A 818 13.79 17.25 -9.70
CA VAL A 818 12.74 17.40 -8.71
C VAL A 818 11.85 16.16 -8.67
N GLU A 819 11.49 15.65 -9.85
CA GLU A 819 10.62 14.47 -9.92
C GLU A 819 11.29 13.26 -9.28
N MET A 820 12.56 13.02 -9.60
CA MET A 820 13.22 11.83 -9.03
C MET A 820 13.40 11.97 -7.53
N HIS A 821 13.70 13.18 -7.05
CA HIS A 821 13.85 13.39 -5.62
C HIS A 821 12.53 13.19 -4.88
N LEU A 822 11.44 13.73 -5.43
CA LEU A 822 10.14 13.55 -4.79
C LEU A 822 9.70 12.09 -4.84
N ARG A 823 10.06 11.37 -5.90
CA ARG A 823 9.80 9.94 -5.95
C ARG A 823 10.50 9.22 -4.79
N SER A 824 11.78 9.51 -4.60
CA SER A 824 12.51 8.79 -3.56
C SER A 824 12.15 9.24 -2.15
N GLU A 825 11.74 10.50 -1.96
CA GLU A 825 11.58 11.06 -0.62
C GLU A 825 10.15 11.32 -0.21
N HIS A 826 9.21 11.34 -1.16
CA HIS A 826 7.79 11.58 -0.86
C HIS A 826 6.96 10.55 -1.62
N PRO A 827 7.11 9.28 -1.30
CA PRO A 827 6.49 8.22 -2.12
C PRO A 827 4.98 8.28 -2.03
N PRO A 828 4.28 7.78 -3.05
CA PRO A 828 2.81 7.85 -3.05
C PRO A 828 2.19 7.32 -1.77
N LEU A 829 1.04 7.91 -1.41
CA LEU A 829 0.45 7.68 -0.09
C LEU A 829 0.00 6.25 0.13
N CYS A 830 -0.32 5.50 -0.92
CA CYS A 830 -0.87 4.16 -0.77
C CYS A 830 0.06 3.10 -1.35
N GLY A 831 1.36 3.27 -1.12
CA GLY A 831 2.34 2.24 -1.43
C GLY A 831 2.62 2.01 -2.90
N ARG A 832 2.00 2.76 -3.80
CA ARG A 832 2.31 2.63 -5.22
C ARG A 832 3.68 3.23 -5.53
N ASP A 833 4.31 2.70 -6.58
CA ASP A 833 5.54 3.28 -7.09
C ASP A 833 5.19 4.28 -8.18
N HIS A 834 5.60 5.54 -7.99
CA HIS A 834 5.16 6.60 -8.89
C HIS A 834 5.60 6.33 -10.32
N LEU A 835 6.86 5.94 -10.51
CA LEU A 835 7.33 5.66 -11.87
C LEU A 835 6.54 4.52 -12.49
N SER A 836 6.31 3.45 -11.73
CA SER A 836 5.52 2.34 -12.24
C SER A 836 4.08 2.77 -12.52
N PHE A 837 3.53 3.66 -11.67
CA PHE A 837 2.16 4.11 -11.86
C PHE A 837 2.02 4.89 -13.16
N ARG A 838 2.88 5.88 -13.37
CA ARG A 838 2.83 6.64 -14.62
C ARG A 838 3.24 5.81 -15.83
N SER A 839 3.68 4.56 -15.62
CA SER A 839 4.00 3.62 -16.69
C SER A 839 3.04 2.43 -16.67
N TYR A 840 1.75 2.70 -16.44
CA TYR A 840 0.79 1.65 -16.20
C TYR A 840 0.69 0.67 -17.38
N TYR A 841 0.54 1.20 -18.59
CA TYR A 841 0.39 0.36 -19.78
C TYR A 841 1.51 0.51 -20.78
N PHE A 842 2.27 1.61 -20.74
CA PHE A 842 3.46 1.82 -21.53
C PHE A 842 4.49 2.51 -20.65
N PRO A 843 5.77 2.27 -20.85
CA PRO A 843 6.79 3.00 -20.09
C PRO A 843 6.67 4.49 -20.36
N VAL A 844 6.65 5.27 -19.28
CA VAL A 844 6.48 6.71 -19.41
C VAL A 844 7.61 7.29 -20.26
N LYS A 845 7.29 8.33 -21.02
CA LYS A 845 8.22 8.87 -22.02
C LYS A 845 7.93 10.36 -22.19
N ASN A 846 8.87 11.19 -21.73
CA ASN A 846 8.90 12.62 -22.02
C ASN A 846 7.75 13.38 -21.37
N VAL A 847 7.37 12.98 -20.16
CA VAL A 847 6.43 13.76 -19.36
C VAL A 847 6.95 13.85 -17.93
N ILE A 848 6.82 15.04 -17.34
CA ILE A 848 7.16 15.29 -15.94
C ILE A 848 5.86 15.49 -15.18
N ASP A 849 5.73 14.82 -14.03
CA ASP A 849 4.50 14.89 -13.23
C ASP A 849 4.60 16.09 -12.31
N GLY A 850 4.00 17.20 -12.72
CA GLY A 850 3.99 18.39 -11.87
C GLY A 850 3.14 18.24 -10.62
N ASP A 851 2.12 17.38 -10.68
CA ASP A 851 1.32 17.11 -9.49
C ASP A 851 2.16 16.53 -8.37
N LEU A 852 3.17 15.72 -8.72
CA LEU A 852 4.10 15.20 -7.72
C LEU A 852 5.12 16.27 -7.32
N CYS A 853 5.61 17.05 -8.29
CA CYS A 853 6.58 18.08 -7.97
C CYS A 853 6.02 19.10 -6.98
N GLU A 854 4.76 19.47 -7.13
CA GLU A 854 4.17 20.50 -6.29
C GLU A 854 3.83 20.00 -4.89
N GLN A 855 4.06 18.72 -4.59
CA GLN A 855 3.97 18.24 -3.22
C GLN A 855 5.23 18.54 -2.42
N PHE A 856 6.21 19.21 -3.02
CA PHE A 856 7.39 19.67 -2.30
C PHE A 856 7.01 20.55 -1.12
N ASN A 857 5.99 21.39 -1.29
CA ASN A 857 5.56 22.33 -0.26
C ASN A 857 4.78 21.67 0.87
N SER A 858 4.61 20.34 0.84
CA SER A 858 3.91 19.62 1.89
C SER A 858 4.79 18.57 2.55
N MET A 859 6.11 18.66 2.35
CA MET A 859 7.04 17.76 3.00
C MET A 859 7.47 18.32 4.36
N GLU A 860 8.27 17.55 5.09
CA GLU A 860 8.85 18.02 6.33
C GLU A 860 9.99 18.99 6.02
N PRO A 861 10.12 20.07 6.79
CA PRO A 861 11.12 21.11 6.47
C PRO A 861 12.54 20.58 6.29
N ASN A 862 12.95 19.56 7.05
CA ASN A 862 14.30 19.04 6.90
C ASN A 862 14.50 18.33 5.57
N LYS A 863 13.49 17.57 5.13
CA LYS A 863 13.56 16.94 3.82
C LYS A 863 13.56 17.99 2.72
N GLN A 864 12.78 19.05 2.88
CA GLN A 864 12.79 20.15 1.92
C GLN A 864 14.18 20.77 1.82
N LYS A 865 14.80 21.03 2.97
CA LYS A 865 16.15 21.59 2.96
C LYS A 865 17.15 20.67 2.27
N ASN A 866 17.06 19.36 2.57
CA ASN A 866 17.99 18.41 1.97
C ASN A 866 17.85 18.37 0.46
N VAL A 867 16.62 18.18 -0.04
CA VAL A 867 16.42 18.09 -1.48
C VAL A 867 16.64 19.44 -2.15
N SER A 868 16.56 20.54 -1.42
CA SER A 868 16.84 21.84 -2.00
C SER A 868 18.34 22.05 -2.16
N GLU A 869 19.12 21.75 -1.12
CA GLU A 869 20.56 21.87 -1.25
C GLU A 869 21.11 20.87 -2.26
N GLU A 870 20.45 19.72 -2.41
CA GLU A 870 20.82 18.82 -3.50
C GLU A 870 20.56 19.47 -4.86
N LEU A 871 19.56 20.34 -4.94
CA LEU A 871 19.31 21.15 -6.12
C LEU A 871 20.12 22.44 -6.12
N ASP A 872 20.98 22.65 -5.12
CA ASP A 872 21.87 23.80 -5.03
C ASP A 872 21.07 25.12 -5.01
N ARG A 873 20.03 25.14 -4.18
CA ARG A 873 19.26 26.36 -3.95
C ARG A 873 18.44 26.18 -2.68
N THR A 874 17.67 27.22 -2.35
CA THR A 874 16.86 27.25 -1.13
C THR A 874 15.45 26.79 -1.41
N PRO A 875 14.75 26.28 -0.39
CA PRO A 875 13.35 25.84 -0.57
C PRO A 875 12.47 26.93 -1.14
N PRO A 876 12.60 28.20 -0.71
CA PRO A 876 11.80 29.26 -1.35
C PRO A 876 12.07 29.38 -2.84
N GLU A 877 13.30 29.13 -3.29
CA GLU A 877 13.60 29.18 -4.72
C GLU A 877 12.83 28.10 -5.48
N VAL A 878 12.83 26.87 -4.95
CA VAL A 878 12.11 25.78 -5.59
C VAL A 878 10.62 26.08 -5.62
N SER A 879 10.08 26.56 -4.50
CA SER A 879 8.67 26.96 -4.45
C SER A 879 8.37 27.98 -5.55
N LYS A 880 9.14 29.06 -5.60
CA LYS A 880 8.92 30.10 -6.60
C LYS A 880 8.97 29.55 -8.02
N LYS A 881 9.90 28.62 -8.28
CA LYS A 881 9.97 28.02 -9.61
C LYS A 881 8.68 27.28 -9.95
N LEU A 882 8.15 26.49 -9.00
CA LEU A 882 6.89 25.81 -9.25
C LEU A 882 5.73 26.79 -9.46
N GLU A 883 5.69 27.85 -8.65
CA GLU A 883 4.60 28.81 -8.81
C GLU A 883 4.67 29.50 -10.17
N ASP A 884 5.87 29.88 -10.62
CA ASP A 884 5.95 30.57 -11.91
C ASP A 884 5.65 29.63 -13.07
N ILE A 885 6.02 28.35 -12.97
CA ILE A 885 5.64 27.44 -14.06
C ILE A 885 4.14 27.22 -14.08
N ARG A 886 3.46 27.29 -12.92
CA ARG A 886 2.02 27.14 -12.97
C ARG A 886 1.34 28.40 -13.49
N THR A 887 1.80 29.59 -13.09
CA THR A 887 1.21 30.82 -13.62
C THR A 887 1.48 30.99 -15.12
N ARG A 888 2.59 30.43 -15.61
CA ARG A 888 2.91 30.56 -17.03
C ARG A 888 1.84 29.90 -17.89
N TYR A 889 1.26 28.80 -17.43
CA TYR A 889 0.31 27.99 -18.21
C TYR A 889 0.90 27.59 -19.55
N GLN B 15 4.32 -20.07 -12.13
CA GLN B 15 4.17 -21.52 -12.23
C GLN B 15 2.74 -21.96 -11.92
N SER B 16 2.60 -23.10 -11.24
CA SER B 16 1.27 -23.64 -10.98
C SER B 16 0.48 -22.79 -9.99
N LYS B 17 1.17 -22.12 -9.07
CA LYS B 17 0.48 -21.38 -8.01
C LYS B 17 -0.29 -20.18 -8.57
N TYR B 18 0.18 -19.58 -9.66
CA TYR B 18 -0.39 -18.36 -10.19
C TYR B 18 -1.38 -18.70 -11.31
N ILE B 19 -2.64 -18.29 -11.13
CA ILE B 19 -3.64 -18.51 -12.16
C ILE B 19 -3.34 -17.64 -13.38
N GLY B 20 -3.73 -18.12 -14.55
CA GLY B 20 -3.54 -17.38 -15.77
C GLY B 20 -2.29 -17.75 -16.55
N THR B 21 -1.32 -18.38 -15.90
CA THR B 21 -0.17 -18.93 -16.60
C THR B 21 -0.61 -20.11 -17.46
N GLY B 22 0.23 -20.45 -18.45
CA GLY B 22 -0.12 -21.49 -19.39
C GLY B 22 1.06 -22.39 -19.68
N HIS B 23 0.76 -23.50 -20.34
CA HIS B 23 1.76 -24.47 -20.76
C HIS B 23 1.60 -24.78 -22.24
N ALA B 24 2.31 -25.79 -22.73
CA ALA B 24 2.20 -26.17 -24.13
C ALA B 24 0.87 -26.83 -24.46
N ASP B 25 0.08 -27.23 -23.46
CA ASP B 25 -1.21 -27.86 -23.68
C ASP B 25 -2.37 -26.94 -23.37
N THR B 26 -2.11 -25.65 -23.15
CA THR B 26 -3.19 -24.70 -22.86
C THR B 26 -4.08 -24.57 -24.08
N THR B 27 -5.37 -24.83 -23.90
CA THR B 27 -6.31 -24.67 -25.00
C THR B 27 -6.67 -23.20 -25.19
N LYS B 28 -7.13 -22.89 -26.40
CA LYS B 28 -7.58 -21.54 -26.71
C LYS B 28 -8.67 -21.08 -25.74
N TRP B 29 -9.58 -22.01 -25.40
CA TRP B 29 -10.67 -21.66 -24.47
C TRP B 29 -10.14 -21.24 -23.11
N GLU B 30 -9.17 -21.98 -22.58
CA GLU B 30 -8.62 -21.66 -21.26
C GLU B 30 -7.97 -20.29 -21.26
N TRP B 31 -7.11 -20.02 -22.24
CA TRP B 31 -6.46 -18.73 -22.35
C TRP B 31 -7.47 -17.60 -22.45
N LEU B 32 -8.51 -17.79 -23.26
CA LEU B 32 -9.45 -16.69 -23.49
C LEU B 32 -10.35 -16.46 -22.27
N VAL B 33 -10.76 -17.52 -21.58
CA VAL B 33 -11.56 -17.28 -20.37
C VAL B 33 -10.68 -16.66 -19.28
N ASN B 34 -9.40 -17.02 -19.23
CA ASN B 34 -8.50 -16.38 -18.28
C ASN B 34 -8.41 -14.88 -18.55
N GLN B 35 -8.19 -14.50 -19.81
CA GLN B 35 -8.03 -13.08 -20.08
C GLN B 35 -9.35 -12.34 -19.97
N HIS B 36 -10.48 -13.01 -20.21
CA HIS B 36 -11.78 -12.37 -19.99
C HIS B 36 -12.03 -12.11 -18.52
N ARG B 37 -11.68 -13.07 -17.65
CA ARG B 37 -11.84 -12.84 -16.22
C ARG B 37 -10.88 -11.76 -15.73
N ASP B 38 -9.65 -11.75 -16.24
CA ASP B 38 -8.72 -10.66 -15.94
C ASP B 38 -9.33 -9.32 -16.32
N SER B 39 -9.93 -9.25 -17.52
CA SER B 39 -10.53 -8.00 -17.98
C SER B 39 -11.66 -7.56 -17.06
N TYR B 40 -12.52 -8.49 -16.65
CA TYR B 40 -13.64 -8.12 -15.80
C TYR B 40 -13.16 -7.62 -14.44
N CYS B 41 -12.15 -8.29 -13.86
CA CYS B 41 -11.58 -7.80 -12.61
C CYS B 41 -10.96 -6.41 -12.77
N SER B 42 -10.27 -6.19 -13.90
CA SER B 42 -9.67 -4.88 -14.13
C SER B 42 -10.75 -3.80 -14.31
N TYR B 43 -11.88 -4.16 -14.90
CA TYR B 43 -13.00 -3.22 -14.97
C TYR B 43 -13.50 -2.89 -13.57
N MET B 44 -13.66 -3.92 -12.73
CA MET B 44 -14.07 -3.68 -11.35
C MET B 44 -13.10 -2.76 -10.63
N GLY B 45 -11.80 -2.86 -10.95
CA GLY B 45 -10.79 -2.08 -10.28
C GLY B 45 -10.69 -0.63 -10.71
N HIS B 46 -10.59 -0.38 -12.01
CA HIS B 46 -10.40 0.98 -12.52
C HIS B 46 -11.73 1.72 -12.55
N PHE B 47 -11.79 2.84 -11.81
CA PHE B 47 -13.05 3.57 -11.65
C PHE B 47 -13.56 4.11 -12.98
N ASP B 48 -12.69 4.78 -13.74
CA ASP B 48 -13.16 5.47 -14.94
C ASP B 48 -13.57 4.49 -16.05
N LEU B 49 -12.97 3.30 -16.08
CA LEU B 49 -13.38 2.30 -17.05
C LEU B 49 -14.82 1.85 -16.78
N LEU B 50 -15.12 1.53 -15.53
CA LEU B 50 -16.48 1.18 -15.14
C LEU B 50 -17.44 2.34 -15.36
N ASN B 51 -16.97 3.58 -15.16
CA ASN B 51 -17.80 4.74 -15.45
C ASN B 51 -18.14 4.82 -16.93
N TYR B 52 -17.15 4.60 -17.81
CA TYR B 52 -17.39 4.57 -19.24
C TYR B 52 -18.44 3.52 -19.58
N PHE B 53 -18.30 2.32 -19.02
CA PHE B 53 -19.26 1.26 -19.29
C PHE B 53 -20.66 1.63 -18.81
N ALA B 54 -20.76 2.22 -17.61
CA ALA B 54 -22.05 2.59 -17.03
C ALA B 54 -22.66 3.82 -17.69
N ILE B 55 -21.90 4.56 -18.48
CA ILE B 55 -22.49 5.61 -19.30
C ILE B 55 -22.96 5.07 -20.63
N ALA B 56 -22.17 4.19 -21.25
CA ALA B 56 -22.56 3.58 -22.51
C ALA B 56 -23.89 2.87 -22.39
N GLU B 57 -23.96 1.85 -21.54
CA GLU B 57 -25.23 1.28 -21.12
C GLU B 57 -25.79 2.12 -19.99
N ASN B 58 -27.07 2.51 -20.10
CA ASN B 58 -27.68 3.40 -19.12
C ASN B 58 -28.07 2.59 -17.88
N GLU B 59 -27.05 2.19 -17.13
CA GLU B 59 -27.24 1.39 -15.93
C GLU B 59 -26.37 1.95 -14.80
N SER B 60 -26.79 1.69 -13.57
CA SER B 60 -26.02 2.15 -12.42
C SER B 60 -24.72 1.36 -12.30
N LYS B 61 -23.78 1.91 -11.54
CA LYS B 61 -22.50 1.24 -11.33
C LYS B 61 -22.67 -0.07 -10.58
N ALA B 62 -23.56 -0.09 -9.58
CA ALA B 62 -23.83 -1.33 -8.86
C ALA B 62 -24.40 -2.38 -9.79
N ARG B 63 -25.28 -1.97 -10.71
CA ARG B 63 -25.90 -2.93 -11.62
C ARG B 63 -24.88 -3.52 -12.58
N VAL B 64 -23.99 -2.70 -13.13
CA VAL B 64 -23.01 -3.23 -14.06
C VAL B 64 -21.97 -4.06 -13.32
N ARG B 65 -21.66 -3.72 -12.06
CA ARG B 65 -20.79 -4.58 -11.27
C ARG B 65 -21.43 -5.95 -11.03
N PHE B 66 -22.73 -5.96 -10.73
CA PHE B 66 -23.45 -7.22 -10.57
C PHE B 66 -23.44 -8.03 -11.86
N ASN B 67 -23.67 -7.36 -13.01
CA ASN B 67 -23.63 -8.04 -14.29
C ASN B 67 -22.26 -8.65 -14.57
N LEU B 68 -21.20 -7.91 -14.24
CA LEU B 68 -19.84 -8.41 -14.47
C LEU B 68 -19.56 -9.63 -13.59
N MET B 69 -19.91 -9.55 -12.32
CA MET B 69 -19.71 -10.69 -11.43
C MET B 69 -20.54 -11.89 -11.90
N GLU B 70 -21.72 -11.65 -12.48
CA GLU B 70 -22.51 -12.75 -13.03
C GLU B 70 -21.81 -13.38 -14.23
N LYS B 71 -21.31 -12.54 -15.15
CA LYS B 71 -20.61 -13.03 -16.33
C LYS B 71 -19.27 -13.67 -15.99
N MET B 72 -18.75 -13.47 -14.78
CA MET B 72 -17.48 -14.09 -14.40
C MET B 72 -17.54 -15.62 -14.43
N LEU B 73 -18.75 -16.19 -14.36
CA LEU B 73 -18.87 -17.64 -14.20
C LEU B 73 -18.50 -18.39 -15.47
N GLN B 74 -19.17 -18.07 -16.58
CA GLN B 74 -18.85 -18.62 -17.90
C GLN B 74 -18.78 -17.46 -18.88
N PRO B 75 -17.65 -16.77 -18.94
CA PRO B 75 -17.58 -15.56 -19.78
C PRO B 75 -17.66 -15.87 -21.26
N CYS B 76 -17.07 -16.96 -21.71
CA CYS B 76 -17.02 -17.29 -23.13
C CYS B 76 -17.89 -18.48 -23.50
N GLY B 77 -18.38 -19.25 -22.54
CA GLY B 77 -19.21 -20.39 -22.84
C GLY B 77 -18.58 -21.69 -22.39
N PRO B 78 -19.34 -22.78 -22.47
CA PRO B 78 -18.83 -24.07 -22.00
C PRO B 78 -17.71 -24.56 -22.90
N PRO B 79 -16.81 -25.38 -22.38
CA PRO B 79 -15.70 -25.90 -23.19
C PRO B 79 -16.17 -27.05 -24.09
N ALA B 80 -15.21 -27.63 -24.80
CA ALA B 80 -15.50 -28.75 -25.71
C ALA B 80 -15.57 -30.07 -24.94
N ASN C 11 14.60 -44.49 3.49
CA ASN C 11 15.77 -44.88 4.27
C ASN C 11 15.64 -44.45 5.72
N LEU C 12 16.54 -44.95 6.57
CA LEU C 12 16.50 -44.64 7.99
C LEU C 12 17.44 -43.49 8.28
N PRO C 13 16.97 -42.40 8.89
CA PRO C 13 17.84 -41.24 9.12
C PRO C 13 18.88 -41.53 10.20
N PHE C 14 19.84 -40.62 10.29
CA PHE C 14 20.95 -40.77 11.22
C PHE C 14 20.48 -40.70 12.66
N LEU C 15 21.20 -41.41 13.54
CA LEU C 15 20.89 -41.45 14.97
C LEU C 15 22.08 -40.97 15.77
N LYS C 16 21.84 -39.99 16.64
CA LYS C 16 22.84 -39.55 17.60
C LYS C 16 22.81 -40.48 18.81
N PRO C 17 23.83 -40.41 19.67
CA PRO C 17 23.83 -41.27 20.87
C PRO C 17 22.53 -41.20 21.67
N ASP C 18 22.10 -40.00 22.07
CA ASP C 18 20.91 -39.85 22.88
C ASP C 18 19.65 -40.33 22.17
N ASP C 19 19.68 -40.49 20.84
CA ASP C 19 18.53 -41.01 20.13
C ASP C 19 18.36 -42.52 20.32
N ILE C 20 19.46 -43.22 20.62
CA ILE C 20 19.42 -44.68 20.68
C ILE C 20 18.38 -45.17 21.67
N GLN C 21 18.34 -44.56 22.86
CA GLN C 21 17.41 -45.02 23.89
C GLN C 21 15.95 -44.86 23.49
N TYR C 22 15.66 -44.01 22.49
CA TYR C 22 14.28 -43.68 22.16
C TYR C 22 13.75 -44.47 20.97
N PHE C 23 14.56 -44.69 19.94
CA PHE C 23 14.13 -45.43 18.75
C PHE C 23 15.07 -46.60 18.46
N ASP C 24 15.48 -47.33 19.50
CA ASP C 24 16.35 -48.49 19.28
C ASP C 24 15.60 -49.63 18.61
N LYS C 25 14.29 -49.74 18.85
CA LYS C 25 13.51 -50.82 18.27
C LYS C 25 13.48 -50.75 16.75
N LEU C 26 13.79 -49.61 16.15
CA LEU C 26 13.81 -49.50 14.70
C LEU C 26 15.04 -50.17 14.10
N LEU C 27 16.09 -50.41 14.89
CA LEU C 27 17.26 -51.08 14.36
C LEU C 27 16.99 -52.56 14.09
N VAL C 28 16.07 -53.17 14.86
CA VAL C 28 15.79 -54.59 14.69
C VAL C 28 15.23 -54.84 13.30
N ASP C 29 15.68 -55.94 12.68
CA ASP C 29 15.35 -56.25 11.30
C ASP C 29 14.18 -57.23 11.17
N VAL C 30 13.40 -57.43 12.23
CA VAL C 30 12.20 -58.26 12.13
C VAL C 30 11.15 -57.47 11.37
N ASP C 31 11.30 -57.44 10.04
CA ASP C 31 10.50 -56.53 9.22
C ASP C 31 9.03 -56.94 9.18
N GLU C 32 8.74 -58.22 9.36
CA GLU C 32 7.40 -58.74 9.10
C GLU C 32 6.41 -58.17 10.11
N SER C 33 5.28 -57.68 9.61
CA SER C 33 4.29 -57.02 10.46
C SER C 33 3.40 -58.02 11.22
N THR C 34 3.18 -59.21 10.66
CA THR C 34 2.40 -60.22 11.38
C THR C 34 3.07 -60.60 12.69
N LEU C 35 4.40 -60.48 12.78
CA LEU C 35 5.08 -60.72 14.04
C LEU C 35 4.70 -59.68 15.08
N SER C 36 4.41 -58.44 14.65
CA SER C 36 4.02 -57.39 15.58
C SER C 36 2.66 -57.70 16.19
N PRO C 37 2.51 -57.59 17.51
CA PRO C 37 1.24 -57.93 18.17
C PRO C 37 0.30 -56.74 18.28
N GLU C 38 -0.14 -56.23 17.13
CA GLU C 38 -0.96 -55.04 17.01
C GLU C 38 -0.28 -53.79 17.55
N GLU C 39 1.00 -53.90 17.91
CA GLU C 39 1.77 -52.75 18.37
C GLU C 39 2.62 -52.15 17.25
N GLN C 40 2.32 -52.47 15.99
CA GLN C 40 2.89 -51.71 14.89
C GLN C 40 2.60 -50.23 15.03
N LYS C 41 1.46 -49.89 15.64
CA LYS C 41 1.17 -48.50 15.99
C LYS C 41 2.30 -47.87 16.78
N GLU C 42 2.79 -48.59 17.80
CA GLU C 42 3.95 -48.12 18.55
C GLU C 42 5.16 -47.96 17.63
N ARG C 43 5.43 -48.97 16.80
CA ARG C 43 6.57 -48.91 15.90
C ARG C 43 6.35 -47.89 14.79
N LYS C 44 5.11 -47.74 14.31
CA LYS C 44 4.81 -46.73 13.31
C LYS C 44 5.04 -45.33 13.86
N ILE C 45 4.59 -45.07 15.09
CA ILE C 45 4.81 -43.76 15.71
C ILE C 45 6.29 -43.52 15.92
N MET C 46 7.03 -44.55 16.33
CA MET C 46 8.48 -44.41 16.49
C MET C 46 9.13 -44.02 15.17
N LYS C 47 8.74 -44.70 14.08
CA LYS C 47 9.29 -44.40 12.76
C LYS C 47 8.97 -42.98 12.34
N LEU C 48 7.71 -42.56 12.50
CA LEU C 48 7.29 -41.24 12.06
C LEU C 48 7.99 -40.14 12.88
N LEU C 49 8.11 -40.34 14.19
CA LEU C 49 8.77 -39.34 15.02
C LEU C 49 10.26 -39.27 14.72
N LEU C 50 10.90 -40.40 14.41
CA LEU C 50 12.29 -40.35 14.00
C LEU C 50 12.45 -39.60 12.69
N LYS C 51 11.54 -39.83 11.74
CA LYS C 51 11.60 -39.10 10.47
C LYS C 51 11.39 -37.60 10.69
N ILE C 52 10.52 -37.24 11.63
CA ILE C 52 10.24 -35.82 11.87
C ILE C 52 11.43 -35.15 12.54
N LYS C 53 11.94 -35.75 13.62
CA LYS C 53 12.97 -35.09 14.41
C LYS C 53 14.26 -34.93 13.62
N ASN C 54 14.76 -36.01 13.05
CA ASN C 54 15.96 -35.98 12.22
C ASN C 54 15.57 -36.25 10.77
N GLY C 55 16.01 -35.37 9.88
CA GLY C 55 15.75 -35.57 8.48
C GLY C 55 15.59 -34.26 7.74
N THR C 56 15.69 -34.35 6.40
CA THR C 56 15.56 -33.21 5.54
C THR C 56 14.15 -32.61 5.64
N PRO C 57 13.98 -31.36 5.22
CA PRO C 57 12.64 -30.73 5.23
C PRO C 57 11.61 -31.55 4.47
N PRO C 58 11.92 -32.11 3.29
CA PRO C 58 10.89 -32.91 2.60
C PRO C 58 10.42 -34.12 3.39
N MET C 59 11.35 -34.91 3.95
CA MET C 59 10.94 -36.14 4.62
C MET C 59 10.22 -35.84 5.93
N ARG C 60 10.65 -34.80 6.66
CA ARG C 60 9.93 -34.46 7.88
C ARG C 60 8.58 -33.84 7.57
N LYS C 61 8.45 -33.11 6.45
CA LYS C 61 7.13 -32.63 6.03
C LYS C 61 6.21 -33.80 5.70
N ALA C 62 6.72 -34.78 4.96
CA ALA C 62 5.92 -35.95 4.64
C ALA C 62 5.51 -36.71 5.90
N ALA C 63 6.44 -36.85 6.85
CA ALA C 63 6.12 -37.58 8.08
C ALA C 63 5.12 -36.80 8.93
N LEU C 64 5.22 -35.47 8.94
CA LEU C 64 4.26 -34.66 9.68
C LEU C 64 2.87 -34.82 9.09
N ARG C 65 2.76 -34.75 7.75
CA ARG C 65 1.46 -34.95 7.12
C ARG C 65 0.93 -36.35 7.42
N GLN C 66 1.79 -37.36 7.36
CA GLN C 66 1.36 -38.73 7.64
C GLN C 66 0.84 -38.88 9.06
N ILE C 67 1.55 -38.30 10.04
CA ILE C 67 1.15 -38.47 11.42
C ILE C 67 -0.08 -37.64 11.75
N THR C 68 -0.31 -36.54 11.00
CA THR C 68 -1.52 -35.76 11.24
C THR C 68 -2.74 -36.42 10.61
N ASP C 69 -2.57 -37.04 9.43
CA ASP C 69 -3.70 -37.69 8.76
C ASP C 69 -4.13 -38.97 9.47
N LYS C 70 -3.28 -39.55 10.30
CA LYS C 70 -3.60 -40.78 11.03
C LYS C 70 -3.67 -40.57 12.53
N ALA C 71 -3.74 -39.32 12.99
CA ALA C 71 -3.65 -39.03 14.42
C ALA C 71 -4.76 -39.73 15.19
N ARG C 72 -6.01 -39.60 14.73
CA ARG C 72 -7.12 -40.22 15.44
C ARG C 72 -7.08 -41.74 15.33
N GLU C 73 -6.61 -42.27 14.20
CA GLU C 73 -6.50 -43.72 14.06
C GLU C 73 -5.52 -44.31 15.08
N PHE C 74 -4.51 -43.54 15.46
CA PHE C 74 -3.55 -44.01 16.47
C PHE C 74 -4.13 -43.88 17.87
N GLY C 75 -4.53 -42.68 18.25
CA GLY C 75 -5.01 -42.40 19.59
C GLY C 75 -4.04 -41.52 20.36
N ALA C 76 -4.59 -40.70 21.26
CA ALA C 76 -3.73 -39.82 22.05
C ALA C 76 -2.81 -40.59 22.96
N GLY C 77 -3.23 -41.76 23.44
CA GLY C 77 -2.48 -42.56 24.38
C GLY C 77 -1.05 -42.84 23.95
N PRO C 78 -0.88 -43.72 22.95
CA PRO C 78 0.49 -44.07 22.52
C PRO C 78 1.24 -42.89 21.94
N LEU C 79 0.54 -42.04 21.19
CA LEU C 79 1.14 -40.84 20.62
C LEU C 79 1.86 -40.02 21.68
N PHE C 80 1.13 -39.64 22.74
CA PHE C 80 1.76 -38.82 23.78
C PHE C 80 2.71 -39.63 24.65
N ASN C 81 2.44 -40.93 24.84
CA ASN C 81 3.35 -41.75 25.63
C ASN C 81 4.70 -41.92 24.94
N GLN C 82 4.77 -41.68 23.64
CA GLN C 82 6.05 -41.64 22.94
C GLN C 82 6.59 -40.22 22.75
N ILE C 83 5.71 -39.22 22.70
CA ILE C 83 6.15 -37.84 22.48
C ILE C 83 6.72 -37.25 23.77
N LEU C 84 5.97 -37.31 24.87
CA LEU C 84 6.38 -36.67 26.11
C LEU C 84 7.75 -37.10 26.61
N PRO C 85 8.16 -38.38 26.55
CA PRO C 85 9.54 -38.70 26.94
C PRO C 85 10.59 -37.95 26.14
N LEU C 86 10.35 -37.74 24.84
CA LEU C 86 11.30 -37.00 24.02
C LEU C 86 11.32 -35.52 24.38
N LEU C 87 10.22 -34.99 24.89
CA LEU C 87 10.12 -33.55 25.12
C LEU C 87 10.95 -33.12 26.32
N MET C 88 10.97 -33.92 27.38
CA MET C 88 11.68 -33.59 28.60
C MET C 88 13.10 -34.14 28.64
N SER C 89 13.63 -34.60 27.52
CA SER C 89 14.99 -35.12 27.49
C SER C 89 15.99 -33.97 27.63
N PRO C 90 16.99 -34.11 28.50
CA PRO C 90 17.98 -33.02 28.65
C PRO C 90 18.89 -32.86 27.45
N THR C 91 18.90 -33.82 26.52
CA THR C 91 19.74 -33.78 25.34
C THR C 91 19.05 -33.14 24.14
N LEU C 92 17.87 -32.57 24.33
CA LEU C 92 17.06 -32.08 23.22
C LEU C 92 17.56 -30.70 22.77
N GLU C 93 17.69 -30.53 21.45
CA GLU C 93 18.02 -29.24 20.88
C GLU C 93 16.77 -28.36 20.79
N ASP C 94 17.00 -27.05 20.74
CA ASP C 94 15.88 -26.11 20.71
C ASP C 94 15.03 -26.30 19.46
N GLN C 95 15.67 -26.51 18.31
CA GLN C 95 14.93 -26.67 17.06
C GLN C 95 14.16 -27.99 17.06
N GLU C 96 14.74 -29.04 17.64
CA GLU C 96 14.00 -30.29 17.81
C GLU C 96 12.79 -30.08 18.72
N ARG C 97 12.96 -29.26 19.76
CA ARG C 97 11.83 -28.95 20.63
C ARG C 97 10.73 -28.23 19.87
N HIS C 98 11.11 -27.31 18.97
CA HIS C 98 10.11 -26.62 18.16
C HIS C 98 9.38 -27.59 17.23
N LEU C 99 10.12 -28.49 16.60
CA LEU C 99 9.49 -29.51 15.77
C LEU C 99 8.51 -30.35 16.57
N LEU C 100 8.89 -30.72 17.80
CA LEU C 100 7.99 -31.50 18.65
C LEU C 100 6.76 -30.69 19.04
N VAL C 101 6.94 -29.41 19.34
CA VAL C 101 5.79 -28.56 19.71
C VAL C 101 4.82 -28.44 18.54
N LYS C 102 5.35 -28.36 17.32
CA LYS C 102 4.43 -28.21 16.18
C LYS C 102 3.73 -29.52 15.85
N VAL C 103 4.42 -30.67 15.95
CA VAL C 103 3.69 -31.92 15.76
C VAL C 103 2.66 -32.08 16.87
N ILE C 104 2.97 -31.60 18.08
CA ILE C 104 2.02 -31.67 19.19
C ILE C 104 0.77 -30.88 18.87
N ASP C 105 0.93 -29.63 18.44
CA ASP C 105 -0.28 -28.81 18.28
C ASP C 105 -1.07 -29.24 17.07
N ARG C 106 -0.41 -29.79 16.03
CA ARG C 106 -1.16 -30.31 14.89
C ARG C 106 -1.97 -31.55 15.29
N ILE C 107 -1.34 -32.52 15.95
CA ILE C 107 -2.11 -33.70 16.34
C ILE C 107 -3.18 -33.34 17.36
N LEU C 108 -2.93 -32.32 18.18
CA LEU C 108 -3.95 -31.88 19.13
C LEU C 108 -5.15 -31.27 18.41
N TYR C 109 -4.91 -30.49 17.35
CA TYR C 109 -6.02 -30.02 16.54
C TYR C 109 -6.76 -31.18 15.88
N LYS C 110 -6.05 -32.26 15.55
CA LYS C 110 -6.73 -33.38 14.90
C LYS C 110 -7.63 -34.15 15.88
N LEU C 111 -7.08 -34.58 17.01
CA LEU C 111 -7.86 -35.31 18.01
C LEU C 111 -8.48 -34.30 18.98
N ASP C 112 -9.80 -34.14 18.90
CA ASP C 112 -10.48 -33.11 19.68
C ASP C 112 -10.55 -33.48 21.15
N ASP C 113 -11.48 -34.36 21.51
CA ASP C 113 -11.67 -34.77 22.89
C ASP C 113 -10.96 -36.07 23.23
N LEU C 114 -10.24 -36.66 22.28
CA LEU C 114 -9.51 -37.90 22.57
C LEU C 114 -8.40 -37.67 23.57
N VAL C 115 -7.98 -36.42 23.78
CA VAL C 115 -6.89 -36.10 24.70
C VAL C 115 -7.38 -35.92 26.13
N ARG C 116 -8.69 -35.78 26.35
CA ARG C 116 -9.23 -35.46 27.66
C ARG C 116 -8.71 -36.33 28.80
N PRO C 117 -8.63 -37.66 28.68
CA PRO C 117 -8.14 -38.46 29.82
C PRO C 117 -6.68 -38.18 30.15
N TYR C 118 -5.87 -37.86 29.15
CA TYR C 118 -4.42 -37.73 29.34
C TYR C 118 -3.99 -36.30 29.67
N VAL C 119 -4.93 -35.35 29.72
CA VAL C 119 -4.61 -33.94 29.97
C VAL C 119 -3.68 -33.82 31.17
N HIS C 120 -4.11 -34.36 32.31
CA HIS C 120 -3.27 -34.35 33.52
C HIS C 120 -1.88 -34.87 33.22
N LYS C 121 -1.80 -36.09 32.68
CA LYS C 121 -0.50 -36.71 32.43
C LYS C 121 0.36 -35.84 31.53
N ILE C 122 -0.26 -35.01 30.68
CA ILE C 122 0.51 -34.13 29.81
C ILE C 122 0.98 -32.90 30.58
N LEU C 123 0.08 -32.28 31.35
CA LEU C 123 0.37 -30.99 31.95
C LEU C 123 1.59 -31.08 32.87
N VAL C 124 1.60 -32.09 33.74
CA VAL C 124 2.71 -32.26 34.69
C VAL C 124 4.04 -32.44 33.99
N VAL C 125 4.04 -32.86 32.73
CA VAL C 125 5.29 -33.01 31.99
C VAL C 125 5.72 -31.70 31.34
N ILE C 126 4.78 -30.81 31.04
CA ILE C 126 5.08 -29.58 30.30
C ILE C 126 4.88 -28.32 31.11
N GLU C 127 4.41 -28.44 32.35
CA GLU C 127 4.29 -27.25 33.20
C GLU C 127 5.63 -26.57 33.49
N PRO C 128 6.74 -27.28 33.70
CA PRO C 128 8.01 -26.57 33.94
C PRO C 128 8.43 -25.66 32.79
N LEU C 129 8.03 -25.97 31.55
CA LEU C 129 8.42 -25.12 30.42
C LEU C 129 7.91 -23.70 30.57
N LEU C 130 6.82 -23.49 31.31
CA LEU C 130 6.28 -22.15 31.52
C LEU C 130 7.13 -21.31 32.45
N ILE C 131 8.13 -21.89 33.12
CA ILE C 131 9.00 -21.11 33.99
C ILE C 131 10.45 -21.33 33.60
N ASP C 132 10.66 -21.94 32.43
CA ASP C 132 12.01 -22.14 31.92
C ASP C 132 12.65 -20.79 31.61
N GLU C 133 13.98 -20.74 31.75
CA GLU C 133 14.69 -19.50 31.49
C GLU C 133 14.63 -19.10 30.02
N ASP C 134 14.64 -20.08 29.12
CA ASP C 134 14.54 -19.80 27.69
C ASP C 134 13.17 -19.20 27.36
N TYR C 135 13.18 -18.04 26.72
CA TYR C 135 11.93 -17.38 26.35
C TYR C 135 11.13 -18.21 25.36
N TYR C 136 11.81 -18.85 24.41
CA TYR C 136 11.12 -19.67 23.42
C TYR C 136 10.53 -20.93 24.06
N ALA C 137 11.20 -21.49 25.07
CA ALA C 137 10.61 -22.60 25.81
C ALA C 137 9.31 -22.18 26.48
N ARG C 138 9.27 -20.96 27.03
CA ARG C 138 8.04 -20.47 27.65
C ARG C 138 6.94 -20.29 26.62
N VAL C 139 7.26 -19.70 25.46
CA VAL C 139 6.21 -19.50 24.46
C VAL C 139 5.72 -20.85 23.93
N GLU C 140 6.61 -21.85 23.83
CA GLU C 140 6.17 -23.16 23.37
C GLU C 140 5.30 -23.86 24.40
N GLY C 141 5.65 -23.74 25.69
CA GLY C 141 4.78 -24.28 26.72
C GLY C 141 3.40 -23.64 26.72
N ARG C 142 3.35 -22.31 26.55
CA ARG C 142 2.06 -21.64 26.48
C ARG C 142 1.27 -22.08 25.25
N GLU C 143 1.95 -22.25 24.11
CA GLU C 143 1.27 -22.74 22.92
C GLU C 143 0.69 -24.12 23.14
N ILE C 144 1.45 -25.00 23.80
CA ILE C 144 0.96 -26.35 24.07
C ILE C 144 -0.25 -26.33 24.99
N ILE C 145 -0.21 -25.52 26.06
CA ILE C 145 -1.35 -25.45 26.96
C ILE C 145 -2.58 -24.90 26.23
N SER C 146 -2.38 -23.92 25.35
CA SER C 146 -3.52 -23.35 24.64
C SER C 146 -4.11 -24.35 23.67
N ASN C 147 -3.27 -25.13 22.97
CA ASN C 147 -3.78 -26.18 22.10
C ASN C 147 -4.52 -27.24 22.91
N LEU C 148 -4.02 -27.56 24.10
CA LEU C 148 -4.71 -28.51 24.97
C LEU C 148 -6.08 -27.98 25.36
N ALA C 149 -6.14 -26.71 25.77
CA ALA C 149 -7.40 -26.11 26.20
C ALA C 149 -8.39 -25.98 25.05
N LYS C 150 -7.89 -25.83 23.81
CA LYS C 150 -8.80 -25.81 22.67
C LYS C 150 -9.26 -27.23 22.30
N ALA C 151 -8.41 -28.23 22.51
CA ALA C 151 -8.78 -29.61 22.22
C ALA C 151 -9.70 -30.15 23.31
N ALA C 152 -9.14 -30.49 24.47
CA ALA C 152 -9.96 -30.85 25.62
C ALA C 152 -10.76 -29.64 26.07
N GLY C 153 -12.02 -29.86 26.41
CA GLY C 153 -12.90 -28.75 26.73
C GLY C 153 -12.41 -27.93 27.92
N LEU C 154 -12.98 -26.73 28.03
CA LEU C 154 -12.72 -25.88 29.19
C LEU C 154 -13.04 -26.59 30.49
N ALA C 155 -14.17 -27.32 30.53
CA ALA C 155 -14.55 -28.04 31.74
C ALA C 155 -13.49 -29.06 32.12
N THR C 156 -12.89 -29.72 31.12
CA THR C 156 -11.84 -30.70 31.41
C THR C 156 -10.61 -30.03 32.00
N MET C 157 -10.23 -28.87 31.45
CA MET C 157 -9.09 -28.13 31.99
C MET C 157 -9.33 -27.75 33.44
N ILE C 158 -10.53 -27.23 33.73
CA ILE C 158 -10.86 -26.85 35.10
C ILE C 158 -10.82 -28.06 36.02
N SER C 159 -11.49 -29.15 35.63
CA SER C 159 -11.52 -30.35 36.45
C SER C 159 -10.13 -30.91 36.68
N THR C 160 -9.22 -30.70 35.73
CA THR C 160 -7.88 -31.25 35.86
C THR C 160 -6.96 -30.37 36.70
N MET C 161 -7.16 -29.06 36.68
CA MET C 161 -6.28 -28.15 37.40
C MET C 161 -6.91 -27.57 38.66
N ARG C 162 -8.16 -27.91 38.97
CA ARG C 162 -8.80 -27.39 40.17
C ARG C 162 -8.16 -27.82 41.47
N PRO C 163 -7.80 -29.09 41.69
CA PRO C 163 -7.34 -29.51 43.03
C PRO C 163 -6.06 -28.82 43.49
N ASP C 164 -5.25 -28.26 42.58
CA ASP C 164 -3.97 -27.69 42.94
C ASP C 164 -4.05 -26.22 43.35
N ILE C 165 -5.23 -25.60 43.31
CA ILE C 165 -5.32 -24.18 43.61
C ILE C 165 -5.20 -23.90 45.10
N ASP C 166 -5.33 -24.92 45.96
CA ASP C 166 -5.17 -24.74 47.40
C ASP C 166 -4.14 -25.71 47.96
N ASN C 167 -3.18 -26.15 47.13
CA ASN C 167 -2.04 -26.91 47.62
C ASN C 167 -1.25 -26.05 48.60
N MET C 168 -0.59 -26.71 49.55
CA MET C 168 0.16 -25.97 50.57
C MET C 168 1.42 -25.35 49.99
N ASP C 169 2.08 -26.04 49.06
CA ASP C 169 3.25 -25.48 48.41
C ASP C 169 2.86 -24.31 47.51
N GLU C 170 3.71 -23.29 47.47
CA GLU C 170 3.40 -22.09 46.69
C GLU C 170 3.87 -22.20 45.24
N TYR C 171 4.88 -23.03 44.97
CA TYR C 171 5.40 -23.14 43.61
C TYR C 171 4.38 -23.80 42.69
N VAL C 172 3.77 -24.88 43.15
CA VAL C 172 2.72 -25.54 42.37
C VAL C 172 1.55 -24.58 42.16
N ARG C 173 1.25 -23.76 43.17
CA ARG C 173 0.19 -22.78 43.04
C ARG C 173 0.51 -21.75 41.96
N ASN C 174 1.75 -21.26 41.92
CA ASN C 174 2.14 -20.30 40.89
C ASN C 174 2.06 -20.92 39.50
N THR C 175 2.54 -22.16 39.37
CA THR C 175 2.53 -22.81 38.05
C THR C 175 1.10 -23.05 37.57
N THR C 176 0.22 -23.53 38.44
CA THR C 176 -1.17 -23.71 38.01
C THR C 176 -1.85 -22.37 37.77
N ALA C 177 -1.43 -21.31 38.46
CA ALA C 177 -2.00 -19.99 38.22
C ALA C 177 -1.65 -19.49 36.82
N ARG C 178 -0.39 -19.63 36.42
CA ARG C 178 -0.04 -19.20 35.07
C ARG C 178 -0.64 -20.13 34.01
N ALA C 179 -0.83 -21.42 34.33
CA ALA C 179 -1.54 -22.30 33.40
C ALA C 179 -2.99 -21.86 33.23
N PHE C 180 -3.64 -21.43 34.31
CA PHE C 180 -4.99 -20.90 34.20
C PHE C 180 -5.01 -19.61 33.39
N ALA C 181 -3.97 -18.78 33.54
CA ALA C 181 -3.87 -17.59 32.70
C ALA C 181 -3.79 -17.98 31.22
N VAL C 182 -3.00 -19.01 30.91
CA VAL C 182 -2.85 -19.43 29.53
C VAL C 182 -4.17 -19.97 28.97
N VAL C 183 -4.89 -20.78 29.74
CA VAL C 183 -6.16 -21.28 29.23
C VAL C 183 -7.16 -20.13 29.07
N ALA C 184 -7.09 -19.13 29.95
CA ALA C 184 -7.95 -17.95 29.79
C ALA C 184 -7.62 -17.21 28.50
N SER C 185 -6.33 -17.12 28.17
CA SER C 185 -5.96 -16.51 26.89
C SER C 185 -6.41 -17.36 25.71
N ALA C 186 -6.45 -18.68 25.88
CA ALA C 186 -6.79 -19.57 24.77
C ALA C 186 -8.28 -19.55 24.47
N LEU C 187 -9.11 -19.65 25.51
CA LEU C 187 -10.55 -19.77 25.33
C LEU C 187 -11.30 -18.47 25.61
N GLY C 188 -10.61 -17.43 26.06
CA GLY C 188 -11.26 -16.16 26.32
C GLY C 188 -11.44 -15.91 27.81
N ILE C 189 -11.33 -14.64 28.19
CA ILE C 189 -11.52 -14.26 29.59
C ILE C 189 -12.94 -14.55 30.08
N PRO C 190 -14.01 -14.23 29.33
CA PRO C 190 -15.36 -14.55 29.83
C PRO C 190 -15.58 -16.03 30.10
N SER C 191 -14.79 -16.92 29.49
CA SER C 191 -14.97 -18.34 29.77
C SER C 191 -14.57 -18.69 31.19
N LEU C 192 -13.57 -18.00 31.75
CA LEU C 192 -13.14 -18.24 33.12
C LEU C 192 -13.67 -17.20 34.10
N LEU C 193 -14.33 -16.16 33.62
CA LEU C 193 -14.89 -15.13 34.51
C LEU C 193 -15.71 -15.70 35.66
N PRO C 194 -16.67 -16.61 35.45
CA PRO C 194 -17.42 -17.12 36.62
C PRO C 194 -16.58 -18.00 37.53
N PHE C 195 -15.74 -18.87 36.96
CA PHE C 195 -14.86 -19.69 37.78
C PHE C 195 -13.93 -18.83 38.63
N LEU C 196 -13.33 -17.80 38.02
CA LEU C 196 -12.43 -16.93 38.78
C LEU C 196 -13.18 -16.10 39.80
N LYS C 197 -14.41 -15.68 39.48
CA LYS C 197 -15.22 -14.93 40.45
C LYS C 197 -15.55 -15.80 41.65
N ALA C 198 -15.80 -17.09 41.43
CA ALA C 198 -16.08 -17.99 42.54
C ALA C 198 -14.82 -18.30 43.33
N VAL C 199 -13.67 -18.41 42.65
CA VAL C 199 -12.44 -18.76 43.34
C VAL C 199 -11.94 -17.60 44.19
N CYS C 200 -12.01 -16.37 43.67
CA CYS C 200 -11.51 -15.22 44.40
C CYS C 200 -12.29 -14.96 45.68
N LYS C 201 -13.53 -15.44 45.77
CA LYS C 201 -14.34 -15.29 46.97
C LYS C 201 -14.48 -16.59 47.76
N SER C 202 -13.69 -17.60 47.42
CA SER C 202 -13.76 -18.88 48.14
C SER C 202 -13.38 -18.67 49.60
N LYS C 203 -14.35 -18.92 50.49
CA LYS C 203 -14.16 -18.69 51.90
C LYS C 203 -13.57 -19.88 52.65
N LYS C 204 -13.52 -21.06 52.02
CA LYS C 204 -12.95 -22.23 52.69
C LYS C 204 -11.44 -22.08 52.86
N SER C 205 -10.73 -21.84 51.77
CA SER C 205 -9.29 -21.66 51.80
C SER C 205 -8.94 -20.23 51.38
N TRP C 206 -7.87 -19.69 51.97
CA TRP C 206 -7.35 -18.41 51.53
C TRP C 206 -6.37 -18.55 50.37
N GLN C 207 -5.65 -19.68 50.30
CA GLN C 207 -4.81 -19.96 49.15
C GLN C 207 -5.61 -20.01 47.86
N ALA C 208 -6.88 -20.39 47.95
CA ALA C 208 -7.74 -20.40 46.76
C ALA C 208 -7.87 -18.99 46.18
N ARG C 209 -8.29 -18.02 47.00
CA ARG C 209 -8.42 -16.66 46.50
C ARG C 209 -7.07 -16.05 46.14
N HIS C 210 -6.01 -16.41 46.88
CA HIS C 210 -4.67 -15.96 46.53
C HIS C 210 -4.32 -16.38 45.11
N THR C 211 -4.45 -17.68 44.81
CA THR C 211 -4.13 -18.15 43.47
C THR C 211 -5.11 -17.62 42.43
N GLY C 212 -6.35 -17.32 42.82
CA GLY C 212 -7.28 -16.73 41.86
C GLY C 212 -6.86 -15.33 41.42
N ILE C 213 -6.54 -14.46 42.38
CA ILE C 213 -6.10 -13.13 41.99
C ILE C 213 -4.68 -13.17 41.40
N LYS C 214 -3.89 -14.19 41.72
CA LYS C 214 -2.65 -14.37 40.96
C LYS C 214 -2.93 -14.79 39.53
N ILE C 215 -3.98 -15.58 39.31
CA ILE C 215 -4.40 -15.93 37.96
C ILE C 215 -4.75 -14.68 37.18
N VAL C 216 -5.52 -13.76 37.79
CA VAL C 216 -5.88 -12.55 37.05
C VAL C 216 -4.67 -11.66 36.83
N GLN C 217 -3.72 -11.63 37.79
CA GLN C 217 -2.48 -10.89 37.59
C GLN C 217 -1.72 -11.43 36.38
N GLN C 218 -1.54 -12.74 36.32
CA GLN C 218 -0.84 -13.34 35.19
C GLN C 218 -1.61 -13.15 33.89
N ILE C 219 -2.94 -13.13 33.96
CA ILE C 219 -3.75 -12.82 32.78
C ILE C 219 -3.39 -11.46 32.23
N ALA C 220 -3.34 -10.46 33.11
CA ALA C 220 -2.94 -9.13 32.67
C ALA C 220 -1.54 -9.14 32.09
N ILE C 221 -0.60 -9.74 32.82
CA ILE C 221 0.82 -9.75 32.40
C ILE C 221 0.97 -10.40 31.03
N LEU C 222 0.18 -11.44 30.76
CA LEU C 222 0.35 -12.20 29.53
C LEU C 222 -0.41 -11.59 28.37
N MET C 223 -1.57 -10.99 28.61
CA MET C 223 -2.40 -10.52 27.51
C MET C 223 -2.25 -9.05 27.19
N GLY C 224 -1.64 -8.25 28.09
CA GLY C 224 -1.40 -6.86 27.74
C GLY C 224 -2.70 -6.10 27.55
N CYS C 225 -2.71 -5.21 26.57
CA CYS C 225 -3.84 -4.32 26.31
C CYS C 225 -5.08 -5.03 25.78
N ALA C 226 -5.00 -6.34 25.54
CA ALA C 226 -6.16 -7.08 25.06
C ALA C 226 -7.20 -7.34 26.14
N ILE C 227 -6.95 -6.93 27.38
CA ILE C 227 -7.88 -7.15 28.47
C ILE C 227 -8.74 -5.92 28.76
N LEU C 228 -8.57 -4.85 27.98
CA LEU C 228 -9.35 -3.63 28.20
C LEU C 228 -10.85 -3.85 28.20
N PRO C 229 -11.45 -4.71 27.35
CA PRO C 229 -12.90 -4.93 27.46
C PRO C 229 -13.33 -5.56 28.78
N HIS C 230 -12.56 -6.51 29.30
CA HIS C 230 -12.92 -7.23 30.52
C HIS C 230 -12.23 -6.66 31.76
N LEU C 231 -11.66 -5.46 31.66
CA LEU C 231 -10.90 -4.91 32.78
C LEU C 231 -11.80 -4.64 33.98
N ARG C 232 -12.98 -4.06 33.74
CA ARG C 232 -13.88 -3.76 34.85
C ARG C 232 -14.38 -5.03 35.51
N SER C 233 -14.62 -6.09 34.73
CA SER C 233 -15.06 -7.35 35.33
C SER C 233 -13.96 -7.97 36.16
N LEU C 234 -12.72 -7.96 35.66
CA LEU C 234 -11.62 -8.52 36.44
C LEU C 234 -11.41 -7.75 37.75
N VAL C 235 -11.44 -6.42 37.68
CA VAL C 235 -11.20 -5.65 38.89
C VAL C 235 -12.37 -5.79 39.87
N GLU C 236 -13.60 -5.92 39.36
CA GLU C 236 -14.72 -6.16 40.27
C GLU C 236 -14.66 -7.54 40.89
N ILE C 237 -14.07 -8.50 40.19
CA ILE C 237 -13.89 -9.83 40.76
C ILE C 237 -12.85 -9.79 41.88
N ILE C 238 -11.78 -9.01 41.71
CA ILE C 238 -10.64 -9.10 42.61
C ILE C 238 -10.54 -7.94 43.60
N GLU C 239 -11.48 -7.00 43.58
CA GLU C 239 -11.34 -5.81 44.42
C GLU C 239 -11.47 -6.14 45.91
N HIS C 240 -12.32 -7.11 46.26
CA HIS C 240 -12.55 -7.42 47.66
C HIS C 240 -11.28 -7.90 48.36
N GLY C 241 -10.33 -8.46 47.61
CA GLY C 241 -9.13 -8.99 48.22
C GLY C 241 -8.21 -7.93 48.81
N LEU C 242 -8.45 -6.66 48.47
CA LEU C 242 -7.60 -5.59 48.99
C LEU C 242 -7.74 -5.46 50.50
N VAL C 243 -8.96 -5.61 51.02
CA VAL C 243 -9.23 -5.46 52.44
C VAL C 243 -9.35 -6.81 53.15
N ASP C 244 -8.95 -7.89 52.49
CA ASP C 244 -8.95 -9.20 53.12
C ASP C 244 -8.00 -9.23 54.30
N GLU C 245 -8.37 -9.95 55.36
CA GLU C 245 -7.59 -9.91 56.59
C GLU C 245 -6.27 -10.66 56.44
N GLN C 246 -6.22 -11.69 55.60
CA GLN C 246 -4.95 -12.30 55.25
C GLN C 246 -4.09 -11.30 54.49
N GLN C 247 -2.81 -11.22 54.84
CA GLN C 247 -1.96 -10.16 54.29
C GLN C 247 -1.43 -10.50 52.91
N LYS C 248 -1.08 -11.77 52.69
CA LYS C 248 -0.53 -12.15 51.39
C LYS C 248 -1.56 -12.00 50.27
N VAL C 249 -2.84 -12.26 50.56
CA VAL C 249 -3.86 -12.15 49.52
C VAL C 249 -4.10 -10.68 49.15
N ARG C 250 -4.04 -9.78 50.13
CA ARG C 250 -4.19 -8.37 49.77
C ARG C 250 -2.94 -7.85 49.07
N THR C 251 -1.76 -8.36 49.42
CA THR C 251 -0.56 -7.99 48.67
C THR C 251 -0.67 -8.42 47.22
N ILE C 252 -1.12 -9.66 46.98
CA ILE C 252 -1.19 -10.12 45.59
C ILE C 252 -2.34 -9.46 44.85
N SER C 253 -3.40 -9.06 45.55
CA SER C 253 -4.45 -8.30 44.86
C SER C 253 -3.95 -6.91 44.48
N ALA C 254 -3.12 -6.30 45.32
CA ALA C 254 -2.50 -5.03 44.94
C ALA C 254 -1.60 -5.20 43.72
N LEU C 255 -0.78 -6.26 43.72
CA LEU C 255 0.08 -6.52 42.56
C LEU C 255 -0.74 -6.82 41.30
N ALA C 256 -1.90 -7.47 41.46
CA ALA C 256 -2.76 -7.74 40.31
C ALA C 256 -3.37 -6.45 39.77
N ILE C 257 -3.78 -5.54 40.66
CA ILE C 257 -4.25 -4.23 40.22
C ILE C 257 -3.14 -3.50 39.48
N ALA C 258 -1.91 -3.61 39.99
CA ALA C 258 -0.77 -2.98 39.32
C ALA C 258 -0.59 -3.53 37.91
N ALA C 259 -0.61 -4.85 37.77
CA ALA C 259 -0.43 -5.45 36.45
C ALA C 259 -1.57 -5.10 35.51
N LEU C 260 -2.79 -5.02 36.04
CA LEU C 260 -3.94 -4.65 35.20
C LEU C 260 -3.82 -3.21 34.72
N ALA C 261 -3.41 -2.30 35.60
CA ALA C 261 -3.19 -0.93 35.18
C ALA C 261 -2.06 -0.84 34.16
N GLU C 262 -0.99 -1.62 34.36
CA GLU C 262 0.12 -1.62 33.42
C GLU C 262 -0.32 -2.09 32.05
N ALA C 263 -1.13 -3.16 32.00
CA ALA C 263 -1.56 -3.68 30.71
C ALA C 263 -2.52 -2.73 30.01
N ALA C 264 -3.36 -2.03 30.77
CA ALA C 264 -4.40 -1.20 30.20
C ALA C 264 -3.94 0.21 29.85
N THR C 265 -2.70 0.56 30.14
CA THR C 265 -2.22 1.91 29.84
C THR C 265 -2.38 2.22 28.35
N PRO C 266 -2.83 3.42 27.99
CA PRO C 266 -3.22 4.47 28.94
C PRO C 266 -4.73 4.62 29.12
N TYR C 267 -5.48 3.56 28.88
CA TYR C 267 -6.94 3.64 28.88
C TYR C 267 -7.53 2.86 30.06
N GLY C 268 -8.73 3.25 30.46
CA GLY C 268 -9.50 2.48 31.42
C GLY C 268 -9.33 2.87 32.88
N ILE C 269 -9.26 4.17 33.15
CA ILE C 269 -9.19 4.61 34.54
C ILE C 269 -10.54 4.51 35.22
N GLU C 270 -11.63 4.73 34.47
CA GLU C 270 -12.97 4.70 35.04
C GLU C 270 -13.33 3.32 35.58
N SER C 271 -12.74 2.27 35.03
CA SER C 271 -12.94 0.92 35.55
C SER C 271 -12.10 0.65 36.80
N PHE C 272 -11.41 1.65 37.32
CA PHE C 272 -10.69 1.53 38.58
C PHE C 272 -11.27 2.42 39.68
N ASP C 273 -12.48 2.96 39.48
CA ASP C 273 -13.05 3.92 40.42
C ASP C 273 -13.28 3.31 41.80
N SER C 274 -13.36 1.98 41.89
CA SER C 274 -13.65 1.35 43.17
C SER C 274 -12.40 1.21 44.03
N VAL C 275 -11.27 0.80 43.43
CA VAL C 275 -10.09 0.45 44.20
C VAL C 275 -9.25 1.65 44.60
N LEU C 276 -9.68 2.87 44.28
CA LEU C 276 -8.90 4.05 44.67
C LEU C 276 -8.94 4.27 46.17
N LYS C 277 -10.15 4.32 46.73
CA LYS C 277 -10.29 4.52 48.18
C LYS C 277 -9.65 3.43 49.02
N PRO C 278 -9.80 2.13 48.70
CA PRO C 278 -9.10 1.12 49.50
C PRO C 278 -7.58 1.27 49.49
N LEU C 279 -6.99 1.60 48.34
CA LEU C 279 -5.55 1.81 48.29
C LEU C 279 -5.16 3.05 49.10
N TRP C 280 -5.95 4.12 48.98
CA TRP C 280 -5.71 5.34 49.73
C TRP C 280 -5.72 5.08 51.23
N LYS C 281 -6.67 4.26 51.69
CA LYS C 281 -6.72 3.90 53.11
C LYS C 281 -5.57 2.98 53.49
N GLY C 282 -5.23 2.04 52.59
CA GLY C 282 -4.24 1.03 52.94
C GLY C 282 -2.84 1.61 53.10
N ILE C 283 -2.49 2.59 52.27
CA ILE C 283 -1.16 3.18 52.42
C ILE C 283 -1.01 3.90 53.75
N ARG C 284 -2.12 4.27 54.38
CA ARG C 284 -2.09 4.78 55.75
C ARG C 284 -2.22 3.69 56.79
N GLN C 285 -2.74 2.52 56.42
CA GLN C 285 -2.95 1.43 57.36
C GLN C 285 -1.97 0.27 57.19
N HIS C 286 -0.97 0.40 56.31
CA HIS C 286 -0.09 -0.72 56.01
C HIS C 286 1.37 -0.27 56.03
N ARG C 287 2.24 -1.27 56.13
CA ARG C 287 3.69 -1.09 56.00
C ARG C 287 4.32 -2.45 55.73
N GLY C 288 5.51 -2.40 55.14
CA GLY C 288 6.21 -3.61 54.75
C GLY C 288 6.04 -3.94 53.28
N LYS C 289 6.03 -5.24 52.96
CA LYS C 289 5.84 -5.64 51.56
C LYS C 289 4.45 -5.27 51.05
N GLY C 290 3.44 -5.33 51.91
CA GLY C 290 2.10 -4.93 51.50
C GLY C 290 2.02 -3.46 51.13
N LEU C 291 2.73 -2.61 51.88
CA LEU C 291 2.78 -1.19 51.51
C LEU C 291 3.49 -1.02 50.17
N ALA C 292 4.55 -1.79 49.93
CA ALA C 292 5.22 -1.73 48.64
C ALA C 292 4.26 -2.10 47.51
N ALA C 293 3.46 -3.16 47.71
CA ALA C 293 2.50 -3.56 46.70
C ALA C 293 1.45 -2.48 46.46
N PHE C 294 0.93 -1.89 47.55
CA PHE C 294 -0.06 -0.83 47.42
C PHE C 294 0.51 0.36 46.66
N LEU C 295 1.73 0.76 46.99
CA LEU C 295 2.36 1.90 46.32
C LEU C 295 2.63 1.59 44.86
N LYS C 296 3.02 0.36 44.55
CA LYS C 296 3.27 -0.01 43.16
C LYS C 296 1.97 0.02 42.35
N ALA C 297 0.87 -0.48 42.93
CA ALA C 297 -0.41 -0.40 42.26
C ALA C 297 -0.81 1.05 42.00
N ILE C 298 -0.66 1.90 43.03
CA ILE C 298 -1.01 3.31 42.84
C ILE C 298 -0.10 3.98 41.81
N GLY C 299 1.16 3.56 41.74
CA GLY C 299 2.08 4.14 40.78
C GLY C 299 1.72 3.79 39.35
N TYR C 300 1.37 2.53 39.11
CA TYR C 300 0.91 2.17 37.77
C TYR C 300 -0.50 2.67 37.49
N LEU C 301 -1.25 3.09 38.51
CA LEU C 301 -2.60 3.60 38.31
C LEU C 301 -2.65 5.10 38.04
N ILE C 302 -1.72 5.87 38.60
CA ILE C 302 -1.81 7.33 38.51
C ILE C 302 -1.77 7.84 37.07
N PRO C 303 -0.90 7.35 36.18
CA PRO C 303 -0.85 7.93 34.81
C PRO C 303 -2.17 7.90 34.07
N LEU C 304 -3.10 7.01 34.43
CA LEU C 304 -4.37 6.94 33.73
C LEU C 304 -5.35 8.01 34.18
N MET C 305 -5.03 8.78 35.21
CA MET C 305 -6.01 9.70 35.79
C MET C 305 -6.03 11.01 35.01
N ASP C 306 -7.14 11.75 35.18
CA ASP C 306 -7.25 13.09 34.66
C ASP C 306 -6.34 14.04 35.44
N ALA C 307 -6.08 15.21 34.84
CA ALA C 307 -5.13 16.15 35.45
C ALA C 307 -5.55 16.56 36.86
N GLU C 308 -6.82 16.91 37.02
CA GLU C 308 -7.30 17.36 38.33
C GLU C 308 -7.23 16.25 39.37
N TYR C 309 -7.78 15.08 39.04
CA TYR C 309 -7.74 13.99 40.01
C TYR C 309 -6.33 13.45 40.20
N ALA C 310 -5.49 13.53 39.17
CA ALA C 310 -4.08 13.19 39.36
C ALA C 310 -3.44 14.10 40.39
N ASN C 311 -3.68 15.40 40.27
CA ASN C 311 -3.21 16.35 41.27
C ASN C 311 -3.68 15.94 42.68
N TYR C 312 -4.98 15.70 42.82
CA TYR C 312 -5.52 15.37 44.14
C TYR C 312 -4.91 14.11 44.71
N TYR C 313 -4.90 13.02 43.93
CA TYR C 313 -4.45 11.73 44.45
C TYR C 313 -2.96 11.74 44.74
N THR C 314 -2.15 12.37 43.88
CA THR C 314 -0.73 12.49 44.16
C THR C 314 -0.47 13.31 45.41
N ARG C 315 -1.23 14.40 45.60
CA ARG C 315 -1.08 15.17 46.82
C ARG C 315 -1.44 14.36 48.05
N GLU C 316 -2.39 13.43 47.91
CA GLU C 316 -2.75 12.56 49.03
C GLU C 316 -1.62 11.58 49.35
N VAL C 317 -1.05 10.94 48.32
CA VAL C 317 -0.08 9.87 48.54
C VAL C 317 1.35 10.36 48.72
N MET C 318 1.62 11.65 48.46
CA MET C 318 2.99 12.13 48.38
C MET C 318 3.71 12.04 49.72
N LEU C 319 3.02 12.37 50.81
CA LEU C 319 3.67 12.35 52.12
C LEU C 319 4.13 10.95 52.48
N ILE C 320 3.27 9.95 52.26
CA ILE C 320 3.63 8.58 52.59
C ILE C 320 4.79 8.11 51.71
N LEU C 321 4.78 8.47 50.43
CA LEU C 321 5.86 7.97 49.58
C LEU C 321 7.19 8.65 49.89
N ILE C 322 7.18 9.96 50.16
CA ILE C 322 8.44 10.62 50.52
C ILE C 322 8.90 10.21 51.90
N ARG C 323 7.98 9.72 52.75
CA ARG C 323 8.41 9.10 53.99
C ARG C 323 9.13 7.78 53.72
N GLU C 324 8.54 6.95 52.85
CA GLU C 324 9.17 5.68 52.50
C GLU C 324 10.46 5.85 51.71
N PHE C 325 10.73 7.05 51.19
CA PHE C 325 12.00 7.38 50.56
C PHE C 325 13.21 6.82 51.32
N GLN C 326 13.15 6.82 52.65
CA GLN C 326 14.28 6.41 53.46
C GLN C 326 14.04 5.08 54.15
N SER C 327 13.58 4.07 53.39
CA SER C 327 13.36 2.76 53.98
C SER C 327 14.59 1.88 53.86
N PRO C 328 14.84 1.00 54.84
CA PRO C 328 16.02 0.13 54.74
C PRO C 328 15.93 -0.88 53.61
N ASP C 329 14.73 -1.40 53.32
CA ASP C 329 14.56 -2.37 52.25
C ASP C 329 14.78 -1.70 50.91
N GLU C 330 15.76 -2.18 50.14
CA GLU C 330 16.09 -1.55 48.87
C GLU C 330 15.00 -1.75 47.84
N GLU C 331 14.24 -2.85 47.93
CA GLU C 331 13.15 -3.08 46.99
C GLU C 331 12.05 -2.04 47.16
N MET C 332 11.76 -1.66 48.41
CA MET C 332 10.85 -0.56 48.65
C MET C 332 11.37 0.73 48.03
N LYS C 333 12.69 0.96 48.12
CA LYS C 333 13.27 2.14 47.49
C LYS C 333 13.09 2.12 45.98
N LYS C 334 13.26 0.95 45.36
CA LYS C 334 13.06 0.85 43.92
C LYS C 334 11.61 1.11 43.55
N ILE C 335 10.68 0.60 44.35
CA ILE C 335 9.26 0.80 44.05
C ILE C 335 8.89 2.28 44.19
N VAL C 336 9.40 2.95 45.24
CA VAL C 336 9.04 4.35 45.41
C VAL C 336 9.75 5.23 44.37
N LEU C 337 10.92 4.81 43.91
CA LEU C 337 11.56 5.51 42.80
C LEU C 337 10.73 5.40 41.53
N LYS C 338 10.24 4.19 41.23
CA LYS C 338 9.37 4.02 40.07
C LYS C 338 8.09 4.83 40.23
N VAL C 339 7.54 4.92 41.45
CA VAL C 339 6.28 5.62 41.60
C VAL C 339 6.48 7.13 41.46
N VAL C 340 7.61 7.68 41.93
CA VAL C 340 7.83 9.11 41.72
C VAL C 340 8.09 9.40 40.25
N LYS C 341 8.78 8.49 39.55
CA LYS C 341 8.95 8.63 38.12
C LYS C 341 7.60 8.62 37.41
N GLN C 342 6.70 7.73 37.81
CA GLN C 342 5.39 7.64 37.19
C GLN C 342 4.55 8.88 37.48
N CYS C 343 4.60 9.38 38.72
CA CYS C 343 3.84 10.56 39.09
C CYS C 343 4.30 11.77 38.28
N CYS C 344 5.59 12.09 38.34
CA CYS C 344 6.07 13.29 37.67
C CYS C 344 6.00 13.22 36.15
N GLY C 345 5.81 12.03 35.58
CA GLY C 345 5.70 11.91 34.14
C GLY C 345 4.34 12.19 33.55
N THR C 346 3.35 12.55 34.37
CA THR C 346 1.98 12.74 33.92
C THR C 346 1.57 14.19 34.04
N ASP C 347 0.49 14.53 33.35
CA ASP C 347 -0.06 15.87 33.41
C ASP C 347 -0.95 16.03 34.64
N GLY C 348 -1.08 17.27 35.09
CA GLY C 348 -1.81 17.54 36.32
C GLY C 348 -0.89 17.89 37.47
N VAL C 349 0.11 17.05 37.70
CA VAL C 349 1.15 17.32 38.69
C VAL C 349 2.14 18.31 38.04
N GLU C 350 2.06 19.58 38.45
CA GLU C 350 2.88 20.59 37.82
C GLU C 350 4.24 20.69 38.51
N ALA C 351 5.20 21.25 37.77
CA ALA C 351 6.61 21.14 38.15
C ALA C 351 6.93 21.93 39.40
N ASN C 352 6.22 23.03 39.66
CA ASN C 352 6.49 23.80 40.87
C ASN C 352 6.23 22.95 42.12
N TYR C 353 5.14 22.19 42.11
CA TYR C 353 4.87 21.25 43.19
C TYR C 353 6.02 20.27 43.36
N ILE C 354 6.60 19.80 42.25
CA ILE C 354 7.64 18.79 42.31
C ILE C 354 8.92 19.39 42.90
N LYS C 355 9.32 20.56 42.42
CA LYS C 355 10.55 21.19 42.91
C LYS C 355 10.38 21.83 44.28
N THR C 356 9.15 21.95 44.79
CA THR C 356 8.97 22.40 46.16
C THR C 356 8.88 21.24 47.14
N GLU C 357 8.24 20.13 46.75
CA GLU C 357 7.94 19.05 47.69
C GLU C 357 8.80 17.81 47.51
N ILE C 358 9.04 17.38 46.28
CA ILE C 358 9.60 16.05 46.02
C ILE C 358 11.11 16.08 45.85
N LEU C 359 11.65 17.13 45.23
CA LEU C 359 13.06 17.15 44.86
C LEU C 359 14.02 17.17 46.06
N PRO C 360 13.79 17.98 47.10
CA PRO C 360 14.75 18.02 48.22
C PRO C 360 14.93 16.66 48.87
N PRO C 361 13.86 15.96 49.30
CA PRO C 361 14.09 14.63 49.89
C PRO C 361 14.63 13.63 48.89
N PHE C 362 14.26 13.78 47.61
CA PHE C 362 14.80 12.94 46.55
C PHE C 362 16.32 13.00 46.53
N PHE C 363 16.87 14.19 46.33
CA PHE C 363 18.32 14.33 46.30
C PHE C 363 18.96 14.18 47.68
N LYS C 364 18.17 14.19 48.76
CA LYS C 364 18.70 13.90 50.07
C LYS C 364 18.99 12.41 50.24
N HIS C 365 17.96 11.57 50.09
CA HIS C 365 18.08 10.17 50.44
C HIS C 365 18.43 9.27 49.27
N PHE C 366 18.15 9.66 48.03
CA PHE C 366 18.40 8.81 46.88
C PHE C 366 19.74 9.04 46.22
N TRP C 367 20.26 10.27 46.27
CA TRP C 367 21.54 10.59 45.63
C TRP C 367 22.66 10.53 46.68
N GLN C 368 22.96 9.29 47.08
CA GLN C 368 24.10 9.01 47.93
C GLN C 368 24.94 7.91 47.28
N HIS C 369 26.21 7.86 47.68
CA HIS C 369 27.18 7.02 46.98
C HIS C 369 26.83 5.53 47.03
N ARG C 370 26.05 5.10 48.03
CA ARG C 370 25.70 3.69 48.12
C ARG C 370 24.99 3.19 46.87
N MET C 371 24.19 4.06 46.23
CA MET C 371 23.45 3.67 45.05
C MET C 371 24.34 3.53 43.82
N ALA C 372 25.58 4.02 43.88
CA ALA C 372 26.48 3.96 42.73
C ALA C 372 27.14 2.60 42.55
N LEU C 373 26.79 1.61 43.37
CA LEU C 373 27.37 0.28 43.28
C LEU C 373 26.42 -0.76 42.71
N ASP C 374 25.16 -0.76 43.13
CA ASP C 374 24.19 -1.68 42.57
C ASP C 374 23.80 -1.24 41.16
N ARG C 375 23.73 -2.21 40.24
CA ARG C 375 23.53 -1.90 38.83
C ARG C 375 22.12 -1.38 38.57
N ARG C 376 21.11 -2.15 39.00
CA ARG C 376 19.73 -1.77 38.69
C ARG C 376 19.33 -0.49 39.40
N ASN C 377 19.80 -0.29 40.64
CA ASN C 377 19.54 0.97 41.32
C ASN C 377 20.17 2.14 40.58
N TYR C 378 21.42 1.98 40.13
CA TYR C 378 22.09 2.96 39.29
C TYR C 378 21.22 3.34 38.09
N ARG C 379 20.82 2.32 37.31
CA ARG C 379 20.09 2.58 36.07
C ARG C 379 18.75 3.25 36.35
N GLN C 380 18.02 2.77 37.35
CA GLN C 380 16.70 3.33 37.63
C GLN C 380 16.81 4.76 38.15
N LEU C 381 17.80 5.03 39.00
CA LEU C 381 17.99 6.40 39.51
C LEU C 381 18.32 7.35 38.38
N VAL C 382 19.24 6.94 37.49
CA VAL C 382 19.61 7.79 36.36
C VAL C 382 18.41 8.07 35.47
N ASP C 383 17.68 7.02 35.09
CA ASP C 383 16.53 7.20 34.22
C ASP C 383 15.46 8.07 34.85
N THR C 384 15.21 7.87 36.15
CA THR C 384 14.22 8.67 36.86
C THR C 384 14.60 10.14 36.87
N THR C 385 15.88 10.44 37.17
CA THR C 385 16.31 11.83 37.20
C THR C 385 16.23 12.48 35.82
N VAL C 386 16.64 11.75 34.78
CA VAL C 386 16.56 12.29 33.43
C VAL C 386 15.11 12.58 33.06
N GLU C 387 14.20 11.69 33.43
CA GLU C 387 12.78 11.92 33.12
C GLU C 387 12.23 13.10 33.93
N LEU C 388 12.69 13.28 35.18
CA LEU C 388 12.28 14.43 35.97
C LEU C 388 12.69 15.74 35.30
N ALA C 389 13.90 15.75 34.71
CA ALA C 389 14.39 16.96 34.04
C ALA C 389 13.46 17.41 32.93
N ASN C 390 12.70 16.49 32.32
CA ASN C 390 11.82 16.85 31.22
C ASN C 390 10.63 17.69 31.67
N LYS C 391 10.26 17.62 32.94
CA LYS C 391 9.14 18.41 33.46
C LYS C 391 9.58 19.55 34.37
N VAL C 392 10.58 19.33 35.23
CA VAL C 392 10.93 20.35 36.22
C VAL C 392 11.97 21.35 35.72
N GLY C 393 12.75 21.00 34.69
CA GLY C 393 13.76 21.91 34.18
C GLY C 393 15.16 21.34 34.24
N ALA C 394 15.94 21.56 33.18
CA ALA C 394 17.28 20.97 33.10
C ALA C 394 18.20 21.58 34.15
N ALA C 395 18.32 22.91 34.16
CA ALA C 395 19.21 23.57 35.11
C ALA C 395 18.74 23.38 36.55
N GLU C 396 17.44 23.15 36.75
CA GLU C 396 16.93 22.93 38.10
C GLU C 396 17.52 21.67 38.71
N ILE C 397 17.70 20.62 37.90
CA ILE C 397 18.26 19.36 38.39
C ILE C 397 19.77 19.34 38.32
N ILE C 398 20.34 19.88 37.23
CA ILE C 398 21.79 19.84 37.06
C ILE C 398 22.50 20.60 38.16
N SER C 399 21.87 21.66 38.69
CA SER C 399 22.51 22.44 39.75
C SER C 399 22.66 21.63 41.03
N ARG C 400 21.75 20.70 41.30
CA ARG C 400 21.76 19.97 42.56
C ARG C 400 22.82 18.88 42.62
N ILE C 401 23.51 18.59 41.52
CA ILE C 401 24.40 17.43 41.49
C ILE C 401 25.72 17.78 40.81
N VAL C 402 25.81 18.98 40.24
CA VAL C 402 26.99 19.33 39.45
C VAL C 402 28.24 19.37 40.31
N ASP C 403 28.13 19.91 41.53
CA ASP C 403 29.29 19.99 42.41
C ASP C 403 29.79 18.61 42.83
N ASP C 404 28.92 17.61 42.83
CA ASP C 404 29.33 16.24 43.11
C ASP C 404 30.14 15.62 41.98
N LEU C 405 30.33 16.33 40.87
CA LEU C 405 31.19 15.84 39.81
C LEU C 405 32.63 15.67 40.28
N LYS C 406 33.03 16.42 41.32
CA LYS C 406 34.40 16.37 41.82
C LYS C 406 34.58 15.38 42.96
N ASP C 407 33.65 14.44 43.12
CA ASP C 407 33.78 13.42 44.15
C ASP C 407 34.85 12.41 43.77
N GLU C 408 35.63 11.96 44.76
CA GLU C 408 36.70 11.01 44.49
C GLU C 408 36.21 9.58 44.32
N ALA C 409 34.98 9.29 44.72
CA ALA C 409 34.36 8.00 44.42
C ALA C 409 34.00 7.97 42.94
N GLU C 410 34.73 7.19 42.16
CA GLU C 410 34.61 7.28 40.70
C GLU C 410 33.22 6.87 40.21
N GLN C 411 32.58 5.90 40.87
CA GLN C 411 31.27 5.46 40.42
C GLN C 411 30.23 6.55 40.60
N TYR C 412 30.28 7.30 41.70
CA TYR C 412 29.32 8.36 41.93
C TYR C 412 29.46 9.46 40.88
N ARG C 413 30.70 9.87 40.58
CA ARG C 413 30.87 10.93 39.59
C ARG C 413 30.57 10.45 38.19
N LYS C 414 30.80 9.17 37.87
CA LYS C 414 30.39 8.70 36.55
C LYS C 414 28.88 8.61 36.44
N MET C 415 28.19 8.28 37.55
CA MET C 415 26.73 8.28 37.54
C MET C 415 26.20 9.69 37.28
N VAL C 416 26.70 10.67 38.03
CA VAL C 416 26.22 12.03 37.82
C VAL C 416 26.62 12.56 36.45
N MET C 417 27.76 12.10 35.92
CA MET C 417 28.17 12.51 34.58
C MET C 417 27.20 11.97 33.53
N GLU C 418 26.83 10.69 33.63
CA GLU C 418 25.86 10.13 32.70
C GLU C 418 24.53 10.85 32.80
N THR C 419 24.11 11.19 34.02
CA THR C 419 22.86 11.91 34.19
C THR C 419 22.91 13.27 33.50
N ILE C 420 23.99 14.02 33.72
CA ILE C 420 24.12 15.34 33.09
C ILE C 420 24.18 15.20 31.57
N GLU C 421 24.89 14.18 31.08
CA GLU C 421 24.97 13.94 29.64
C GLU C 421 23.59 13.75 29.04
N LYS C 422 22.78 12.87 29.64
CA LYS C 422 21.46 12.59 29.07
C LYS C 422 20.54 13.80 29.18
N ILE C 423 20.63 14.54 30.29
CA ILE C 423 19.76 15.71 30.47
C ILE C 423 20.10 16.79 29.44
N MET C 424 21.39 17.06 29.25
CA MET C 424 21.78 18.11 28.31
C MET C 424 21.66 17.66 26.86
N GLY C 425 21.66 16.36 26.59
CA GLY C 425 21.31 15.89 25.26
C GLY C 425 19.82 16.00 24.99
N ASN C 426 19.00 15.89 26.04
CA ASN C 426 17.56 16.05 25.86
C ASN C 426 17.16 17.51 25.70
N LEU C 427 17.71 18.39 26.54
CA LEU C 427 17.19 19.75 26.65
C LEU C 427 18.21 20.84 26.27
N GLY C 428 19.36 20.46 25.72
CA GLY C 428 20.31 21.48 25.29
C GLY C 428 20.94 22.20 26.47
N ALA C 429 21.14 23.51 26.32
CA ALA C 429 21.84 24.28 27.33
C ALA C 429 21.30 25.69 27.51
N ALA C 430 20.19 26.06 26.84
CA ALA C 430 19.65 27.40 26.99
C ALA C 430 19.15 27.69 28.40
N ASP C 431 18.89 26.65 29.20
CA ASP C 431 18.39 26.81 30.56
C ASP C 431 19.49 27.14 31.55
N ILE C 432 20.75 27.05 31.16
CA ILE C 432 21.88 27.13 32.08
C ILE C 432 22.41 28.56 32.11
N ASP C 433 22.72 29.05 33.32
CA ASP C 433 23.27 30.39 33.51
C ASP C 433 24.80 30.30 33.57
N HIS C 434 25.44 31.30 34.19
CA HIS C 434 26.90 31.36 34.16
C HIS C 434 27.53 30.51 35.25
N LYS C 435 27.01 30.58 36.48
CA LYS C 435 27.59 29.80 37.57
C LYS C 435 27.51 28.30 37.28
N LEU C 436 26.34 27.84 36.85
CA LEU C 436 26.17 26.43 36.52
C LEU C 436 27.10 26.02 35.39
N GLU C 437 27.26 26.90 34.39
CA GLU C 437 28.16 26.60 33.27
C GLU C 437 29.61 26.45 33.74
N GLU C 438 30.06 27.38 34.59
CA GLU C 438 31.45 27.32 35.06
C GLU C 438 31.68 26.07 35.91
N GLN C 439 30.75 25.74 36.80
CA GLN C 439 30.96 24.55 37.62
C GLN C 439 30.81 23.28 36.79
N LEU C 440 30.00 23.30 35.73
CA LEU C 440 29.95 22.19 34.79
C LEU C 440 31.32 21.96 34.16
N ILE C 441 31.93 23.04 33.66
CA ILE C 441 33.24 22.92 33.02
C ILE C 441 34.27 22.39 34.02
N ASP C 442 34.29 22.95 35.23
CA ASP C 442 35.25 22.51 36.24
C ASP C 442 35.04 21.03 36.57
N GLY C 443 33.79 20.61 36.75
CA GLY C 443 33.52 19.24 37.11
C GLY C 443 33.90 18.25 36.02
N ILE C 444 33.57 18.57 34.77
CA ILE C 444 33.92 17.66 33.68
C ILE C 444 35.43 17.61 33.48
N LEU C 445 36.12 18.73 33.68
CA LEU C 445 37.57 18.73 33.59
C LEU C 445 38.19 17.82 34.65
N TYR C 446 37.73 17.94 35.90
CA TYR C 446 38.26 17.07 36.95
C TYR C 446 37.92 15.62 36.68
N ALA C 447 36.65 15.34 36.34
CA ALA C 447 36.23 13.96 36.13
C ALA C 447 36.97 13.31 34.96
N PHE C 448 37.38 14.11 33.97
CA PHE C 448 38.14 13.55 32.87
C PHE C 448 39.61 13.38 33.23
N GLN C 449 40.17 14.30 34.02
CA GLN C 449 41.59 14.21 34.37
C GLN C 449 41.84 13.07 35.35
N GLU C 450 41.01 12.95 36.39
CA GLU C 450 41.18 11.90 37.40
C GLU C 450 40.19 10.77 37.12
N GLN C 451 40.59 9.87 36.24
CA GLN C 451 39.83 8.66 35.97
C GLN C 451 40.78 7.48 35.85
N THR C 452 40.43 6.38 36.53
CA THR C 452 41.28 5.20 36.49
C THR C 452 41.07 4.42 35.20
N THR C 453 39.81 4.18 34.84
CA THR C 453 39.47 3.47 33.61
C THR C 453 39.25 4.50 32.49
N GLU C 454 39.18 4.00 31.25
CA GLU C 454 38.99 4.83 30.07
C GLU C 454 37.65 4.56 29.42
N ASP C 455 36.59 4.49 30.22
CA ASP C 455 35.28 4.13 29.69
C ASP C 455 34.56 5.36 29.15
N SER C 456 33.58 5.09 28.28
CA SER C 456 33.02 6.10 27.39
C SER C 456 32.04 7.05 28.07
N VAL C 457 31.72 6.85 29.33
CA VAL C 457 30.77 7.74 30.00
C VAL C 457 31.30 9.17 30.03
N MET C 458 32.57 9.32 30.44
CA MET C 458 33.16 10.66 30.53
C MET C 458 33.34 11.28 29.14
N LEU C 459 33.76 10.49 28.16
CA LEU C 459 33.90 11.00 26.80
C LEU C 459 32.58 11.52 26.26
N ASN C 460 31.52 10.71 26.37
CA ASN C 460 30.21 11.12 25.90
C ASN C 460 29.72 12.36 26.63
N GLY C 461 29.90 12.40 27.96
CA GLY C 461 29.47 13.57 28.71
C GLY C 461 30.17 14.83 28.27
N PHE C 462 31.50 14.77 28.16
CA PHE C 462 32.28 15.92 27.72
C PHE C 462 31.83 16.39 26.34
N GLY C 463 31.77 15.47 25.38
CA GLY C 463 31.37 15.86 24.03
C GLY C 463 29.99 16.49 23.99
N THR C 464 29.03 15.87 24.67
CA THR C 464 27.66 16.39 24.62
C THR C 464 27.54 17.74 25.31
N VAL C 465 28.22 17.93 26.45
CA VAL C 465 28.08 19.21 27.14
C VAL C 465 28.75 20.32 26.33
N VAL C 466 29.89 20.04 25.70
CA VAL C 466 30.55 21.07 24.90
C VAL C 466 29.72 21.40 23.67
N ASN C 467 29.17 20.39 22.99
CA ASN C 467 28.35 20.65 21.81
C ASN C 467 27.05 21.35 22.17
N ALA C 468 26.52 21.10 23.38
CA ALA C 468 25.30 21.77 23.80
C ALA C 468 25.57 23.23 24.14
N LEU C 469 26.72 23.51 24.77
CA LEU C 469 27.09 24.90 25.02
C LEU C 469 27.34 25.65 23.72
N GLY C 470 28.01 25.01 22.77
CA GLY C 470 28.21 25.65 21.46
C GLY C 470 29.23 26.76 21.54
N LYS C 471 28.85 27.94 21.03
CA LYS C 471 29.73 29.10 21.06
C LYS C 471 30.09 29.51 22.48
N ARG C 472 29.26 29.16 23.47
CA ARG C 472 29.49 29.53 24.85
C ARG C 472 30.78 28.92 25.43
N VAL C 473 31.42 27.98 24.73
CA VAL C 473 32.57 27.27 25.27
C VAL C 473 33.89 27.96 24.92
N LYS C 474 33.86 29.09 24.22
CA LYS C 474 35.08 29.77 23.79
C LYS C 474 36.06 30.06 24.91
N PRO C 475 35.66 30.59 26.08
CA PRO C 475 36.67 30.93 27.10
C PRO C 475 37.37 29.72 27.69
N TYR C 476 36.73 28.55 27.70
CA TYR C 476 37.30 27.37 28.35
C TYR C 476 38.14 26.52 27.42
N LEU C 477 38.12 26.80 26.12
CA LEU C 477 38.84 25.96 25.16
C LEU C 477 40.34 25.88 25.40
N PRO C 478 41.05 26.94 25.83
CA PRO C 478 42.47 26.77 26.15
C PRO C 478 42.75 25.70 27.18
N GLN C 479 41.99 25.66 28.29
CA GLN C 479 42.21 24.63 29.30
C GLN C 479 41.84 23.25 28.77
N ILE C 480 40.72 23.15 28.06
CA ILE C 480 40.29 21.87 27.49
C ILE C 480 41.38 21.31 26.58
N CYS C 481 41.93 22.16 25.72
CA CYS C 481 42.94 21.72 24.77
C CYS C 481 44.28 21.46 25.44
N GLY C 482 44.64 22.21 26.48
CA GLY C 482 45.81 21.86 27.26
C GLY C 482 45.68 20.48 27.87
N THR C 483 44.49 20.15 28.41
CA THR C 483 44.29 18.84 29.00
C THR C 483 44.31 17.74 27.94
N VAL C 484 43.71 17.99 26.79
CA VAL C 484 43.71 16.95 25.75
C VAL C 484 45.13 16.74 25.21
N LEU C 485 45.93 17.80 25.13
CA LEU C 485 47.32 17.65 24.71
C LEU C 485 48.13 16.90 25.76
N TRP C 486 47.88 17.21 27.04
CA TRP C 486 48.57 16.49 28.11
C TRP C 486 48.23 15.02 28.10
N ARG C 487 46.97 14.68 27.81
CA ARG C 487 46.56 13.28 27.80
C ARG C 487 46.94 12.55 26.52
N LEU C 488 47.18 13.28 25.42
CA LEU C 488 47.68 12.63 24.22
C LEU C 488 49.06 12.02 24.44
N ASN C 489 49.86 12.62 25.33
CA ASN C 489 51.18 12.09 25.66
C ASN C 489 51.10 11.29 26.96
N ASN C 490 50.48 10.13 26.87
CA ASN C 490 50.24 9.27 28.01
C ASN C 490 50.78 7.88 27.74
N LYS C 491 50.88 7.07 28.80
CA LYS C 491 51.40 5.72 28.68
C LYS C 491 50.33 4.75 28.19
N SER C 492 49.10 4.90 28.66
CA SER C 492 48.00 4.05 28.23
C SER C 492 47.52 4.46 26.85
N ALA C 493 47.37 3.48 25.97
CA ALA C 493 46.87 3.78 24.62
C ALA C 493 45.41 4.22 24.66
N LYS C 494 44.62 3.61 25.55
CA LYS C 494 43.20 3.93 25.63
C LYS C 494 42.93 5.33 26.17
N VAL C 495 43.95 6.04 26.63
CA VAL C 495 43.79 7.43 27.06
C VAL C 495 43.94 8.38 25.89
N ARG C 496 45.02 8.23 25.11
CA ARG C 496 45.19 9.03 23.91
C ARG C 496 44.12 8.71 22.87
N GLN C 497 43.63 7.47 22.85
CA GLN C 497 42.49 7.15 22.00
C GLN C 497 41.29 7.99 22.38
N GLN C 498 40.99 8.08 23.67
CA GLN C 498 39.87 8.87 24.16
C GLN C 498 40.06 10.35 23.85
N ALA C 499 41.30 10.82 23.97
CA ALA C 499 41.60 12.22 23.63
C ALA C 499 41.32 12.51 22.16
N ALA C 500 41.80 11.63 21.29
CA ALA C 500 41.56 11.80 19.85
C ALA C 500 40.07 11.74 19.54
N ASP C 501 39.33 10.87 20.24
CA ASP C 501 37.89 10.80 20.00
C ASP C 501 37.20 12.08 20.47
N LEU C 502 37.66 12.67 21.57
CA LEU C 502 37.09 13.94 22.02
C LEU C 502 37.36 15.05 21.00
N ILE C 503 38.57 15.08 20.44
CA ILE C 503 38.85 16.03 19.37
C ILE C 503 37.91 15.81 18.19
N SER C 504 37.72 14.55 17.79
CA SER C 504 36.84 14.24 16.68
C SER C 504 35.42 14.72 16.94
N ARG C 505 34.96 14.64 18.20
CA ARG C 505 33.59 15.01 18.49
C ARG C 505 33.40 16.51 18.66
N THR C 506 34.44 17.24 19.07
CA THR C 506 34.30 18.68 19.32
C THR C 506 34.98 19.54 18.26
N ALA C 507 35.42 18.95 17.14
CA ALA C 507 36.02 19.74 16.07
C ALA C 507 35.11 20.89 15.62
N VAL C 508 33.83 20.60 15.35
CA VAL C 508 32.98 21.62 14.74
C VAL C 508 32.66 22.73 15.73
N VAL C 509 32.50 22.39 17.01
CA VAL C 509 32.20 23.42 18.00
C VAL C 509 33.44 24.25 18.29
N MET C 510 34.63 23.67 18.13
CA MET C 510 35.83 24.50 18.17
C MET C 510 35.91 25.40 16.94
N LYS C 511 35.45 24.91 15.79
CA LYS C 511 35.48 25.72 14.57
C LYS C 511 34.59 26.95 14.71
N THR C 512 33.37 26.76 15.23
CA THR C 512 32.49 27.90 15.40
C THR C 512 33.09 28.94 16.35
N CYS C 513 33.91 28.50 17.31
CA CYS C 513 34.55 29.40 18.25
C CYS C 513 35.74 30.15 17.65
N GLN C 514 36.20 29.76 16.46
CA GLN C 514 37.31 30.40 15.76
C GLN C 514 38.58 30.36 16.61
N GLU C 515 39.11 29.15 16.75
CA GLU C 515 40.39 28.88 17.42
C GLU C 515 41.28 28.06 16.50
N GLU C 516 41.49 28.58 15.29
CA GLU C 516 42.09 27.78 14.22
C GLU C 516 43.58 27.51 14.45
N LYS C 517 44.29 28.41 15.13
CA LYS C 517 45.70 28.15 15.42
C LYS C 517 45.85 26.98 16.37
N LEU C 518 44.98 26.90 17.39
CA LEU C 518 45.05 25.80 18.34
C LEU C 518 44.73 24.48 17.66
N MET C 519 43.70 24.46 16.81
CA MET C 519 43.38 23.25 16.07
C MET C 519 44.47 22.88 15.07
N GLY C 520 45.19 23.87 14.55
CA GLY C 520 46.34 23.56 13.72
C GLY C 520 47.45 22.88 14.52
N HIS C 521 47.69 23.35 15.74
CA HIS C 521 48.65 22.67 16.62
C HIS C 521 48.19 21.25 16.91
N LEU C 522 46.89 21.06 17.13
CA LEU C 522 46.34 19.72 17.32
C LEU C 522 46.59 18.85 16.10
N GLY C 523 46.35 19.39 14.90
CA GLY C 523 46.64 18.64 13.69
C GLY C 523 48.10 18.26 13.57
N VAL C 524 48.99 19.16 13.98
CA VAL C 524 50.42 18.87 13.88
C VAL C 524 50.82 17.75 14.82
N VAL C 525 50.34 17.80 16.07
CA VAL C 525 50.71 16.74 17.01
C VAL C 525 50.10 15.41 16.58
N LEU C 526 48.89 15.43 16.00
CA LEU C 526 48.31 14.20 15.47
C LEU C 526 49.13 13.67 14.30
N TYR C 527 49.59 14.56 13.41
CA TYR C 527 50.43 14.12 12.30
C TYR C 527 51.70 13.46 12.79
N GLU C 528 52.32 14.03 13.83
CA GLU C 528 53.54 13.42 14.37
C GLU C 528 53.26 12.17 15.19
N TYR C 529 52.03 11.97 15.65
CA TYR C 529 51.64 10.72 16.28
C TYR C 529 51.19 9.65 15.29
N LEU C 530 50.99 10.02 14.03
CA LEU C 530 50.56 9.07 13.00
C LEU C 530 51.41 7.81 12.92
N GLY C 531 52.60 7.80 13.50
CA GLY C 531 53.44 6.60 13.46
C GLY C 531 53.09 5.62 14.56
N GLU C 532 51.86 5.67 15.04
CA GLU C 532 51.44 4.87 16.19
C GLU C 532 51.41 3.38 15.84
N GLU C 533 51.72 2.55 16.84
CA GLU C 533 51.75 1.10 16.68
C GLU C 533 50.42 0.44 17.00
N TYR C 534 49.75 0.86 18.07
CA TYR C 534 48.47 0.27 18.45
C TYR C 534 47.40 0.68 17.44
N PRO C 535 46.70 -0.27 16.81
CA PRO C 535 45.87 0.08 15.66
C PRO C 535 44.61 0.86 16.01
N GLU C 536 43.94 0.53 17.11
CA GLU C 536 42.69 1.21 17.44
C GLU C 536 42.92 2.69 17.72
N VAL C 537 43.96 3.01 18.49
CA VAL C 537 44.23 4.41 18.79
C VAL C 537 44.77 5.13 17.55
N LEU C 538 45.46 4.41 16.66
CA LEU C 538 45.88 5.03 15.40
C LEU C 538 44.66 5.40 14.57
N GLY C 539 43.65 4.53 14.53
CA GLY C 539 42.42 4.87 13.83
C GLY C 539 41.71 6.05 14.47
N SER C 540 41.75 6.14 15.79
CA SER C 540 41.13 7.27 16.46
C SER C 540 41.83 8.58 16.13
N ILE C 541 43.17 8.57 16.11
CA ILE C 541 43.88 9.79 15.77
C ILE C 541 43.71 10.14 14.29
N LEU C 542 43.56 9.12 13.43
CA LEU C 542 43.22 9.38 12.04
C LEU C 542 41.86 10.07 11.92
N GLY C 543 40.88 9.62 12.70
CA GLY C 543 39.58 10.26 12.69
C GLY C 543 39.63 11.70 13.20
N ALA C 544 40.46 11.93 14.23
CA ALA C 544 40.63 13.29 14.72
C ALA C 544 41.29 14.19 13.68
N LEU C 545 42.30 13.65 12.97
CA LEU C 545 42.91 14.39 11.89
C LEU C 545 41.89 14.72 10.81
N LYS C 546 41.02 13.76 10.47
CA LYS C 546 39.99 14.01 9.47
C LYS C 546 39.05 15.12 9.91
N ALA C 547 38.64 15.10 11.19
CA ALA C 547 37.77 16.15 11.70
C ALA C 547 38.44 17.51 11.62
N ILE C 548 39.73 17.58 11.99
CA ILE C 548 40.45 18.85 11.95
C ILE C 548 40.59 19.35 10.52
N VAL C 549 40.93 18.46 9.58
CA VAL C 549 41.02 18.86 8.18
C VAL C 549 39.65 19.23 7.63
N ASN C 550 38.58 18.75 8.25
CA ASN C 550 37.25 19.13 7.79
C ASN C 550 36.84 20.51 8.28
N VAL C 551 37.23 20.88 9.50
CA VAL C 551 36.78 22.17 10.03
C VAL C 551 37.58 23.32 9.42
N ILE C 552 38.93 23.24 9.44
CA ILE C 552 39.75 24.22 8.75
C ILE C 552 39.99 23.75 7.32
N GLY C 553 40.15 24.68 6.40
CA GLY C 553 40.24 24.36 4.99
C GLY C 553 41.45 23.53 4.60
N MET C 554 41.50 23.15 3.33
CA MET C 554 42.65 22.42 2.79
C MET C 554 43.85 23.32 2.54
N HIS C 555 43.66 24.63 2.54
CA HIS C 555 44.79 25.55 2.30
C HIS C 555 45.54 25.83 3.60
N LYS C 556 44.82 26.26 4.63
CA LYS C 556 45.44 26.61 5.90
C LYS C 556 45.65 25.41 6.83
N MET C 557 45.63 24.20 6.29
CA MET C 557 45.81 23.01 7.11
C MET C 557 47.28 22.83 7.46
N THR C 558 47.56 22.58 8.74
CA THR C 558 48.91 22.32 9.22
C THR C 558 48.96 20.93 9.84
N PRO C 559 49.77 20.00 9.32
CA PRO C 559 50.68 20.14 8.17
C PRO C 559 49.95 20.35 6.85
N PRO C 560 50.64 20.90 5.85
CA PRO C 560 50.01 21.05 4.53
C PRO C 560 49.65 19.70 3.94
N ILE C 561 48.67 19.73 3.04
CA ILE C 561 48.24 18.50 2.36
C ILE C 561 49.41 17.87 1.62
N LYS C 562 50.28 18.70 1.03
CA LYS C 562 51.45 18.21 0.32
C LYS C 562 52.26 17.25 1.18
N ASP C 563 52.36 17.52 2.48
CA ASP C 563 53.08 16.65 3.39
C ASP C 563 52.18 15.63 4.08
N LEU C 564 50.89 15.93 4.20
CA LEU C 564 49.99 15.04 4.95
C LEU C 564 49.62 13.79 4.16
N LEU C 565 49.33 13.95 2.86
CA LEU C 565 48.82 12.81 2.11
C LEU C 565 49.87 11.72 1.87
N PRO C 566 51.08 12.02 1.40
CA PRO C 566 52.06 10.94 1.24
C PRO C 566 52.36 10.20 2.53
N ARG C 567 52.16 10.84 3.68
CA ARG C 567 52.27 10.14 4.96
C ARG C 567 51.12 9.15 5.15
N LEU C 568 49.93 9.48 4.63
CA LEU C 568 48.81 8.56 4.72
C LEU C 568 48.94 7.39 3.76
N THR C 569 49.58 7.61 2.61
CA THR C 569 49.65 6.60 1.55
C THR C 569 50.05 5.21 2.05
N PRO C 570 51.15 5.04 2.81
CA PRO C 570 51.51 3.68 3.23
C PRO C 570 50.57 3.08 4.26
N ILE C 571 49.78 3.89 4.96
CA ILE C 571 48.91 3.37 6.00
C ILE C 571 47.77 2.55 5.43
N LEU C 572 47.50 2.67 4.13
CA LEU C 572 46.46 1.86 3.49
C LEU C 572 46.77 0.38 3.54
N LYS C 573 48.04 0.00 3.65
CA LYS C 573 48.42 -1.41 3.71
C LYS C 573 48.25 -2.03 5.09
N ASN C 574 47.90 -1.22 6.10
CA ASN C 574 47.62 -1.77 7.42
C ASN C 574 46.39 -2.68 7.36
N ARG C 575 46.43 -3.74 8.16
CA ARG C 575 45.41 -4.78 8.09
C ARG C 575 44.22 -4.53 9.02
N HIS C 576 44.34 -3.60 9.98
CA HIS C 576 43.26 -3.38 10.92
C HIS C 576 42.13 -2.60 10.26
N GLU C 577 40.89 -3.05 10.50
CA GLU C 577 39.75 -2.51 9.76
C GLU C 577 39.44 -1.07 10.16
N LYS C 578 39.61 -0.73 11.44
CA LYS C 578 39.37 0.64 11.88
C LYS C 578 40.33 1.60 11.21
N VAL C 579 41.62 1.25 11.20
CA VAL C 579 42.62 2.06 10.52
C VAL C 579 42.28 2.18 9.04
N GLN C 580 41.91 1.06 8.41
CA GLN C 580 41.54 1.10 7.01
C GLN C 580 40.43 2.10 6.76
N GLU C 581 39.33 1.99 7.50
CA GLU C 581 38.18 2.86 7.27
C GLU C 581 38.54 4.31 7.48
N ASN C 582 39.18 4.63 8.61
CA ASN C 582 39.49 6.03 8.91
C ASN C 582 40.48 6.61 7.91
N CYS C 583 41.53 5.86 7.56
CA CYS C 583 42.52 6.36 6.63
C CYS C 583 41.91 6.56 5.25
N ILE C 584 41.09 5.63 4.78
CA ILE C 584 40.44 5.78 3.49
C ILE C 584 39.54 7.01 3.49
N ASP C 585 38.78 7.22 4.57
CA ASP C 585 37.90 8.38 4.63
C ASP C 585 38.69 9.68 4.60
N LEU C 586 39.82 9.74 5.32
CA LEU C 586 40.62 10.96 5.33
C LEU C 586 41.23 11.23 3.96
N VAL C 587 41.81 10.20 3.34
CA VAL C 587 42.35 10.33 1.99
C VAL C 587 41.26 10.79 1.02
N GLY C 588 40.02 10.33 1.24
CA GLY C 588 38.94 10.69 0.35
C GLY C 588 38.50 12.13 0.51
N ARG C 589 38.45 12.62 1.75
CA ARG C 589 38.14 14.03 1.94
C ARG C 589 39.22 14.91 1.32
N ILE C 590 40.49 14.51 1.50
CA ILE C 590 41.58 15.23 0.86
C ILE C 590 41.41 15.24 -0.65
N ALA C 591 41.06 14.09 -1.23
CA ALA C 591 40.89 14.00 -2.68
C ALA C 591 39.67 14.77 -3.16
N ASP C 592 38.67 14.92 -2.31
CA ASP C 592 37.50 15.70 -2.69
C ASP C 592 37.84 17.18 -2.73
N ARG C 593 38.51 17.69 -1.70
CA ARG C 593 38.74 19.13 -1.66
C ARG C 593 40.17 19.49 -2.03
N GLY C 594 41.14 19.06 -1.24
CA GLY C 594 42.52 19.44 -1.45
C GLY C 594 43.25 18.65 -2.52
N ALA C 595 42.55 18.34 -3.62
CA ALA C 595 43.13 17.47 -4.64
C ALA C 595 44.31 18.12 -5.36
N GLU C 596 44.34 19.45 -5.41
CA GLU C 596 45.34 20.17 -6.19
C GLU C 596 46.73 20.11 -5.57
N TYR C 597 46.89 19.61 -4.35
CA TYR C 597 48.14 19.73 -3.64
C TYR C 597 49.10 18.57 -3.86
N VAL C 598 48.62 17.43 -4.37
CA VAL C 598 49.52 16.29 -4.59
C VAL C 598 49.52 15.94 -6.06
N SER C 599 50.60 15.30 -6.49
CA SER C 599 50.84 14.98 -7.89
C SER C 599 49.95 13.83 -8.35
N ALA C 600 49.95 13.59 -9.66
CA ALA C 600 49.14 12.52 -10.21
C ALA C 600 49.72 11.14 -9.90
N ARG C 601 51.04 11.04 -9.72
CA ARG C 601 51.63 9.73 -9.46
C ARG C 601 51.37 9.26 -8.04
N GLU C 602 51.31 10.17 -7.07
CA GLU C 602 50.88 9.77 -5.74
C GLU C 602 49.44 9.26 -5.76
N TRP C 603 48.59 9.91 -6.53
CA TRP C 603 47.22 9.43 -6.70
C TRP C 603 47.20 8.07 -7.37
N MET C 604 48.11 7.83 -8.31
CA MET C 604 48.16 6.52 -8.97
C MET C 604 48.59 5.44 -8.01
N ARG C 605 49.55 5.73 -7.14
CA ARG C 605 49.97 4.75 -6.14
C ARG C 605 48.82 4.44 -5.18
N ILE C 606 48.12 5.49 -4.73
CA ILE C 606 46.95 5.29 -3.87
C ILE C 606 45.90 4.46 -4.60
N CYS C 607 45.71 4.73 -5.89
CA CYS C 607 44.84 3.91 -6.72
C CYS C 607 45.23 2.44 -6.65
N PHE C 608 46.52 2.17 -6.83
CA PHE C 608 46.99 0.78 -6.79
C PHE C 608 46.68 0.14 -5.45
N GLU C 609 46.86 0.87 -4.36
CA GLU C 609 46.58 0.28 -3.06
C GLU C 609 45.12 0.32 -2.65
N LEU C 610 44.27 1.03 -3.40
CA LEU C 610 42.83 1.03 -3.14
C LEU C 610 42.10 -0.11 -3.83
N LEU C 611 42.61 -0.58 -4.98
CA LEU C 611 41.94 -1.65 -5.71
C LEU C 611 41.80 -2.90 -4.84
N GLU C 612 42.78 -3.17 -3.98
CA GLU C 612 42.68 -4.32 -3.09
C GLU C 612 41.58 -4.13 -2.06
N LEU C 613 41.48 -2.95 -1.46
CA LEU C 613 40.51 -2.70 -0.42
C LEU C 613 39.06 -2.75 -0.93
N LEU C 614 38.84 -2.84 -2.24
CA LEU C 614 37.50 -3.08 -2.75
C LEU C 614 36.99 -4.46 -2.40
N LYS C 615 37.88 -5.38 -2.00
CA LYS C 615 37.50 -6.73 -1.62
C LYS C 615 37.34 -6.90 -0.13
N ALA C 616 37.33 -5.81 0.64
CA ALA C 616 37.18 -5.92 2.08
C ALA C 616 35.82 -6.54 2.43
N HIS C 617 35.80 -7.33 3.49
CA HIS C 617 34.56 -7.99 3.89
C HIS C 617 33.62 -7.02 4.61
N LYS C 618 34.16 -6.04 5.32
CA LYS C 618 33.32 -5.05 5.98
C LYS C 618 32.76 -4.06 4.95
N LYS C 619 31.47 -3.75 5.07
CA LYS C 619 30.80 -2.97 4.04
C LYS C 619 31.28 -1.52 4.02
N ALA C 620 31.45 -0.91 5.21
CA ALA C 620 31.82 0.49 5.27
C ALA C 620 33.18 0.74 4.62
N ILE C 621 34.10 -0.22 4.75
CA ILE C 621 35.43 -0.06 4.17
C ILE C 621 35.34 0.01 2.65
N ARG C 622 34.56 -0.88 2.04
CA ARG C 622 34.48 -0.84 0.58
C ARG C 622 33.63 0.33 0.09
N ARG C 623 32.65 0.76 0.87
CA ARG C 623 31.93 1.99 0.50
C ARG C 623 32.88 3.18 0.48
N ALA C 624 33.70 3.32 1.52
CA ALA C 624 34.68 4.39 1.56
C ALA C 624 35.66 4.27 0.40
N THR C 625 36.12 3.05 0.12
CA THR C 625 37.04 2.84 -1.00
C THR C 625 36.41 3.32 -2.31
N VAL C 626 35.13 2.98 -2.54
CA VAL C 626 34.44 3.43 -3.74
C VAL C 626 34.39 4.95 -3.80
N ASN C 627 34.01 5.58 -2.70
CA ASN C 627 33.90 7.03 -2.68
C ASN C 627 35.23 7.71 -2.98
N THR C 628 36.29 7.29 -2.29
CA THR C 628 37.58 7.96 -2.49
C THR C 628 38.16 7.65 -3.86
N PHE C 629 37.95 6.44 -4.38
CA PHE C 629 38.40 6.15 -5.74
C PHE C 629 37.72 7.06 -6.74
N GLY C 630 36.40 7.25 -6.59
CA GLY C 630 35.70 8.19 -7.46
C GLY C 630 36.21 9.60 -7.32
N TYR C 631 36.49 10.03 -6.09
CA TYR C 631 37.03 11.37 -5.86
C TYR C 631 38.35 11.56 -6.60
N ILE C 632 39.30 10.64 -6.41
CA ILE C 632 40.60 10.83 -7.05
C ILE C 632 40.50 10.65 -8.57
N ALA C 633 39.55 9.84 -9.03
CA ALA C 633 39.36 9.70 -10.48
C ALA C 633 38.83 10.99 -11.08
N LYS C 634 37.97 11.70 -10.33
CA LYS C 634 37.54 13.02 -10.78
C LYS C 634 38.67 14.03 -10.68
N ALA C 635 39.58 13.84 -9.72
CA ALA C 635 40.66 14.79 -9.50
C ALA C 635 41.70 14.73 -10.63
N ILE C 636 42.26 13.55 -10.88
CA ILE C 636 43.25 13.40 -11.94
C ILE C 636 42.54 13.05 -13.24
N GLY C 637 43.31 12.86 -14.31
CA GLY C 637 42.74 12.51 -15.59
C GLY C 637 42.27 11.07 -15.66
N PRO C 638 41.08 10.85 -16.23
CA PRO C 638 40.60 9.47 -16.41
C PRO C 638 41.46 8.62 -17.34
N HIS C 639 42.26 9.24 -18.21
CA HIS C 639 42.94 8.48 -19.26
C HIS C 639 44.00 7.55 -18.69
N ASP C 640 44.82 8.03 -17.77
CA ASP C 640 45.93 7.22 -17.25
C ASP C 640 45.41 6.04 -16.44
N VAL C 641 44.51 6.30 -15.50
CA VAL C 641 43.94 5.24 -14.68
C VAL C 641 43.16 4.26 -15.55
N LEU C 642 42.42 4.77 -16.55
CA LEU C 642 41.70 3.89 -17.45
C LEU C 642 42.65 2.99 -18.22
N ALA C 643 43.78 3.53 -18.68
CA ALA C 643 44.73 2.72 -19.44
C ALA C 643 45.35 1.63 -18.58
N THR C 644 45.83 1.99 -17.38
CA THR C 644 46.41 0.97 -16.51
C THR C 644 45.36 -0.06 -16.08
N LEU C 645 44.10 0.37 -15.95
CA LEU C 645 43.05 -0.57 -15.59
C LEU C 645 42.71 -1.51 -16.74
N LEU C 646 42.78 -1.03 -17.98
CA LEU C 646 42.55 -1.92 -19.12
C LEU C 646 43.67 -2.94 -19.24
N ASN C 647 44.91 -2.50 -19.06
CA ASN C 647 46.01 -3.46 -19.07
C ASN C 647 45.86 -4.46 -17.93
N ASN C 648 45.43 -3.98 -16.76
CA ASN C 648 45.14 -4.88 -15.64
C ASN C 648 44.06 -5.88 -16.02
N LEU C 649 43.00 -5.42 -16.68
CA LEU C 649 41.94 -6.30 -17.18
C LEU C 649 42.53 -7.42 -18.02
N LYS C 650 43.48 -7.10 -18.91
CA LYS C 650 44.12 -8.14 -19.70
C LYS C 650 44.91 -9.10 -18.83
N VAL C 651 45.82 -8.59 -18.01
CA VAL C 651 46.77 -9.48 -17.34
C VAL C 651 46.18 -10.20 -16.12
N GLN C 652 45.05 -9.75 -15.60
CA GLN C 652 44.53 -10.27 -14.34
C GLN C 652 43.67 -11.51 -14.56
N GLU C 653 43.62 -12.35 -13.52
CA GLU C 653 42.75 -13.52 -13.49
C GLU C 653 41.37 -13.11 -12.98
N ARG C 654 40.49 -14.10 -12.74
CA ARG C 654 39.11 -13.79 -12.39
C ARG C 654 38.99 -13.15 -11.00
N GLN C 655 39.86 -13.54 -10.06
CA GLN C 655 39.69 -13.11 -8.68
C GLN C 655 39.82 -11.59 -8.54
N ASN C 656 40.87 -11.01 -9.13
CA ASN C 656 41.09 -9.57 -9.07
C ASN C 656 40.57 -8.83 -10.31
N ARG C 657 39.89 -9.53 -11.22
CA ARG C 657 39.29 -8.84 -12.36
C ARG C 657 38.05 -8.05 -11.94
N VAL C 658 37.31 -8.55 -10.95
CA VAL C 658 36.12 -7.84 -10.49
C VAL C 658 36.48 -6.47 -9.95
N CYS C 659 37.62 -6.37 -9.26
CA CYS C 659 38.07 -5.06 -8.76
C CYS C 659 38.29 -4.09 -9.91
N THR C 660 38.97 -4.54 -10.97
CA THR C 660 39.26 -3.64 -12.08
C THR C 660 38.00 -3.28 -12.85
N THR C 661 37.05 -4.20 -12.97
CA THR C 661 35.79 -3.85 -13.62
C THR C 661 34.99 -2.84 -12.80
N VAL C 662 34.96 -3.02 -11.48
CA VAL C 662 34.28 -2.05 -10.63
C VAL C 662 34.95 -0.68 -10.72
N ALA C 663 36.28 -0.66 -10.74
CA ALA C 663 37.00 0.61 -10.88
C ALA C 663 36.71 1.26 -12.23
N ILE C 664 36.64 0.45 -13.30
CA ILE C 664 36.32 0.99 -14.62
C ILE C 664 34.94 1.63 -14.61
N ALA C 665 33.96 0.96 -13.98
CA ALA C 665 32.62 1.54 -13.89
C ALA C 665 32.63 2.82 -13.08
N ILE C 666 33.39 2.86 -11.98
CA ILE C 666 33.47 4.06 -11.17
C ILE C 666 34.04 5.22 -11.99
N VAL C 667 35.10 4.96 -12.75
CA VAL C 667 35.68 5.99 -13.59
C VAL C 667 34.68 6.47 -14.64
N ALA C 668 33.95 5.53 -15.26
CA ALA C 668 32.92 5.91 -16.22
C ALA C 668 31.84 6.78 -15.58
N GLU C 669 31.51 6.53 -14.32
CA GLU C 669 30.45 7.30 -13.68
C GLU C 669 30.94 8.69 -13.28
N THR C 670 32.15 8.80 -12.75
CA THR C 670 32.67 10.10 -12.33
C THR C 670 33.06 10.94 -13.55
N CYS C 671 33.88 10.38 -14.43
CA CYS C 671 34.21 10.98 -15.72
C CYS C 671 33.32 10.30 -16.75
N SER C 672 32.36 11.05 -17.31
CA SER C 672 31.24 10.49 -18.07
C SER C 672 31.67 9.38 -19.03
N PRO C 673 30.81 8.38 -19.25
CA PRO C 673 31.26 7.14 -19.91
C PRO C 673 31.90 7.33 -21.27
N PHE C 674 31.67 8.44 -21.97
CA PHE C 674 32.32 8.62 -23.26
C PHE C 674 33.83 8.78 -23.13
N THR C 675 34.36 8.88 -21.92
CA THR C 675 35.79 8.85 -21.68
C THR C 675 36.30 7.43 -21.42
N VAL C 676 35.39 6.47 -21.20
CA VAL C 676 35.77 5.10 -20.89
C VAL C 676 35.29 4.13 -21.97
N LEU C 677 34.09 4.34 -22.49
CA LEU C 677 33.53 3.41 -23.47
C LEU C 677 34.36 3.25 -24.73
N PRO C 678 34.94 4.30 -25.33
CA PRO C 678 35.72 4.07 -26.57
C PRO C 678 36.88 3.12 -26.38
N ALA C 679 37.71 3.33 -25.36
CA ALA C 679 38.86 2.46 -25.14
C ALA C 679 38.42 1.04 -24.78
N LEU C 680 37.38 0.92 -23.94
CA LEU C 680 36.86 -0.40 -23.60
C LEU C 680 36.37 -1.14 -24.83
N MET C 681 35.58 -0.47 -25.67
CA MET C 681 35.04 -1.12 -26.87
C MET C 681 36.13 -1.45 -27.88
N ASN C 682 37.18 -0.63 -27.95
CA ASN C 682 38.28 -0.97 -28.85
C ASN C 682 39.12 -2.11 -28.31
N GLU C 683 39.15 -2.29 -26.99
CA GLU C 683 39.79 -3.47 -26.43
C GLU C 683 39.05 -4.76 -26.77
N TYR C 684 37.92 -4.68 -27.47
CA TYR C 684 37.16 -5.85 -27.87
C TYR C 684 37.58 -6.39 -29.23
N ARG C 685 38.28 -5.59 -30.03
CA ARG C 685 38.64 -5.99 -31.39
C ARG C 685 39.86 -6.91 -31.45
N VAL C 686 40.58 -7.09 -30.34
CA VAL C 686 41.70 -8.03 -30.32
C VAL C 686 41.17 -9.46 -30.49
N PRO C 687 41.77 -10.28 -31.35
CA PRO C 687 41.14 -11.57 -31.69
C PRO C 687 41.03 -12.55 -30.54
N GLU C 688 41.74 -12.33 -29.42
CA GLU C 688 41.61 -13.22 -28.27
C GLU C 688 40.22 -13.09 -27.66
N LEU C 689 39.63 -14.22 -27.31
CA LEU C 689 38.23 -14.25 -26.88
C LEU C 689 38.05 -14.00 -25.38
N ASN C 690 39.06 -14.32 -24.56
CA ASN C 690 38.92 -14.13 -23.12
C ASN C 690 38.95 -12.64 -22.76
N VAL C 691 39.79 -11.86 -23.44
CA VAL C 691 39.76 -10.41 -23.22
C VAL C 691 38.45 -9.83 -23.72
N GLN C 692 37.88 -10.40 -24.79
CA GLN C 692 36.54 -10.00 -25.22
C GLN C 692 35.51 -10.26 -24.13
N ASN C 693 35.59 -11.42 -23.48
CA ASN C 693 34.64 -11.75 -22.42
C ASN C 693 34.84 -10.81 -21.21
N GLY C 694 36.08 -10.47 -20.91
CA GLY C 694 36.33 -9.50 -19.85
C GLY C 694 35.75 -8.14 -20.16
N VAL C 695 35.89 -7.70 -21.41
CA VAL C 695 35.29 -6.42 -21.82
C VAL C 695 33.77 -6.49 -21.71
N LEU C 696 33.19 -7.64 -22.09
CA LEU C 696 31.73 -7.79 -22.00
C LEU C 696 31.27 -7.71 -20.54
N LYS C 697 31.97 -8.39 -19.64
CA LYS C 697 31.57 -8.35 -18.23
C LYS C 697 31.74 -6.96 -17.64
N SER C 698 32.82 -6.25 -18.02
CA SER C 698 32.98 -4.88 -17.54
C SER C 698 31.88 -3.99 -18.09
N LEU C 699 31.47 -4.19 -19.35
CA LEU C 699 30.35 -3.42 -19.89
C LEU C 699 29.07 -3.68 -19.11
N SER C 700 28.81 -4.95 -18.80
CA SER C 700 27.62 -5.31 -18.04
C SER C 700 27.58 -4.58 -16.70
N PHE C 701 28.66 -4.71 -15.92
CA PHE C 701 28.66 -4.03 -14.62
C PHE C 701 28.63 -2.53 -14.78
N LEU C 702 29.30 -1.99 -15.80
CA LEU C 702 29.31 -0.56 -16.02
C LEU C 702 27.90 -0.02 -16.22
N PHE C 703 27.11 -0.72 -17.05
CA PHE C 703 25.76 -0.21 -17.31
C PHE C 703 24.87 -0.38 -16.09
N GLU C 704 24.96 -1.52 -15.40
CA GLU C 704 24.19 -1.67 -14.15
C GLU C 704 24.54 -0.57 -13.15
N TYR C 705 25.81 -0.20 -13.07
CA TYR C 705 26.28 0.75 -12.07
C TYR C 705 25.91 2.18 -12.43
N ILE C 706 26.04 2.56 -13.71
CA ILE C 706 25.74 3.94 -14.06
C ILE C 706 24.24 4.17 -14.14
N GLY C 707 23.44 3.14 -14.42
CA GLY C 707 22.00 3.35 -14.49
C GLY C 707 21.53 4.32 -15.55
N GLU C 708 20.86 5.40 -15.13
CA GLU C 708 20.27 6.32 -16.09
C GLU C 708 21.33 7.05 -16.91
N MET C 709 22.57 7.11 -16.43
CA MET C 709 23.63 7.73 -17.21
C MET C 709 23.80 7.07 -18.58
N GLY C 710 23.43 5.79 -18.70
CA GLY C 710 23.67 5.07 -19.93
C GLY C 710 22.60 5.33 -20.96
N LYS C 711 21.76 6.34 -20.73
CA LYS C 711 20.73 6.67 -21.69
C LYS C 711 21.32 7.19 -23.00
N ASP C 712 22.51 7.79 -22.95
CA ASP C 712 23.13 8.40 -24.11
C ASP C 712 24.17 7.49 -24.77
N TYR C 713 24.22 6.21 -24.39
CA TYR C 713 25.28 5.34 -24.87
C TYR C 713 24.78 4.00 -25.40
N ILE C 714 23.47 3.84 -25.59
CA ILE C 714 22.98 2.58 -26.15
C ILE C 714 23.43 2.43 -27.60
N TYR C 715 23.25 3.50 -28.40
CA TYR C 715 23.70 3.47 -29.78
C TYR C 715 25.19 3.21 -29.89
N ALA C 716 25.97 3.69 -28.93
CA ALA C 716 27.43 3.52 -29.00
C ALA C 716 27.82 2.05 -28.82
N VAL C 717 27.21 1.37 -27.84
CA VAL C 717 27.56 -0.02 -27.57
C VAL C 717 26.76 -1.00 -28.42
N THR C 718 25.81 -0.51 -29.22
CA THR C 718 24.95 -1.41 -29.99
C THR C 718 25.72 -2.35 -30.91
N PRO C 719 26.64 -1.88 -31.78
CA PRO C 719 27.27 -2.83 -32.73
C PRO C 719 28.07 -3.94 -32.04
N LEU C 720 28.76 -3.62 -30.95
CA LEU C 720 29.46 -4.64 -30.19
C LEU C 720 28.49 -5.71 -29.69
N LEU C 721 27.30 -5.31 -29.27
CA LEU C 721 26.31 -6.28 -28.82
C LEU C 721 25.70 -7.05 -29.99
N GLU C 722 25.57 -6.42 -31.16
CA GLU C 722 25.15 -7.15 -32.34
C GLU C 722 26.13 -8.27 -32.64
N ASP C 723 27.43 -7.97 -32.58
CA ASP C 723 28.43 -8.99 -32.87
C ASP C 723 28.46 -10.06 -31.78
N ALA C 724 28.29 -9.66 -30.51
CA ALA C 724 28.44 -10.62 -29.41
C ALA C 724 27.22 -11.52 -29.25
N LEU C 725 26.04 -11.07 -29.67
CA LEU C 725 24.84 -11.86 -29.44
C LEU C 725 24.70 -13.03 -30.42
N MET C 726 25.39 -12.97 -31.57
CA MET C 726 25.47 -14.09 -32.48
C MET C 726 26.92 -14.50 -32.72
N ASP C 727 27.71 -14.47 -31.64
CA ASP C 727 29.14 -14.76 -31.69
C ASP C 727 29.44 -16.25 -31.67
N ARG C 728 28.40 -17.10 -31.66
CA ARG C 728 28.52 -18.57 -31.62
C ARG C 728 29.44 -19.04 -30.49
N ASP C 729 29.65 -18.21 -29.48
CA ASP C 729 30.28 -18.60 -28.23
C ASP C 729 29.27 -18.34 -27.12
N LEU C 730 28.90 -19.39 -26.38
CA LEU C 730 27.77 -19.29 -25.47
C LEU C 730 28.03 -18.30 -24.35
N VAL C 731 29.26 -18.25 -23.83
CA VAL C 731 29.58 -17.30 -22.76
C VAL C 731 29.41 -15.87 -23.25
N HIS C 732 29.78 -15.61 -24.50
CA HIS C 732 29.63 -14.26 -25.05
C HIS C 732 28.16 -13.88 -25.17
N ARG C 733 27.33 -14.78 -25.70
CA ARG C 733 25.90 -14.50 -25.80
C ARG C 733 25.30 -14.26 -24.42
N GLN C 734 25.67 -15.08 -23.44
CA GLN C 734 25.14 -14.93 -22.09
C GLN C 734 25.52 -13.58 -21.49
N THR C 735 26.81 -13.22 -21.58
CA THR C 735 27.25 -11.95 -21.01
C THR C 735 26.62 -10.77 -21.74
N ALA C 736 26.44 -10.87 -23.06
CA ALA C 736 25.82 -9.77 -23.80
C ALA C 736 24.34 -9.63 -23.43
N SER C 737 23.66 -10.75 -23.21
CA SER C 737 22.28 -10.68 -22.73
C SER C 737 22.21 -10.02 -21.36
N ALA C 738 23.17 -10.33 -20.48
CA ALA C 738 23.22 -9.65 -19.19
C ALA C 738 23.45 -8.15 -19.37
N VAL C 739 24.30 -7.80 -20.34
CA VAL C 739 24.54 -6.40 -20.66
C VAL C 739 23.24 -5.70 -21.03
N VAL C 740 22.49 -6.28 -21.97
CA VAL C 740 21.27 -5.59 -22.40
C VAL C 740 20.23 -5.59 -21.30
N GLN C 741 20.25 -6.58 -20.42
CA GLN C 741 19.35 -6.57 -19.27
C GLN C 741 19.63 -5.37 -18.38
N HIS C 742 20.89 -5.22 -17.96
CA HIS C 742 21.23 -4.08 -17.10
C HIS C 742 21.02 -2.76 -17.84
N MET C 743 21.26 -2.74 -19.15
CA MET C 743 20.98 -1.56 -19.95
C MET C 743 19.52 -1.13 -19.82
N SER C 744 18.61 -2.05 -20.18
CA SER C 744 17.19 -1.71 -20.19
C SER C 744 16.69 -1.37 -18.79
N LEU C 745 17.20 -2.06 -17.76
CA LEU C 745 16.77 -1.75 -16.41
C LEU C 745 17.30 -0.40 -15.94
N GLY C 746 18.44 0.05 -16.47
CA GLY C 746 19.00 1.31 -16.05
C GLY C 746 18.41 2.51 -16.74
N VAL C 747 17.99 2.35 -17.99
CA VAL C 747 17.43 3.45 -18.77
C VAL C 747 15.91 3.38 -18.79
N TYR C 748 15.31 2.71 -17.82
CA TYR C 748 13.85 2.60 -17.74
C TYR C 748 13.23 3.98 -17.59
N GLY C 749 12.35 4.32 -18.54
CA GLY C 749 11.65 5.59 -18.48
C GLY C 749 12.44 6.78 -18.96
N PHE C 750 13.42 6.57 -19.84
CA PHE C 750 14.24 7.65 -20.35
C PHE C 750 14.27 7.65 -21.88
N GLY C 751 13.24 7.10 -22.51
CA GLY C 751 13.07 7.25 -23.94
C GLY C 751 14.06 6.50 -24.80
N CYS C 752 14.58 5.36 -24.34
CA CYS C 752 15.47 4.51 -25.13
C CYS C 752 14.73 3.34 -25.75
N GLU C 753 13.47 3.56 -26.18
CA GLU C 753 12.66 2.45 -26.64
C GLU C 753 13.13 1.89 -27.98
N ASP C 754 13.58 2.76 -28.89
CA ASP C 754 13.93 2.30 -30.22
C ASP C 754 15.23 1.50 -30.24
N SER C 755 16.26 1.99 -29.54
CA SER C 755 17.53 1.27 -29.50
C SER C 755 17.38 -0.07 -28.78
N LEU C 756 16.63 -0.09 -27.68
CA LEU C 756 16.42 -1.35 -26.98
C LEU C 756 15.55 -2.30 -27.79
N ASN C 757 14.58 -1.77 -28.53
CA ASN C 757 13.79 -2.62 -29.42
C ASN C 757 14.67 -3.23 -30.50
N HIS C 758 15.64 -2.46 -31.01
CA HIS C 758 16.58 -2.99 -31.98
C HIS C 758 17.43 -4.10 -31.36
N LEU C 759 17.92 -3.89 -30.14
CA LEU C 759 18.70 -4.92 -29.45
C LEU C 759 17.86 -6.17 -29.17
N LEU C 760 16.55 -6.00 -28.97
CA LEU C 760 15.68 -7.13 -28.73
C LEU C 760 15.70 -8.13 -29.88
N ASN C 761 15.86 -7.63 -31.12
CA ASN C 761 15.86 -8.53 -32.27
C ASN C 761 17.09 -9.43 -32.28
N TYR C 762 18.21 -8.97 -31.76
CA TYR C 762 19.39 -9.81 -31.62
C TYR C 762 19.37 -10.66 -30.37
N VAL C 763 18.65 -10.22 -29.34
CA VAL C 763 18.53 -11.02 -28.13
C VAL C 763 17.58 -12.20 -28.34
N TRP C 764 16.55 -12.02 -29.15
CA TRP C 764 15.46 -13.00 -29.23
C TRP C 764 15.90 -14.38 -29.72
N PRO C 765 16.62 -14.52 -30.84
CA PRO C 765 16.88 -15.87 -31.36
C PRO C 765 17.58 -16.79 -30.38
N ASN C 766 18.18 -16.25 -29.32
CA ASN C 766 18.87 -17.07 -28.33
C ASN C 766 17.92 -17.72 -27.33
N VAL C 767 16.60 -17.59 -27.52
CA VAL C 767 15.66 -18.25 -26.60
C VAL C 767 15.65 -19.75 -26.82
N PHE C 768 16.03 -20.22 -27.99
CA PHE C 768 16.06 -21.66 -28.29
C PHE C 768 17.41 -22.27 -27.92
N GLU C 769 17.90 -21.95 -26.73
CA GLU C 769 19.16 -22.47 -26.25
C GLU C 769 18.92 -23.32 -25.01
N THR C 770 19.77 -24.33 -24.82
CA THR C 770 19.56 -25.33 -23.78
C THR C 770 20.43 -25.13 -22.55
N SER C 771 21.57 -24.47 -22.69
CA SER C 771 22.46 -24.28 -21.54
C SER C 771 21.75 -23.45 -20.47
N PRO C 772 21.62 -23.96 -19.24
CA PRO C 772 20.79 -23.27 -18.24
C PRO C 772 21.23 -21.85 -17.94
N HIS C 773 22.53 -21.62 -17.82
CA HIS C 773 23.02 -20.28 -17.50
C HIS C 773 22.69 -19.29 -18.62
N VAL C 774 22.90 -19.69 -19.87
CA VAL C 774 22.67 -18.74 -20.96
C VAL C 774 21.17 -18.53 -21.19
N ILE C 775 20.35 -19.56 -20.95
CA ILE C 775 18.92 -19.36 -21.15
C ILE C 775 18.34 -18.52 -20.03
N GLN C 776 18.85 -18.66 -18.80
CA GLN C 776 18.38 -17.78 -17.74
C GLN C 776 18.86 -16.35 -17.95
N ALA C 777 20.05 -16.17 -18.54
CA ALA C 777 20.49 -14.83 -18.90
C ALA C 777 19.59 -14.22 -19.97
N VAL C 778 19.22 -15.01 -20.98
CA VAL C 778 18.31 -14.52 -22.01
C VAL C 778 16.96 -14.16 -21.41
N MET C 779 16.47 -14.97 -20.46
CA MET C 779 15.20 -14.65 -19.81
C MET C 779 15.30 -13.36 -19.02
N GLY C 780 16.39 -13.15 -18.29
CA GLY C 780 16.57 -11.90 -17.58
C GLY C 780 16.62 -10.71 -18.51
N ALA C 781 17.28 -10.87 -19.66
CA ALA C 781 17.30 -9.82 -20.67
C ALA C 781 15.90 -9.52 -21.19
N LEU C 782 15.10 -10.56 -21.43
CA LEU C 782 13.74 -10.34 -21.91
C LEU C 782 12.87 -9.67 -20.85
N GLU C 783 13.10 -9.97 -19.57
CA GLU C 783 12.31 -9.31 -18.53
C GLU C 783 12.68 -7.84 -18.41
N GLY C 784 13.98 -7.52 -18.41
CA GLY C 784 14.39 -6.13 -18.42
C GLY C 784 13.87 -5.38 -19.63
N LEU C 785 13.88 -6.03 -20.80
CA LEU C 785 13.34 -5.41 -21.99
C LEU C 785 11.84 -5.23 -21.90
N ARG C 786 11.13 -6.11 -21.20
CA ARG C 786 9.71 -5.85 -20.95
C ARG C 786 9.56 -4.60 -20.10
N VAL C 787 10.36 -4.47 -19.05
CA VAL C 787 10.26 -3.31 -18.17
C VAL C 787 10.50 -2.01 -18.94
N ALA C 788 11.53 -2.00 -19.79
CA ALA C 788 11.91 -0.76 -20.48
C ALA C 788 11.10 -0.48 -21.74
N ILE C 789 10.80 -1.51 -22.53
CA ILE C 789 10.05 -1.33 -23.77
C ILE C 789 8.55 -1.30 -23.51
N GLY C 790 8.07 -2.15 -22.59
CA GLY C 790 6.67 -2.27 -22.32
C GLY C 790 6.16 -3.68 -22.58
N PRO C 791 5.16 -4.12 -21.82
CA PRO C 791 4.64 -5.49 -22.00
C PRO C 791 3.90 -5.69 -23.30
N CYS C 792 3.41 -4.62 -23.93
CA CYS C 792 2.67 -4.77 -25.18
C CYS C 792 3.55 -5.33 -26.28
N ARG C 793 4.78 -4.82 -26.39
CA ARG C 793 5.69 -5.30 -27.44
C ARG C 793 6.10 -6.75 -27.21
N MET C 794 6.39 -7.10 -25.95
CA MET C 794 6.72 -8.50 -25.65
C MET C 794 5.54 -9.41 -25.94
N LEU C 795 4.32 -8.95 -25.68
CA LEU C 795 3.15 -9.74 -26.03
C LEU C 795 3.05 -9.91 -27.54
N GLN C 796 3.35 -8.84 -28.29
CA GLN C 796 3.36 -8.94 -29.75
C GLN C 796 4.37 -9.98 -30.22
N TYR C 797 5.53 -10.03 -29.57
CA TYR C 797 6.54 -11.03 -29.92
C TYR C 797 6.11 -12.43 -29.54
N CYS C 798 5.33 -12.58 -28.46
CA CYS C 798 4.92 -13.90 -28.01
C CYS C 798 3.77 -14.47 -28.83
N LEU C 799 2.87 -13.61 -29.31
CA LEU C 799 1.64 -14.09 -29.93
C LEU C 799 1.93 -15.00 -31.13
N GLN C 800 2.94 -14.66 -31.93
CA GLN C 800 3.23 -15.43 -33.14
C GLN C 800 3.66 -16.86 -32.82
N GLY C 801 3.94 -17.20 -31.57
CA GLY C 801 4.39 -18.54 -31.24
C GLY C 801 3.70 -19.16 -30.05
N LEU C 802 2.72 -18.46 -29.45
CA LEU C 802 1.98 -19.05 -28.34
C LEU C 802 1.35 -20.39 -28.72
N PHE C 803 0.62 -20.43 -29.83
CA PHE C 803 0.10 -21.67 -30.40
C PHE C 803 0.87 -21.95 -31.68
N HIS C 804 1.35 -23.18 -31.82
CA HIS C 804 2.28 -23.52 -32.89
C HIS C 804 2.38 -25.04 -32.98
N PRO C 805 2.57 -25.59 -34.18
CA PRO C 805 2.68 -27.05 -34.29
C PRO C 805 3.81 -27.64 -33.46
N ALA C 806 4.98 -27.00 -33.44
CA ALA C 806 6.11 -27.51 -32.69
C ALA C 806 5.86 -27.38 -31.19
N ARG C 807 6.04 -28.48 -30.47
CA ARG C 807 5.78 -28.48 -29.04
C ARG C 807 6.84 -27.70 -28.27
N LYS C 808 8.09 -27.74 -28.73
CA LYS C 808 9.18 -27.09 -28.01
C LYS C 808 9.10 -25.57 -28.15
N VAL C 809 8.73 -25.08 -29.33
CA VAL C 809 8.54 -23.64 -29.46
C VAL C 809 7.35 -23.19 -28.62
N ARG C 810 6.34 -24.04 -28.48
CA ARG C 810 5.25 -23.72 -27.56
C ARG C 810 5.76 -23.65 -26.13
N ASP C 811 6.64 -24.57 -25.75
CA ASP C 811 7.21 -24.55 -24.41
C ASP C 811 7.94 -23.24 -24.13
N VAL C 812 8.84 -22.84 -25.04
CA VAL C 812 9.64 -21.64 -24.78
C VAL C 812 8.75 -20.40 -24.82
N TYR C 813 7.82 -20.32 -25.78
CA TYR C 813 6.98 -19.14 -25.86
C TYR C 813 6.02 -19.04 -24.69
N TRP C 814 5.59 -20.18 -24.14
CA TRP C 814 4.73 -20.13 -22.96
C TRP C 814 5.52 -19.78 -21.71
N LYS C 815 6.80 -20.16 -21.65
CA LYS C 815 7.65 -19.66 -20.56
C LYS C 815 7.76 -18.14 -20.62
N ILE C 816 8.04 -17.60 -21.81
CA ILE C 816 8.15 -16.15 -21.95
C ILE C 816 6.82 -15.47 -21.61
N TYR C 817 5.71 -16.05 -22.08
CA TYR C 817 4.41 -15.48 -21.79
C TYR C 817 4.12 -15.50 -20.30
N ASN C 818 4.45 -16.60 -19.61
CA ASN C 818 4.24 -16.67 -18.18
C ASN C 818 5.03 -15.58 -17.46
N SER C 819 6.28 -15.36 -17.89
CA SER C 819 7.09 -14.31 -17.29
C SER C 819 6.42 -12.95 -17.45
N ILE C 820 6.06 -12.59 -18.68
CA ILE C 820 5.50 -11.26 -18.89
C ILE C 820 4.08 -11.13 -18.32
N TYR C 821 3.38 -12.25 -18.11
CA TYR C 821 2.04 -12.20 -17.54
C TYR C 821 2.10 -12.01 -16.04
N ILE C 822 2.97 -12.78 -15.35
CA ILE C 822 3.22 -12.52 -13.94
C ILE C 822 3.72 -11.11 -13.75
N GLY C 823 4.51 -10.60 -14.71
CA GLY C 823 5.07 -9.26 -14.56
C GLY C 823 4.04 -8.16 -14.72
N SER C 824 3.21 -8.24 -15.76
CA SER C 824 2.33 -7.14 -16.16
C SER C 824 0.92 -7.65 -16.47
N GLN C 825 0.30 -8.34 -15.52
CA GLN C 825 -1.00 -8.98 -15.77
C GLN C 825 -2.08 -7.94 -16.01
N ASP C 826 -2.03 -6.80 -15.32
CA ASP C 826 -3.09 -5.81 -15.43
C ASP C 826 -2.95 -4.96 -16.70
N ALA C 827 -1.72 -4.77 -17.19
CA ALA C 827 -1.55 -3.97 -18.39
C ALA C 827 -2.01 -4.72 -19.63
N LEU C 828 -1.79 -6.05 -19.67
CA LEU C 828 -2.16 -6.85 -20.82
C LEU C 828 -3.62 -6.70 -21.21
N ILE C 829 -4.47 -6.28 -20.27
CA ILE C 829 -5.89 -6.04 -20.57
C ILE C 829 -6.04 -5.17 -21.81
N ALA C 830 -5.16 -4.20 -21.99
CA ALA C 830 -5.25 -3.31 -23.13
C ALA C 830 -4.52 -3.83 -24.36
N HIS C 831 -3.81 -4.95 -24.25
CA HIS C 831 -2.91 -5.39 -25.32
C HIS C 831 -3.27 -6.73 -25.95
N TYR C 832 -4.20 -7.49 -25.39
CA TYR C 832 -4.59 -8.76 -25.99
C TYR C 832 -5.17 -8.51 -27.39
N PRO C 833 -4.91 -9.38 -28.35
CA PRO C 833 -5.46 -9.19 -29.69
C PRO C 833 -6.96 -9.42 -29.72
N ARG C 834 -7.58 -8.99 -30.81
CA ARG C 834 -9.00 -9.18 -31.02
C ARG C 834 -9.23 -10.61 -31.51
N ILE C 835 -9.75 -11.47 -30.63
CA ILE C 835 -10.04 -12.86 -30.95
C ILE C 835 -11.53 -12.96 -31.28
N TYR C 836 -11.84 -13.28 -32.53
CA TYR C 836 -13.23 -13.31 -32.98
C TYR C 836 -13.96 -14.52 -32.41
N ASN C 837 -15.29 -14.42 -32.37
CA ASN C 837 -16.12 -15.52 -31.91
C ASN C 837 -16.13 -16.65 -32.94
N ASP C 838 -16.76 -17.77 -32.55
CA ASP C 838 -17.04 -18.85 -33.48
C ASP C 838 -18.43 -19.39 -33.13
N ASP C 839 -18.74 -20.58 -33.63
CA ASP C 839 -20.07 -21.15 -33.39
C ASP C 839 -20.24 -21.61 -31.95
N LYS C 840 -19.16 -22.09 -31.32
CA LYS C 840 -19.28 -22.67 -29.98
C LYS C 840 -19.23 -21.61 -28.89
N ASN C 841 -18.31 -20.66 -28.99
CA ASN C 841 -18.06 -19.71 -27.92
C ASN C 841 -18.08 -18.28 -28.45
N THR C 842 -18.03 -17.33 -27.51
CA THR C 842 -17.95 -15.91 -27.84
C THR C 842 -16.74 -15.33 -27.10
N TYR C 843 -15.77 -14.82 -27.87
CA TYR C 843 -14.51 -14.34 -27.31
C TYR C 843 -14.34 -12.83 -27.42
N ILE C 844 -15.25 -12.13 -28.11
CA ILE C 844 -15.13 -10.69 -28.26
C ILE C 844 -15.45 -10.01 -26.93
N ARG C 845 -14.56 -9.13 -26.50
CA ARG C 845 -14.80 -8.30 -25.31
C ARG C 845 -15.61 -7.08 -25.77
N TYR C 846 -16.93 -7.27 -25.83
CA TYR C 846 -17.81 -6.27 -26.43
C TYR C 846 -17.76 -4.94 -25.68
N GLU C 847 -17.51 -4.98 -24.37
CA GLU C 847 -17.52 -3.75 -23.58
C GLU C 847 -16.46 -2.77 -24.08
N LEU C 848 -15.29 -3.27 -24.46
CA LEU C 848 -14.23 -2.39 -24.94
C LEU C 848 -14.53 -1.79 -26.31
N ASP C 849 -15.56 -2.26 -27.00
CA ASP C 849 -15.97 -1.69 -28.28
C ASP C 849 -17.00 -0.57 -28.14
N TYR C 850 -17.40 -0.24 -26.91
CA TYR C 850 -18.37 0.83 -26.72
C TYR C 850 -17.76 2.16 -27.14
N ILE C 851 -18.57 3.00 -27.78
CA ILE C 851 -18.14 4.31 -28.24
C ILE C 851 -19.15 5.33 -27.72
N LEU C 852 -18.70 6.19 -26.81
CA LEU C 852 -19.56 7.27 -26.31
C LEU C 852 -19.62 8.41 -27.31
N ASP D 17 19.20 -27.87 -5.08
CA ASP D 17 19.54 -28.23 -3.70
C ASP D 17 19.17 -27.13 -2.72
N LEU D 18 19.28 -25.88 -3.16
CA LEU D 18 18.94 -24.71 -2.36
C LEU D 18 17.77 -24.00 -3.01
N ILE D 19 16.75 -23.67 -2.22
CA ILE D 19 15.56 -23.04 -2.77
C ILE D 19 15.06 -21.95 -1.82
N PHE D 20 14.34 -20.98 -2.36
CA PHE D 20 13.76 -19.93 -1.54
C PHE D 20 12.58 -20.47 -0.73
N CYS D 21 12.43 -19.96 0.49
CA CYS D 21 11.31 -20.33 1.34
C CYS D 21 9.98 -20.05 0.64
N ARG D 22 9.81 -18.84 0.12
CA ARG D 22 8.67 -18.42 -0.69
C ARG D 22 7.35 -18.47 0.06
N LYS D 23 7.36 -18.60 1.38
CA LYS D 23 6.12 -18.49 2.14
C LYS D 23 5.71 -17.03 2.27
N GLN D 24 4.50 -16.81 2.80
CA GLN D 24 3.97 -15.46 2.95
C GLN D 24 4.80 -14.69 3.97
N ALA D 25 5.47 -13.64 3.51
CA ALA D 25 6.32 -12.86 4.40
C ALA D 25 5.48 -12.01 5.35
N GLY D 26 6.03 -11.74 6.52
CA GLY D 26 5.33 -10.96 7.52
C GLY D 26 6.03 -9.70 7.92
N VAL D 27 6.12 -9.45 9.24
CA VAL D 27 6.66 -8.21 9.76
C VAL D 27 8.10 -8.33 10.22
N ALA D 28 8.72 -9.50 10.05
CA ALA D 28 10.12 -9.68 10.44
C ALA D 28 11.03 -9.19 9.33
N ILE D 29 12.03 -8.39 9.70
CA ILE D 29 12.96 -7.82 8.75
C ILE D 29 14.14 -8.77 8.58
N GLY D 30 14.46 -9.09 7.33
CA GLY D 30 15.59 -9.95 7.05
C GLY D 30 16.90 -9.35 7.50
N ARG D 31 17.88 -10.23 7.73
CA ARG D 31 19.16 -9.83 8.29
C ARG D 31 20.30 -10.37 7.43
N LEU D 32 21.46 -9.75 7.56
CA LEU D 32 22.65 -10.10 6.80
C LEU D 32 23.88 -10.02 7.69
N CYS D 33 24.83 -10.90 7.41
CA CYS D 33 26.08 -11.01 8.15
C CYS D 33 27.09 -10.02 7.59
N GLU D 34 28.34 -10.12 8.04
CA GLU D 34 29.38 -9.21 7.56
C GLU D 34 29.84 -9.58 6.15
N LYS D 35 29.86 -10.87 5.81
CA LYS D 35 30.31 -11.29 4.49
C LYS D 35 29.33 -10.85 3.41
N CYS D 36 28.03 -10.90 3.70
CA CYS D 36 26.98 -10.61 2.74
C CYS D 36 26.30 -9.27 3.01
N ASP D 37 27.02 -8.31 3.59
CA ASP D 37 26.38 -7.12 4.13
C ASP D 37 25.74 -6.27 3.04
N GLY D 38 26.36 -6.18 1.88
CA GLY D 38 25.84 -5.36 0.80
C GLY D 38 25.15 -6.09 -0.32
N LYS D 39 24.93 -7.40 -0.19
CA LYS D 39 24.43 -8.21 -1.29
C LYS D 39 22.91 -8.21 -1.35
N CYS D 40 22.38 -8.56 -2.51
CA CYS D 40 20.95 -8.77 -2.71
C CYS D 40 20.65 -10.25 -2.65
N VAL D 41 19.59 -10.61 -1.91
CA VAL D 41 19.29 -12.02 -1.68
C VAL D 41 18.94 -12.74 -2.97
N ILE D 42 18.33 -12.04 -3.92
CA ILE D 42 17.84 -12.70 -5.13
C ILE D 42 18.94 -12.88 -6.16
N CYS D 43 19.62 -11.79 -6.50
CA CYS D 43 20.50 -11.77 -7.67
C CYS D 43 21.97 -11.54 -7.32
N ASP D 44 22.31 -11.48 -6.03
CA ASP D 44 23.69 -11.35 -5.56
C ASP D 44 24.35 -10.05 -6.03
N SER D 45 23.56 -9.01 -6.25
CA SER D 45 24.09 -7.72 -6.68
C SER D 45 24.38 -6.82 -5.49
N TYR D 46 25.43 -6.02 -5.61
CA TYR D 46 25.80 -5.04 -4.60
C TYR D 46 25.38 -3.62 -4.98
N VAL D 47 24.65 -3.47 -6.07
CA VAL D 47 24.33 -2.16 -6.63
C VAL D 47 22.97 -1.71 -6.13
N ARG D 48 22.94 -0.56 -5.46
CA ARG D 48 21.73 0.17 -5.08
C ARG D 48 20.74 -0.67 -4.28
N PRO D 49 21.01 -0.93 -3.00
CA PRO D 49 19.97 -1.50 -2.13
C PRO D 49 18.78 -0.56 -2.06
N CYS D 50 17.61 -1.08 -2.42
CA CYS D 50 16.40 -0.26 -2.53
C CYS D 50 15.47 -0.47 -1.34
N THR D 51 14.71 -1.56 -1.33
CA THR D 51 13.66 -1.77 -0.33
C THR D 51 14.06 -2.87 0.65
N LEU D 52 13.37 -2.84 1.79
CA LEU D 52 13.71 -3.71 2.92
C LEU D 52 13.15 -5.11 2.71
N VAL D 53 13.92 -6.12 3.14
CA VAL D 53 13.54 -7.52 2.98
C VAL D 53 12.69 -7.95 4.17
N ARG D 54 11.56 -8.58 3.88
CA ARG D 54 10.71 -9.18 4.91
C ARG D 54 10.73 -10.69 4.75
N ILE D 55 10.72 -11.41 5.88
CA ILE D 55 10.76 -12.86 5.87
C ILE D 55 9.53 -13.39 6.62
N CYS D 56 9.26 -14.68 6.43
CA CYS D 56 8.11 -15.32 7.05
C CYS D 56 8.38 -15.63 8.52
N ASP D 57 7.30 -15.83 9.26
CA ASP D 57 7.42 -16.04 10.71
C ASP D 57 8.18 -17.32 11.04
N GLU D 58 8.03 -18.36 10.22
CA GLU D 58 8.70 -19.62 10.51
C GLU D 58 10.21 -19.50 10.36
N CYS D 59 10.68 -18.72 9.39
CA CYS D 59 12.10 -18.53 9.16
C CYS D 59 12.75 -17.55 10.14
N ASN D 60 11.97 -16.92 11.02
CA ASN D 60 12.50 -15.98 11.99
C ASN D 60 12.33 -16.46 13.42
N TYR D 61 11.78 -17.65 13.63
CA TYR D 61 11.48 -18.13 14.96
C TYR D 61 12.66 -18.87 15.56
N GLY D 62 12.79 -18.77 16.88
CA GLY D 62 13.74 -19.62 17.58
C GLY D 62 15.15 -19.11 17.46
N SER D 63 16.10 -20.05 17.34
CA SER D 63 17.50 -19.70 17.14
C SER D 63 17.77 -19.08 15.78
N TYR D 64 16.79 -19.11 14.88
CA TYR D 64 16.94 -18.51 13.55
C TYR D 64 16.72 -17.00 13.56
N GLN D 65 16.31 -16.43 14.69
CA GLN D 65 16.06 -15.00 14.77
C GLN D 65 17.35 -14.22 14.56
N GLY D 66 17.31 -13.25 13.65
CA GLY D 66 18.44 -12.38 13.41
C GLY D 66 19.57 -13.00 12.61
N ARG D 67 19.41 -14.22 12.13
CA ARG D 67 20.48 -14.87 11.39
C ARG D 67 20.44 -14.44 9.91
N CYS D 68 21.57 -14.61 9.25
CA CYS D 68 21.72 -14.16 7.86
C CYS D 68 20.74 -14.87 6.95
N VAL D 69 20.06 -14.09 6.10
CA VAL D 69 19.04 -14.67 5.23
C VAL D 69 19.68 -15.47 4.09
N ILE D 70 20.92 -15.14 3.73
CA ILE D 70 21.59 -15.81 2.62
C ILE D 70 22.37 -17.02 3.13
N CYS D 71 23.48 -16.75 3.81
CA CYS D 71 24.39 -17.83 4.21
C CYS D 71 23.95 -18.52 5.50
N GLY D 72 23.23 -17.82 6.36
CA GLY D 72 22.83 -18.38 7.64
C GLY D 72 23.73 -18.06 8.80
N GLY D 73 24.71 -17.18 8.63
CA GLY D 73 25.60 -16.79 9.70
C GLY D 73 24.99 -15.73 10.60
N PRO D 74 25.78 -15.21 11.52
CA PRO D 74 25.26 -14.21 12.47
C PRO D 74 24.99 -12.89 11.77
N GLY D 75 23.76 -12.40 11.87
CA GLY D 75 23.39 -11.17 11.18
C GLY D 75 23.89 -9.93 11.90
N VAL D 76 24.44 -9.01 11.12
CA VAL D 76 24.95 -7.76 11.66
C VAL D 76 24.21 -6.52 11.14
N SER D 77 23.50 -6.60 10.01
CA SER D 77 22.73 -5.46 9.53
C SER D 77 21.50 -5.98 8.80
N ASP D 78 20.70 -5.06 8.25
CA ASP D 78 19.46 -5.44 7.60
C ASP D 78 19.69 -5.83 6.14
N ALA D 79 18.79 -6.65 5.62
CA ALA D 79 18.86 -7.13 4.25
C ALA D 79 17.97 -6.30 3.33
N TYR D 80 18.40 -6.16 2.09
CA TYR D 80 17.70 -5.35 1.11
C TYR D 80 17.62 -6.08 -0.23
N TYR D 81 16.53 -5.84 -0.95
CA TYR D 81 16.49 -6.13 -2.38
C TYR D 81 17.22 -5.03 -3.14
N CYS D 82 17.84 -5.39 -4.26
CA CYS D 82 18.46 -4.36 -5.08
C CYS D 82 17.39 -3.59 -5.85
N LYS D 83 17.78 -2.44 -6.39
CA LYS D 83 16.81 -1.64 -7.14
C LYS D 83 16.33 -2.35 -8.39
N GLU D 84 17.19 -3.17 -9.02
CA GLU D 84 16.75 -3.89 -10.20
C GLU D 84 15.61 -4.84 -9.88
N CYS D 85 15.68 -5.52 -8.73
CA CYS D 85 14.58 -6.37 -8.30
C CYS D 85 13.34 -5.55 -7.96
N THR D 86 13.53 -4.42 -7.26
CA THR D 86 12.40 -3.56 -6.93
C THR D 86 11.66 -3.11 -8.18
N ILE D 87 12.41 -2.72 -9.22
CA ILE D 87 11.79 -2.29 -10.47
C ILE D 87 11.00 -3.43 -11.09
N GLN D 88 11.56 -4.63 -11.06
CA GLN D 88 10.89 -5.83 -11.57
C GLN D 88 9.94 -6.44 -10.56
N GLU D 89 9.74 -5.81 -9.41
CA GLU D 89 8.83 -6.28 -8.36
C GLU D 89 9.15 -7.71 -7.92
N LYS D 90 10.43 -8.08 -7.99
CA LYS D 90 10.87 -9.34 -7.43
C LYS D 90 10.89 -9.33 -5.90
N ASP D 91 10.62 -8.19 -5.29
CA ASP D 91 10.42 -8.09 -3.84
C ASP D 91 9.02 -8.48 -3.42
N ARG D 92 8.21 -9.03 -4.32
CA ARG D 92 6.82 -9.38 -4.02
C ARG D 92 6.55 -10.87 -4.21
N ASP D 93 7.59 -11.71 -4.19
CA ASP D 93 7.44 -13.13 -4.47
C ASP D 93 7.33 -14.00 -3.23
N GLY D 94 7.67 -13.46 -2.06
CA GLY D 94 7.54 -14.19 -0.82
C GLY D 94 8.83 -14.15 -0.04
N CYS D 95 8.87 -14.96 1.02
CA CYS D 95 10.02 -15.01 1.91
C CYS D 95 11.27 -15.45 1.14
N PRO D 96 12.31 -14.62 1.05
CA PRO D 96 13.47 -14.98 0.24
C PRO D 96 14.55 -15.73 1.00
N LYS D 97 14.21 -16.28 2.16
CA LYS D 97 15.18 -17.06 2.92
C LYS D 97 15.59 -18.30 2.15
N ILE D 98 16.88 -18.50 1.97
CA ILE D 98 17.39 -19.67 1.28
C ILE D 98 17.39 -20.85 2.25
N VAL D 99 16.76 -21.95 1.85
CA VAL D 99 16.70 -23.16 2.65
C VAL D 99 17.39 -24.28 1.89
N ASN D 100 18.12 -25.11 2.62
CA ASN D 100 18.82 -26.27 2.09
C ASN D 100 17.96 -27.51 2.35
N LEU D 101 17.62 -28.22 1.28
CA LEU D 101 16.74 -29.38 1.39
C LEU D 101 17.50 -30.67 1.62
N GLY D 102 18.79 -30.60 1.91
CA GLY D 102 19.57 -31.79 2.22
C GLY D 102 20.23 -31.68 3.58
N SER D 103 19.64 -30.89 4.47
CA SER D 103 20.20 -30.66 5.80
C SER D 103 19.08 -30.65 6.82
N SER D 104 19.25 -31.44 7.89
CA SER D 104 18.32 -31.39 9.01
C SER D 104 18.52 -30.10 9.78
N LYS D 105 17.62 -29.84 10.72
CA LYS D 105 17.68 -28.61 11.52
C LYS D 105 18.71 -28.69 12.64
N THR D 106 19.51 -29.75 12.70
CA THR D 106 20.58 -29.86 13.69
C THR D 106 21.97 -29.80 13.08
N ASP D 107 22.09 -29.88 11.76
CA ASP D 107 23.39 -29.88 11.10
C ASP D 107 24.04 -28.50 11.18
#